data_9N2L
# 
_entry.id   9N2L 
# 
_audit_conform.dict_name       mmcif_pdbx.dic 
_audit_conform.dict_version    5.402 
_audit_conform.dict_location   http://mmcif.pdb.org/dictionaries/ascii/mmcif_pdbx.dic 
# 
loop_
_database_2.database_id 
_database_2.database_code 
_database_2.pdbx_database_accession 
_database_2.pdbx_DOI 
PDB   9N2L         pdb_00009n2l 10.2210/pdb9n2l/pdb 
WWPDB D_1000292268 ?            ?                   
EMDB  EMD-48839    ?            ?                   
# 
loop_
_pdbx_audit_revision_history.ordinal 
_pdbx_audit_revision_history.data_content_type 
_pdbx_audit_revision_history.major_revision 
_pdbx_audit_revision_history.minor_revision 
_pdbx_audit_revision_history.revision_date 
_pdbx_audit_revision_history.part_number 
1 'Structure model' 1 0 2025-03-05 ? 
2 'EM metadata'     1 0 2025-03-05 ? 
3 FSC               1 0 2025-03-05 ? 
4 'Half map'        1 0 2025-03-05 1 
5 'Half map'        1 0 2025-03-05 2 
6 Image             1 0 2025-03-05 ? 
7 'Primary map'     1 0 2025-03-05 ? 
8 'Structure model' 1 1 2025-03-19 ? 
# 
loop_
_pdbx_audit_revision_details.ordinal 
_pdbx_audit_revision_details.revision_ordinal 
_pdbx_audit_revision_details.data_content_type 
_pdbx_audit_revision_details.provider 
_pdbx_audit_revision_details.type 
_pdbx_audit_revision_details.description 
_pdbx_audit_revision_details.details 
1 1 'Structure model' repository 'Initial release' ? ? 
2 2 'EM metadata'     repository 'Initial release' ? ? 
3 3 FSC               repository 'Initial release' ? ? 
4 4 'Half map'        repository 'Initial release' ? ? 
5 5 'Half map'        repository 'Initial release' ? ? 
6 6 Image             repository 'Initial release' ? ? 
7 7 'Primary map'     repository 'Initial release' ? ? 
# 
loop_
_pdbx_audit_revision_group.ordinal 
_pdbx_audit_revision_group.revision_ordinal 
_pdbx_audit_revision_group.data_content_type 
_pdbx_audit_revision_group.group 
1 8 'Structure model' 'Data collection'     
2 8 'Structure model' 'Database references' 
# 
loop_
_pdbx_audit_revision_category.ordinal 
_pdbx_audit_revision_category.revision_ordinal 
_pdbx_audit_revision_category.data_content_type 
_pdbx_audit_revision_category.category 
1 8 'Structure model' citation 
2 8 'Structure model' em_admin 
# 
loop_
_pdbx_audit_revision_item.ordinal 
_pdbx_audit_revision_item.revision_ordinal 
_pdbx_audit_revision_item.data_content_type 
_pdbx_audit_revision_item.item 
1 8 'Structure model' '_citation.page_last'               
2 8 'Structure model' '_citation.pdbx_database_id_PubMed' 
3 8 'Structure model' '_citation.title'                   
4 8 'Structure model' '_em_admin.last_update'             
# 
_pdbx_database_status.status_code                     REL 
_pdbx_database_status.status_code_sf                  ? 
_pdbx_database_status.status_code_mr                  ? 
_pdbx_database_status.entry_id                        9N2L 
_pdbx_database_status.recvd_initial_deposition_date   2025-01-29 
_pdbx_database_status.SG_entry                        N 
_pdbx_database_status.deposit_site                    RCSB 
_pdbx_database_status.process_site                    RCSB 
_pdbx_database_status.status_code_cs                  ? 
_pdbx_database_status.status_code_nmr_data            ? 
_pdbx_database_status.methods_development_category    ? 
_pdbx_database_status.pdb_format_compatible           Y 
# 
_pdbx_database_related.db_name        EMDB 
_pdbx_database_related.details        
'Cryo-EM structure of locally refined up conformation of SARS-CoV-2 spike protein Receptor Binding Domain' 
_pdbx_database_related.db_id          EMD-48839 
_pdbx_database_related.content_type   'associated EM volume' 
# 
_pdbx_contact_author.id                 2 
_pdbx_contact_author.email              sshasan@som.umaryland.edu 
_pdbx_contact_author.name_first         S.Saif 
_pdbx_contact_author.name_last          Hasan 
_pdbx_contact_author.name_mi            ? 
_pdbx_contact_author.role               'principal investigator/group leader' 
_pdbx_contact_author.identifier_ORCID   0000-0002-4306-9345 
# 
loop_
_audit_author.name 
_audit_author.pdbx_ordinal 
_audit_author.identifier_ORCID 
'Singh, S.'   1 ? 
'Hasan, S.S.' 2 ? 
# 
_citation.abstract                  ? 
_citation.abstract_id_CAS           ? 
_citation.book_id_ISBN              ? 
_citation.book_publisher            ? 
_citation.book_publisher_city       ? 
_citation.book_title                ? 
_citation.coordinate_linkage        ? 
_citation.country                   NE 
_citation.database_id_Medline       ? 
_citation.details                   ? 
_citation.id                        primary 
_citation.journal_abbrev            'J Struct Biol X' 
_citation.journal_id_ASTM           ? 
_citation.journal_id_CSD            ? 
_citation.journal_id_ISSN           2590-1524 
_citation.journal_full              ? 
_citation.journal_issue             ? 
_citation.journal_volume            11 
_citation.language                  ? 
_citation.page_first                100123 
_citation.page_last                 100123 
_citation.title                     
'Production and cryo-electron microscopy structure of an internally tagged SARS-CoV-2 spike ecto-domain construct.' 
_citation.year                      2025 
_citation.database_id_CSD           ? 
_citation.pdbx_database_id_DOI      10.1016/j.yjsbx.2025.100123 
_citation.pdbx_database_id_PubMed   40046771 
_citation.pdbx_database_id_patent   ? 
_citation.unpublished_flag          ? 
# 
loop_
_citation_author.citation_id 
_citation_author.name 
_citation_author.ordinal 
_citation_author.identifier_ORCID 
primary 'Singh, S.'     1 ? 
primary 'Liu, Y.'       2 ? 
primary 'Burke, M.'     3 ? 
primary 'Rayaprolu, V.' 4 ? 
primary 'Stein, S.E.'   5 ? 
primary 'Hasan, S.S.'   6 ? 
# 
_entity.id                         1 
_entity.type                       polymer 
_entity.src_method                 man 
_entity.pdbx_description           'Spike protein S1' 
_entity.formula_weight             25122.336 
_entity.pdbx_number_of_molecules   1 
_entity.pdbx_ec                    ? 
_entity.pdbx_mutation              ? 
_entity.pdbx_fragment              ? 
_entity.details                    ? 
# 
_entity_poly.entity_id                      1 
_entity_poly.type                           'polypeptide(L)' 
_entity_poly.nstd_linkage                   no 
_entity_poly.nstd_monomer                   no 
_entity_poly.pdbx_seq_one_letter_code       
;RVQPTESIVRFPNITNLCPFGEVFNATRFASVYAWNRKRISNCVADYSVLYNSASFSTFKCYGVSPTKLNDLCFTNVYAD
SFVIRGDEVRQIAPGQTGKIADYNYKLPDDFTGCVIAWNSNNLDSKVGGNYNYLYRLFRKSNLKPFERDISTEIYQAGST
PCNGVEGFNCYFPLQSYGFQPTNGVGYQPYRVVVLSFELLHAPATVCGPKKSTNLVKNKCVNF
;
_entity_poly.pdbx_seq_one_letter_code_can   
;RVQPTESIVRFPNITNLCPFGEVFNATRFASVYAWNRKRISNCVADYSVLYNSASFSTFKCYGVSPTKLNDLCFTNVYAD
SFVIRGDEVRQIAPGQTGKIADYNYKLPDDFTGCVIAWNSNNLDSKVGGNYNYLYRLFRKSNLKPFERDISTEIYQAGST
PCNGVEGFNCYFPLQSYGFQPTNGVGYQPYRVVVLSFELLHAPATVCGPKKSTNLVKNKCVNF
;
_entity_poly.pdbx_strand_id                 F 
_entity_poly.pdbx_target_identifier         ? 
# 
loop_
_entity_poly_seq.entity_id 
_entity_poly_seq.num 
_entity_poly_seq.mon_id 
_entity_poly_seq.hetero 
1 1   ARG n 
1 2   VAL n 
1 3   GLN n 
1 4   PRO n 
1 5   THR n 
1 6   GLU n 
1 7   SER n 
1 8   ILE n 
1 9   VAL n 
1 10  ARG n 
1 11  PHE n 
1 12  PRO n 
1 13  ASN n 
1 14  ILE n 
1 15  THR n 
1 16  ASN n 
1 17  LEU n 
1 18  CYS n 
1 19  PRO n 
1 20  PHE n 
1 21  GLY n 
1 22  GLU n 
1 23  VAL n 
1 24  PHE n 
1 25  ASN n 
1 26  ALA n 
1 27  THR n 
1 28  ARG n 
1 29  PHE n 
1 30  ALA n 
1 31  SER n 
1 32  VAL n 
1 33  TYR n 
1 34  ALA n 
1 35  TRP n 
1 36  ASN n 
1 37  ARG n 
1 38  LYS n 
1 39  ARG n 
1 40  ILE n 
1 41  SER n 
1 42  ASN n 
1 43  CYS n 
1 44  VAL n 
1 45  ALA n 
1 46  ASP n 
1 47  TYR n 
1 48  SER n 
1 49  VAL n 
1 50  LEU n 
1 51  TYR n 
1 52  ASN n 
1 53  SER n 
1 54  ALA n 
1 55  SER n 
1 56  PHE n 
1 57  SER n 
1 58  THR n 
1 59  PHE n 
1 60  LYS n 
1 61  CYS n 
1 62  TYR n 
1 63  GLY n 
1 64  VAL n 
1 65  SER n 
1 66  PRO n 
1 67  THR n 
1 68  LYS n 
1 69  LEU n 
1 70  ASN n 
1 71  ASP n 
1 72  LEU n 
1 73  CYS n 
1 74  PHE n 
1 75  THR n 
1 76  ASN n 
1 77  VAL n 
1 78  TYR n 
1 79  ALA n 
1 80  ASP n 
1 81  SER n 
1 82  PHE n 
1 83  VAL n 
1 84  ILE n 
1 85  ARG n 
1 86  GLY n 
1 87  ASP n 
1 88  GLU n 
1 89  VAL n 
1 90  ARG n 
1 91  GLN n 
1 92  ILE n 
1 93  ALA n 
1 94  PRO n 
1 95  GLY n 
1 96  GLN n 
1 97  THR n 
1 98  GLY n 
1 99  LYS n 
1 100 ILE n 
1 101 ALA n 
1 102 ASP n 
1 103 TYR n 
1 104 ASN n 
1 105 TYR n 
1 106 LYS n 
1 107 LEU n 
1 108 PRO n 
1 109 ASP n 
1 110 ASP n 
1 111 PHE n 
1 112 THR n 
1 113 GLY n 
1 114 CYS n 
1 115 VAL n 
1 116 ILE n 
1 117 ALA n 
1 118 TRP n 
1 119 ASN n 
1 120 SER n 
1 121 ASN n 
1 122 ASN n 
1 123 LEU n 
1 124 ASP n 
1 125 SER n 
1 126 LYS n 
1 127 VAL n 
1 128 GLY n 
1 129 GLY n 
1 130 ASN n 
1 131 TYR n 
1 132 ASN n 
1 133 TYR n 
1 134 LEU n 
1 135 TYR n 
1 136 ARG n 
1 137 LEU n 
1 138 PHE n 
1 139 ARG n 
1 140 LYS n 
1 141 SER n 
1 142 ASN n 
1 143 LEU n 
1 144 LYS n 
1 145 PRO n 
1 146 PHE n 
1 147 GLU n 
1 148 ARG n 
1 149 ASP n 
1 150 ILE n 
1 151 SER n 
1 152 THR n 
1 153 GLU n 
1 154 ILE n 
1 155 TYR n 
1 156 GLN n 
1 157 ALA n 
1 158 GLY n 
1 159 SER n 
1 160 THR n 
1 161 PRO n 
1 162 CYS n 
1 163 ASN n 
1 164 GLY n 
1 165 VAL n 
1 166 GLU n 
1 167 GLY n 
1 168 PHE n 
1 169 ASN n 
1 170 CYS n 
1 171 TYR n 
1 172 PHE n 
1 173 PRO n 
1 174 LEU n 
1 175 GLN n 
1 176 SER n 
1 177 TYR n 
1 178 GLY n 
1 179 PHE n 
1 180 GLN n 
1 181 PRO n 
1 182 THR n 
1 183 ASN n 
1 184 GLY n 
1 185 VAL n 
1 186 GLY n 
1 187 TYR n 
1 188 GLN n 
1 189 PRO n 
1 190 TYR n 
1 191 ARG n 
1 192 VAL n 
1 193 VAL n 
1 194 VAL n 
1 195 LEU n 
1 196 SER n 
1 197 PHE n 
1 198 GLU n 
1 199 LEU n 
1 200 LEU n 
1 201 HIS n 
1 202 ALA n 
1 203 PRO n 
1 204 ALA n 
1 205 THR n 
1 206 VAL n 
1 207 CYS n 
1 208 GLY n 
1 209 PRO n 
1 210 LYS n 
1 211 LYS n 
1 212 SER n 
1 213 THR n 
1 214 ASN n 
1 215 LEU n 
1 216 VAL n 
1 217 LYS n 
1 218 ASN n 
1 219 LYS n 
1 220 CYS n 
1 221 VAL n 
1 222 ASN n 
1 223 PHE n 
# 
_entity_src_gen.entity_id                          1 
_entity_src_gen.pdbx_src_id                        1 
_entity_src_gen.pdbx_alt_source_flag               sample 
_entity_src_gen.pdbx_seq_type                      'Biological sequence' 
_entity_src_gen.pdbx_beg_seq_num                   1 
_entity_src_gen.pdbx_end_seq_num                   223 
_entity_src_gen.gene_src_common_name               ? 
_entity_src_gen.gene_src_genus                     ? 
_entity_src_gen.pdbx_gene_src_gene                 'S, 2' 
_entity_src_gen.gene_src_species                   ? 
_entity_src_gen.gene_src_strain                    ? 
_entity_src_gen.gene_src_tissue                    ? 
_entity_src_gen.gene_src_tissue_fraction           ? 
_entity_src_gen.gene_src_details                   ? 
_entity_src_gen.pdbx_gene_src_fragment             ? 
_entity_src_gen.pdbx_gene_src_scientific_name      'Severe acute respiratory syndrome coronavirus' 
_entity_src_gen.pdbx_gene_src_ncbi_taxonomy_id     2901879 
_entity_src_gen.pdbx_gene_src_variant              ? 
_entity_src_gen.pdbx_gene_src_cell_line            ? 
_entity_src_gen.pdbx_gene_src_atcc                 ? 
_entity_src_gen.pdbx_gene_src_organ                ? 
_entity_src_gen.pdbx_gene_src_organelle            ? 
_entity_src_gen.pdbx_gene_src_cell                 ? 
_entity_src_gen.pdbx_gene_src_cellular_location    ? 
_entity_src_gen.host_org_common_name               ? 
_entity_src_gen.pdbx_host_org_scientific_name      'Homo sapiens' 
_entity_src_gen.pdbx_host_org_ncbi_taxonomy_id     9606 
_entity_src_gen.host_org_genus                     ? 
_entity_src_gen.pdbx_host_org_gene                 ? 
_entity_src_gen.pdbx_host_org_organ                ? 
_entity_src_gen.host_org_species                   ? 
_entity_src_gen.pdbx_host_org_tissue               ? 
_entity_src_gen.pdbx_host_org_tissue_fraction      ? 
_entity_src_gen.pdbx_host_org_strain               ? 
_entity_src_gen.pdbx_host_org_variant              ? 
_entity_src_gen.pdbx_host_org_cell_line            ? 
_entity_src_gen.pdbx_host_org_atcc                 ? 
_entity_src_gen.pdbx_host_org_culture_collection   ? 
_entity_src_gen.pdbx_host_org_cell                 ? 
_entity_src_gen.pdbx_host_org_organelle            ? 
_entity_src_gen.pdbx_host_org_cellular_location    ? 
_entity_src_gen.pdbx_host_org_vector_type          ? 
_entity_src_gen.pdbx_host_org_vector               ? 
_entity_src_gen.host_org_details                   ? 
_entity_src_gen.expression_system_id               ? 
_entity_src_gen.plasmid_name                       ? 
_entity_src_gen.plasmid_details                    ? 
_entity_src_gen.pdbx_description                   ? 
# 
loop_
_chem_comp.id 
_chem_comp.type 
_chem_comp.mon_nstd_flag 
_chem_comp.name 
_chem_comp.pdbx_synonyms 
_chem_comp.formula 
_chem_comp.formula_weight 
ALA 'L-peptide linking' y ALANINE         ? 'C3 H7 N O2'     89.093  
ARG 'L-peptide linking' y ARGININE        ? 'C6 H15 N4 O2 1' 175.209 
ASN 'L-peptide linking' y ASPARAGINE      ? 'C4 H8 N2 O3'    132.118 
ASP 'L-peptide linking' y 'ASPARTIC ACID' ? 'C4 H7 N O4'     133.103 
CYS 'L-peptide linking' y CYSTEINE        ? 'C3 H7 N O2 S'   121.158 
GLN 'L-peptide linking' y GLUTAMINE       ? 'C5 H10 N2 O3'   146.144 
GLU 'L-peptide linking' y 'GLUTAMIC ACID' ? 'C5 H9 N O4'     147.129 
GLY 'peptide linking'   y GLYCINE         ? 'C2 H5 N O2'     75.067  
HIS 'L-peptide linking' y HISTIDINE       ? 'C6 H10 N3 O2 1' 156.162 
ILE 'L-peptide linking' y ISOLEUCINE      ? 'C6 H13 N O2'    131.173 
LEU 'L-peptide linking' y LEUCINE         ? 'C6 H13 N O2'    131.173 
LYS 'L-peptide linking' y LYSINE          ? 'C6 H15 N2 O2 1' 147.195 
PHE 'L-peptide linking' y PHENYLALANINE   ? 'C9 H11 N O2'    165.189 
PRO 'L-peptide linking' y PROLINE         ? 'C5 H9 N O2'     115.130 
SER 'L-peptide linking' y SERINE          ? 'C3 H7 N O3'     105.093 
THR 'L-peptide linking' y THREONINE       ? 'C4 H9 N O3'     119.119 
TRP 'L-peptide linking' y TRYPTOPHAN      ? 'C11 H12 N2 O2'  204.225 
TYR 'L-peptide linking' y TYROSINE        ? 'C9 H11 N O3'    181.189 
VAL 'L-peptide linking' y VALINE          ? 'C5 H11 N O2'    117.146 
# 
loop_
_pdbx_poly_seq_scheme.asym_id 
_pdbx_poly_seq_scheme.entity_id 
_pdbx_poly_seq_scheme.seq_id 
_pdbx_poly_seq_scheme.mon_id 
_pdbx_poly_seq_scheme.ndb_seq_num 
_pdbx_poly_seq_scheme.pdb_seq_num 
_pdbx_poly_seq_scheme.auth_seq_num 
_pdbx_poly_seq_scheme.pdb_mon_id 
_pdbx_poly_seq_scheme.auth_mon_id 
_pdbx_poly_seq_scheme.pdb_strand_id 
_pdbx_poly_seq_scheme.pdb_ins_code 
_pdbx_poly_seq_scheme.hetero 
A 1 1   ARG 1   319 ?   ?   ?   F . n 
A 1 2   VAL 2   320 ?   ?   ?   F . n 
A 1 3   GLN 3   321 ?   ?   ?   F . n 
A 1 4   PRO 4   322 ?   ?   ?   F . n 
A 1 5   THR 5   323 ?   ?   ?   F . n 
A 1 6   GLU 6   324 ?   ?   ?   F . n 
A 1 7   SER 7   325 ?   ?   ?   F . n 
A 1 8   ILE 8   326 ?   ?   ?   F . n 
A 1 9   VAL 9   327 ?   ?   ?   F . n 
A 1 10  ARG 10  328 ?   ?   ?   F . n 
A 1 11  PHE 11  329 ?   ?   ?   F . n 
A 1 12  PRO 12  330 ?   ?   ?   F . n 
A 1 13  ASN 13  331 ?   ?   ?   F . n 
A 1 14  ILE 14  332 ?   ?   ?   F . n 
A 1 15  THR 15  333 333 THR THR F . n 
A 1 16  ASN 16  334 334 ASN ASN F . n 
A 1 17  LEU 17  335 335 LEU LEU F . n 
A 1 18  CYS 18  336 336 CYS CYS F . n 
A 1 19  PRO 19  337 337 PRO PRO F . n 
A 1 20  PHE 20  338 338 PHE PHE F . n 
A 1 21  GLY 21  339 339 GLY GLY F . n 
A 1 22  GLU 22  340 340 GLU GLU F . n 
A 1 23  VAL 23  341 341 VAL VAL F . n 
A 1 24  PHE 24  342 342 PHE PHE F . n 
A 1 25  ASN 25  343 343 ASN ASN F . n 
A 1 26  ALA 26  344 344 ALA ALA F . n 
A 1 27  THR 27  345 345 THR THR F . n 
A 1 28  ARG 28  346 346 ARG ARG F . n 
A 1 29  PHE 29  347 347 PHE PHE F . n 
A 1 30  ALA 30  348 348 ALA ALA F . n 
A 1 31  SER 31  349 349 SER SER F . n 
A 1 32  VAL 32  350 350 VAL VAL F . n 
A 1 33  TYR 33  351 351 TYR TYR F . n 
A 1 34  ALA 34  352 352 ALA ALA F . n 
A 1 35  TRP 35  353 353 TRP TRP F . n 
A 1 36  ASN 36  354 354 ASN ASN F . n 
A 1 37  ARG 37  355 355 ARG ARG F . n 
A 1 38  LYS 38  356 356 LYS LYS F . n 
A 1 39  ARG 39  357 357 ARG ARG F . n 
A 1 40  ILE 40  358 358 ILE ILE F . n 
A 1 41  SER 41  359 359 SER SER F . n 
A 1 42  ASN 42  360 360 ASN ASN F . n 
A 1 43  CYS 43  361 361 CYS CYS F . n 
A 1 44  VAL 44  362 362 VAL VAL F . n 
A 1 45  ALA 45  363 363 ALA ALA F . n 
A 1 46  ASP 46  364 364 ASP ASP F . n 
A 1 47  TYR 47  365 365 TYR TYR F . n 
A 1 48  SER 48  366 366 SER SER F . n 
A 1 49  VAL 49  367 367 VAL VAL F . n 
A 1 50  LEU 50  368 368 LEU LEU F . n 
A 1 51  TYR 51  369 369 TYR TYR F . n 
A 1 52  ASN 52  370 370 ASN ASN F . n 
A 1 53  SER 53  371 371 SER SER F . n 
A 1 54  ALA 54  372 372 ALA ALA F . n 
A 1 55  SER 55  373 373 SER SER F . n 
A 1 56  PHE 56  374 374 PHE PHE F . n 
A 1 57  SER 57  375 375 SER SER F . n 
A 1 58  THR 58  376 376 THR THR F . n 
A 1 59  PHE 59  377 377 PHE PHE F . n 
A 1 60  LYS 60  378 378 LYS LYS F . n 
A 1 61  CYS 61  379 379 CYS CYS F . n 
A 1 62  TYR 62  380 380 TYR TYR F . n 
A 1 63  GLY 63  381 381 GLY GLY F . n 
A 1 64  VAL 64  382 382 VAL VAL F . n 
A 1 65  SER 65  383 383 SER SER F . n 
A 1 66  PRO 66  384 384 PRO PRO F . n 
A 1 67  THR 67  385 385 THR THR F . n 
A 1 68  LYS 68  386 386 LYS LYS F . n 
A 1 69  LEU 69  387 387 LEU LEU F . n 
A 1 70  ASN 70  388 388 ASN ASN F . n 
A 1 71  ASP 71  389 389 ASP ASP F . n 
A 1 72  LEU 72  390 390 LEU LEU F . n 
A 1 73  CYS 73  391 391 CYS CYS F . n 
A 1 74  PHE 74  392 392 PHE PHE F . n 
A 1 75  THR 75  393 393 THR THR F . n 
A 1 76  ASN 76  394 394 ASN ASN F . n 
A 1 77  VAL 77  395 395 VAL VAL F . n 
A 1 78  TYR 78  396 396 TYR TYR F . n 
A 1 79  ALA 79  397 397 ALA ALA F . n 
A 1 80  ASP 80  398 398 ASP ASP F . n 
A 1 81  SER 81  399 399 SER SER F . n 
A 1 82  PHE 82  400 400 PHE PHE F . n 
A 1 83  VAL 83  401 401 VAL VAL F . n 
A 1 84  ILE 84  402 402 ILE ILE F . n 
A 1 85  ARG 85  403 403 ARG ARG F . n 
A 1 86  GLY 86  404 404 GLY GLY F . n 
A 1 87  ASP 87  405 405 ASP ASP F . n 
A 1 88  GLU 88  406 406 GLU GLU F . n 
A 1 89  VAL 89  407 407 VAL VAL F . n 
A 1 90  ARG 90  408 408 ARG ARG F . n 
A 1 91  GLN 91  409 409 GLN GLN F . n 
A 1 92  ILE 92  410 410 ILE ILE F . n 
A 1 93  ALA 93  411 411 ALA ALA F . n 
A 1 94  PRO 94  412 412 PRO PRO F . n 
A 1 95  GLY 95  413 413 GLY GLY F . n 
A 1 96  GLN 96  414 414 GLN GLN F . n 
A 1 97  THR 97  415 415 THR THR F . n 
A 1 98  GLY 98  416 416 GLY GLY F . n 
A 1 99  LYS 99  417 417 LYS LYS F . n 
A 1 100 ILE 100 418 418 ILE ILE F . n 
A 1 101 ALA 101 419 419 ALA ALA F . n 
A 1 102 ASP 102 420 420 ASP ASP F . n 
A 1 103 TYR 103 421 421 TYR TYR F . n 
A 1 104 ASN 104 422 422 ASN ASN F . n 
A 1 105 TYR 105 423 423 TYR TYR F . n 
A 1 106 LYS 106 424 424 LYS LYS F . n 
A 1 107 LEU 107 425 425 LEU LEU F . n 
A 1 108 PRO 108 426 426 PRO PRO F . n 
A 1 109 ASP 109 427 427 ASP ASP F . n 
A 1 110 ASP 110 428 428 ASP ASP F . n 
A 1 111 PHE 111 429 429 PHE PHE F . n 
A 1 112 THR 112 430 430 THR THR F . n 
A 1 113 GLY 113 431 431 GLY GLY F . n 
A 1 114 CYS 114 432 432 CYS CYS F . n 
A 1 115 VAL 115 433 433 VAL VAL F . n 
A 1 116 ILE 116 434 434 ILE ILE F . n 
A 1 117 ALA 117 435 435 ALA ALA F . n 
A 1 118 TRP 118 436 436 TRP TRP F . n 
A 1 119 ASN 119 437 437 ASN ASN F . n 
A 1 120 SER 120 438 438 SER SER F . n 
A 1 121 ASN 121 439 439 ASN ASN F . n 
A 1 122 ASN 122 440 440 ASN ASN F . n 
A 1 123 LEU 123 441 441 LEU LEU F . n 
A 1 124 ASP 124 442 442 ASP ASP F . n 
A 1 125 SER 125 443 443 SER SER F . n 
A 1 126 LYS 126 444 444 LYS LYS F . n 
A 1 127 VAL 127 445 445 VAL VAL F . n 
A 1 128 GLY 128 446 446 GLY GLY F . n 
A 1 129 GLY 129 447 447 GLY GLY F . n 
A 1 130 ASN 130 448 448 ASN ASN F . n 
A 1 131 TYR 131 449 449 TYR TYR F . n 
A 1 132 ASN 132 450 450 ASN ASN F . n 
A 1 133 TYR 133 451 451 TYR TYR F . n 
A 1 134 LEU 134 452 452 LEU LEU F . n 
A 1 135 TYR 135 453 453 TYR TYR F . n 
A 1 136 ARG 136 454 454 ARG ARG F . n 
A 1 137 LEU 137 455 455 LEU LEU F . n 
A 1 138 PHE 138 456 456 PHE PHE F . n 
A 1 139 ARG 139 457 ?   ?   ?   F . n 
A 1 140 LYS 140 458 ?   ?   ?   F . n 
A 1 141 SER 141 459 ?   ?   ?   F . n 
A 1 142 ASN 142 460 ?   ?   ?   F . n 
A 1 143 LEU 143 461 461 LEU LEU F . n 
A 1 144 LYS 144 462 462 LYS LYS F . n 
A 1 145 PRO 145 463 463 PRO PRO F . n 
A 1 146 PHE 146 464 464 PHE PHE F . n 
A 1 147 GLU 147 465 465 GLU GLU F . n 
A 1 148 ARG 148 466 466 ARG ARG F . n 
A 1 149 ASP 149 467 467 ASP ASP F . n 
A 1 150 ILE 150 468 468 ILE ILE F . n 
A 1 151 SER 151 469 469 SER SER F . n 
A 1 152 THR 152 470 ?   ?   ?   F . n 
A 1 153 GLU 153 471 ?   ?   ?   F . n 
A 1 154 ILE 154 472 ?   ?   ?   F . n 
A 1 155 TYR 155 473 ?   ?   ?   F . n 
A 1 156 GLN 156 474 ?   ?   ?   F . n 
A 1 157 ALA 157 475 ?   ?   ?   F . n 
A 1 158 GLY 158 476 ?   ?   ?   F . n 
A 1 159 SER 159 477 ?   ?   ?   F . n 
A 1 160 THR 160 478 ?   ?   ?   F . n 
A 1 161 PRO 161 479 ?   ?   ?   F . n 
A 1 162 CYS 162 480 ?   ?   ?   F . n 
A 1 163 ASN 163 481 ?   ?   ?   F . n 
A 1 164 GLY 164 482 ?   ?   ?   F . n 
A 1 165 VAL 165 483 ?   ?   ?   F . n 
A 1 166 GLU 166 484 ?   ?   ?   F . n 
A 1 167 GLY 167 485 ?   ?   ?   F . n 
A 1 168 PHE 168 486 ?   ?   ?   F . n 
A 1 169 ASN 169 487 ?   ?   ?   F . n 
A 1 170 CYS 170 488 488 CYS CYS F . n 
A 1 171 TYR 171 489 489 TYR TYR F . n 
A 1 172 PHE 172 490 490 PHE PHE F . n 
A 1 173 PRO 173 491 491 PRO PRO F . n 
A 1 174 LEU 174 492 492 LEU LEU F . n 
A 1 175 GLN 175 493 493 GLN GLN F . n 
A 1 176 SER 176 494 494 SER SER F . n 
A 1 177 TYR 177 495 495 TYR TYR F . n 
A 1 178 GLY 178 496 496 GLY GLY F . n 
A 1 179 PHE 179 497 497 PHE PHE F . n 
A 1 180 GLN 180 498 498 GLN GLN F . n 
A 1 181 PRO 181 499 499 PRO PRO F . n 
A 1 182 THR 182 500 500 THR THR F . n 
A 1 183 ASN 183 501 501 ASN ASN F . n 
A 1 184 GLY 184 502 502 GLY GLY F . n 
A 1 185 VAL 185 503 503 VAL VAL F . n 
A 1 186 GLY 186 504 504 GLY GLY F . n 
A 1 187 TYR 187 505 505 TYR TYR F . n 
A 1 188 GLN 188 506 506 GLN GLN F . n 
A 1 189 PRO 189 507 507 PRO PRO F . n 
A 1 190 TYR 190 508 508 TYR TYR F . n 
A 1 191 ARG 191 509 509 ARG ARG F . n 
A 1 192 VAL 192 510 510 VAL VAL F . n 
A 1 193 VAL 193 511 511 VAL VAL F . n 
A 1 194 VAL 194 512 512 VAL VAL F . n 
A 1 195 LEU 195 513 513 LEU LEU F . n 
A 1 196 SER 196 514 514 SER SER F . n 
A 1 197 PHE 197 515 515 PHE PHE F . n 
A 1 198 GLU 198 516 516 GLU GLU F . n 
A 1 199 LEU 199 517 517 LEU LEU F . n 
A 1 200 LEU 200 518 518 LEU LEU F . n 
A 1 201 HIS 201 519 519 HIS HIS F . n 
A 1 202 ALA 202 520 520 ALA ALA F . n 
A 1 203 PRO 203 521 521 PRO PRO F . n 
A 1 204 ALA 204 522 522 ALA ALA F . n 
A 1 205 THR 205 523 523 THR THR F . n 
A 1 206 VAL 206 524 524 VAL VAL F . n 
A 1 207 CYS 207 525 525 CYS CYS F . n 
A 1 208 GLY 208 526 526 GLY GLY F . n 
A 1 209 PRO 209 527 ?   ?   ?   F . n 
A 1 210 LYS 210 528 ?   ?   ?   F . n 
A 1 211 LYS 211 529 ?   ?   ?   F . n 
A 1 212 SER 212 530 ?   ?   ?   F . n 
A 1 213 THR 213 531 ?   ?   ?   F . n 
A 1 214 ASN 214 532 ?   ?   ?   F . n 
A 1 215 LEU 215 533 ?   ?   ?   F . n 
A 1 216 VAL 216 534 ?   ?   ?   F . n 
A 1 217 LYS 217 535 ?   ?   ?   F . n 
A 1 218 ASN 218 536 ?   ?   ?   F . n 
A 1 219 LYS 219 537 ?   ?   ?   F . n 
A 1 220 CYS 220 538 ?   ?   ?   F . n 
A 1 221 VAL 221 539 ?   ?   ?   F . n 
A 1 222 ASN 222 540 ?   ?   ?   F . n 
A 1 223 PHE 223 541 ?   ?   ?   F . n 
# 
_cell.angle_alpha                  90.00 
_cell.angle_alpha_esd              ? 
_cell.angle_beta                   90.00 
_cell.angle_beta_esd               ? 
_cell.angle_gamma                  90.00 
_cell.angle_gamma_esd              ? 
_cell.entry_id                     9N2L 
_cell.details                      ? 
_cell.formula_units_Z              ? 
_cell.length_a                     1.00 
_cell.length_a_esd                 ? 
_cell.length_b                     1.00 
_cell.length_b_esd                 ? 
_cell.length_c                     1.00 
_cell.length_c_esd                 ? 
_cell.volume                       ? 
_cell.volume_esd                   ? 
_cell.Z_PDB                        ? 
_cell.reciprocal_angle_alpha       ? 
_cell.reciprocal_angle_beta        ? 
_cell.reciprocal_angle_gamma       ? 
_cell.reciprocal_angle_alpha_esd   ? 
_cell.reciprocal_angle_beta_esd    ? 
_cell.reciprocal_angle_gamma_esd   ? 
_cell.reciprocal_length_a          ? 
_cell.reciprocal_length_b          ? 
_cell.reciprocal_length_c          ? 
_cell.reciprocal_length_a_esd      ? 
_cell.reciprocal_length_b_esd      ? 
_cell.reciprocal_length_c_esd      ? 
_cell.pdbx_unique_axis             ? 
_cell.pdbx_esd_method              ? 
# 
_symmetry.entry_id                         9N2L 
_symmetry.cell_setting                     ? 
_symmetry.Int_Tables_number                1 
_symmetry.space_group_name_Hall            ? 
_symmetry.space_group_name_H-M             'P 1' 
_symmetry.pdbx_full_space_group_name_H-M   ? 
# 
_exptl.absorpt_coefficient_mu     ? 
_exptl.absorpt_correction_T_max   ? 
_exptl.absorpt_correction_T_min   ? 
_exptl.absorpt_correction_type    ? 
_exptl.absorpt_process_details    ? 
_exptl.entry_id                   9N2L 
_exptl.crystals_number            ? 
_exptl.details                    ? 
_exptl.method                     'ELECTRON MICROSCOPY' 
_exptl.method_details             ? 
# 
_refine.aniso_B[1][1]                            ? 
_refine.aniso_B[1][2]                            ? 
_refine.aniso_B[1][3]                            ? 
_refine.aniso_B[2][2]                            ? 
_refine.aniso_B[2][3]                            ? 
_refine.aniso_B[3][3]                            ? 
_refine.B_iso_max                                ? 
_refine.B_iso_mean                               266.95 
_refine.B_iso_min                                ? 
_refine.correlation_coeff_Fo_to_Fc               ? 
_refine.correlation_coeff_Fo_to_Fc_free          ? 
_refine.details                                  ? 
_refine.diff_density_max                         ? 
_refine.diff_density_max_esd                     ? 
_refine.diff_density_min                         ? 
_refine.diff_density_min_esd                     ? 
_refine.diff_density_rms                         ? 
_refine.diff_density_rms_esd                     ? 
_refine.entry_id                                 9N2L 
_refine.pdbx_refine_id                           'ELECTRON MICROSCOPY' 
_refine.ls_abs_structure_details                 ? 
_refine.ls_abs_structure_Flack                   ? 
_refine.ls_abs_structure_Flack_esd               ? 
_refine.ls_abs_structure_Rogers                  ? 
_refine.ls_abs_structure_Rogers_esd              ? 
_refine.ls_d_res_high                            . 
_refine.ls_d_res_low                             ? 
_refine.ls_extinction_coef                       ? 
_refine.ls_extinction_coef_esd                   ? 
_refine.ls_extinction_expression                 ? 
_refine.ls_extinction_method                     ? 
_refine.ls_goodness_of_fit_all                   ? 
_refine.ls_goodness_of_fit_all_esd               ? 
_refine.ls_goodness_of_fit_obs                   ? 
_refine.ls_goodness_of_fit_obs_esd               ? 
_refine.ls_hydrogen_treatment                    ? 
_refine.ls_matrix_type                           ? 
_refine.ls_number_constraints                    ? 
_refine.ls_number_parameters                     ? 
_refine.ls_number_reflns_all                     ? 
_refine.ls_number_reflns_obs                     ? 
_refine.ls_number_reflns_R_free                  ? 
_refine.ls_number_reflns_R_work                  ? 
_refine.ls_number_restraints                     ? 
_refine.ls_percent_reflns_obs                    ? 
_refine.ls_percent_reflns_R_free                 ? 
_refine.ls_R_factor_all                          ? 
_refine.ls_R_factor_obs                          ? 
_refine.ls_R_factor_R_free                       ? 
_refine.ls_R_factor_R_free_error                 ? 
_refine.ls_R_factor_R_free_error_details         ? 
_refine.ls_R_factor_R_work                       ? 
_refine.ls_R_Fsqd_factor_obs                     ? 
_refine.ls_R_I_factor_obs                        ? 
_refine.ls_redundancy_reflns_all                 ? 
_refine.ls_redundancy_reflns_obs                 ? 
_refine.ls_restrained_S_all                      ? 
_refine.ls_restrained_S_obs                      ? 
_refine.ls_shift_over_esd_max                    ? 
_refine.ls_shift_over_esd_mean                   ? 
_refine.ls_structure_factor_coef                 ? 
_refine.ls_weighting_details                     ? 
_refine.ls_weighting_scheme                      ? 
_refine.ls_wR_factor_all                         ? 
_refine.ls_wR_factor_obs                         ? 
_refine.ls_wR_factor_R_free                      ? 
_refine.ls_wR_factor_R_work                      ? 
_refine.occupancy_max                            ? 
_refine.occupancy_min                            ? 
_refine.solvent_model_details                    ? 
_refine.solvent_model_param_bsol                 ? 
_refine.solvent_model_param_ksol                 ? 
_refine.pdbx_R_complete                          ? 
_refine.ls_R_factor_gt                           ? 
_refine.ls_goodness_of_fit_gt                    ? 
_refine.ls_goodness_of_fit_ref                   ? 
_refine.ls_shift_over_su_max                     ? 
_refine.ls_shift_over_su_max_lt                  ? 
_refine.ls_shift_over_su_mean                    ? 
_refine.ls_shift_over_su_mean_lt                 ? 
_refine.pdbx_ls_sigma_I                          ? 
_refine.pdbx_ls_sigma_F                          ? 
_refine.pdbx_ls_sigma_Fsqd                       ? 
_refine.pdbx_data_cutoff_high_absF               ? 
_refine.pdbx_data_cutoff_high_rms_absF           ? 
_refine.pdbx_data_cutoff_low_absF                ? 
_refine.pdbx_isotropic_thermal_model             ? 
_refine.pdbx_ls_cross_valid_method               NONE 
_refine.pdbx_method_to_determine_struct          ? 
_refine.pdbx_starting_model                      ? 
_refine.pdbx_stereochemistry_target_values       'GeoStd + Monomer Library + CDL v1.2' 
_refine.pdbx_R_Free_selection_details            ? 
_refine.pdbx_stereochem_target_val_spec_case     ? 
_refine.pdbx_overall_ESU_R                       ? 
_refine.pdbx_overall_ESU_R_Free                  ? 
_refine.pdbx_solvent_vdw_probe_radii             ? 
_refine.pdbx_solvent_ion_probe_radii             ? 
_refine.pdbx_solvent_shrinkage_radii             ? 
_refine.pdbx_real_space_R                        ? 
_refine.pdbx_density_correlation                 ? 
_refine.pdbx_pd_number_of_powder_patterns        ? 
_refine.pdbx_pd_number_of_points                 ? 
_refine.pdbx_pd_meas_number_of_points            ? 
_refine.pdbx_pd_proc_ls_prof_R_factor            ? 
_refine.pdbx_pd_proc_ls_prof_wR_factor           ? 
_refine.pdbx_pd_Marquardt_correlation_coeff      ? 
_refine.pdbx_pd_Fsqrd_R_factor                   ? 
_refine.pdbx_pd_ls_matrix_band_width             ? 
_refine.pdbx_overall_phase_error                 ? 
_refine.pdbx_overall_SU_R_free_Cruickshank_DPI   ? 
_refine.pdbx_overall_SU_R_free_Blow_DPI          ? 
_refine.pdbx_overall_SU_R_Blow_DPI               ? 
_refine.pdbx_TLS_residual_ADP_flag               ? 
_refine.pdbx_diffrn_id                           ? 
_refine.overall_SU_B                             ? 
_refine.overall_SU_ML                            ? 
_refine.overall_SU_R_Cruickshank_DPI             ? 
_refine.overall_SU_R_free                        ? 
_refine.overall_FOM_free_R_set                   ? 
_refine.overall_FOM_work_R_set                   ? 
_refine.pdbx_average_fsc_overall                 ? 
_refine.pdbx_average_fsc_work                    ? 
_refine.pdbx_average_fsc_free                    ? 
# 
loop_
_refine_ls_restr.pdbx_refine_id 
_refine_ls_restr.criterion 
_refine_ls_restr.dev_ideal 
_refine_ls_restr.dev_ideal_target 
_refine_ls_restr.number 
_refine_ls_restr.rejects 
_refine_ls_restr.type 
_refine_ls_restr.weight 
_refine_ls_restr.pdbx_restraint_function 
'ELECTRON MICROSCOPY' ? 0.0077 ? 1416 ? f_bond_d           ? ? 
'ELECTRON MICROSCOPY' ? 1.3575 ? 1927 ? f_angle_d          ? ? 
'ELECTRON MICROSCOPY' ? 0.0735 ? 204  ? f_chiral_restr     ? ? 
'ELECTRON MICROSCOPY' ? 0.0092 ? 250  ? f_plane_restr      ? ? 
'ELECTRON MICROSCOPY' ? 7.3113 ? 193  ? f_dihedral_angle_d ? ? 
# 
_struct.entry_id                     9N2L 
_struct.title                        
'Cryo-EM structure of locally refined up conformation of SARS-CoV-2 spike protein Receptor Binding Domain' 
_struct.pdbx_model_details           ? 
_struct.pdbx_formula_weight          ? 
_struct.pdbx_formula_weight_method   ? 
_struct.pdbx_model_type_details      ? 
_struct.pdbx_CASP_flag               N 
# 
_struct_keywords.entry_id        9N2L 
_struct_keywords.text            'SARS-CoV-2 Spike protein, Receptor Binding Domain, VIRAL PROTEIN' 
_struct_keywords.pdbx_keywords   'VIRAL PROTEIN' 
# 
_struct_asym.id                            A 
_struct_asym.pdbx_blank_PDB_chainid_flag   N 
_struct_asym.pdbx_modified                 N 
_struct_asym.entity_id                     1 
_struct_asym.details                       ? 
# 
_struct_ref.id                         1 
_struct_ref.db_name                    UNP 
_struct_ref.db_code                    SPIKE_SARS2 
_struct_ref.pdbx_db_accession          P0DTC2 
_struct_ref.pdbx_db_isoform            ? 
_struct_ref.entity_id                  1 
_struct_ref.pdbx_seq_one_letter_code   
;RVQPTESIVRFPNITNLCPFGEVFNATRFASVYAWNRKRISNCVADYSVLYNSASFSTFKCYGVSPTKLNDLCFTNVYAD
SFVIRGDEVRQIAPGQTGKIADYNYKLPDDFTGCVIAWNSNNLDSKVGGNYNYLYRLFRKSNLKPFERDISTEIYQAGST
PCNGVEGFNCYFPLQSYGFQPTNGVGYQPYRVVVLSFELLHAPATVCGPKKSTNLVKNKCVNF
;
_struct_ref.pdbx_align_begin           319 
# 
_struct_ref_seq.align_id                      1 
_struct_ref_seq.ref_id                        1 
_struct_ref_seq.pdbx_PDB_id_code              9N2L 
_struct_ref_seq.pdbx_strand_id                F 
_struct_ref_seq.seq_align_beg                 1 
_struct_ref_seq.pdbx_seq_align_beg_ins_code   ? 
_struct_ref_seq.seq_align_end                 223 
_struct_ref_seq.pdbx_seq_align_end_ins_code   ? 
_struct_ref_seq.pdbx_db_accession             P0DTC2 
_struct_ref_seq.db_align_beg                  319 
_struct_ref_seq.pdbx_db_align_beg_ins_code    ? 
_struct_ref_seq.db_align_end                  541 
_struct_ref_seq.pdbx_db_align_end_ins_code    ? 
_struct_ref_seq.pdbx_auth_seq_align_beg       319 
_struct_ref_seq.pdbx_auth_seq_align_end       541 
# 
_pdbx_struct_assembly.id                   1 
_pdbx_struct_assembly.details              author_and_software_defined_assembly 
_pdbx_struct_assembly.method_details       ? 
_pdbx_struct_assembly.oligomeric_details   monomeric 
_pdbx_struct_assembly.oligomeric_count     1 
# 
_pdbx_struct_assembly_gen.assembly_id       1 
_pdbx_struct_assembly_gen.oper_expression   1 
_pdbx_struct_assembly_gen.asym_id_list      A 
# 
_pdbx_struct_assembly_auth_evidence.id                     1 
_pdbx_struct_assembly_auth_evidence.assembly_id            1 
_pdbx_struct_assembly_auth_evidence.experimental_support   'electron microscopy' 
_pdbx_struct_assembly_auth_evidence.details                'not applicable' 
# 
_pdbx_struct_oper_list.id                   1 
_pdbx_struct_oper_list.type                 'identity operation' 
_pdbx_struct_oper_list.name                 1_555 
_pdbx_struct_oper_list.symmetry_operation   x,y,z 
_pdbx_struct_oper_list.matrix[1][1]         1.0 
_pdbx_struct_oper_list.matrix[1][2]         0.0 
_pdbx_struct_oper_list.matrix[1][3]         0.0 
_pdbx_struct_oper_list.vector[1]            0.0 
_pdbx_struct_oper_list.matrix[2][1]         0.0 
_pdbx_struct_oper_list.matrix[2][2]         1.0 
_pdbx_struct_oper_list.matrix[2][3]         0.0 
_pdbx_struct_oper_list.vector[2]            0.0 
_pdbx_struct_oper_list.matrix[3][1]         0.0 
_pdbx_struct_oper_list.matrix[3][2]         0.0 
_pdbx_struct_oper_list.matrix[3][3]         1.0 
_pdbx_struct_oper_list.vector[3]            0.0 
# 
loop_
_struct_conf.conf_type_id 
_struct_conf.id 
_struct_conf.pdbx_PDB_helix_id 
_struct_conf.beg_label_comp_id 
_struct_conf.beg_label_asym_id 
_struct_conf.beg_label_seq_id 
_struct_conf.pdbx_beg_PDB_ins_code 
_struct_conf.end_label_comp_id 
_struct_conf.end_label_asym_id 
_struct_conf.end_label_seq_id 
_struct_conf.pdbx_end_PDB_ins_code 
_struct_conf.beg_auth_comp_id 
_struct_conf.beg_auth_asym_id 
_struct_conf.beg_auth_seq_id 
_struct_conf.end_auth_comp_id 
_struct_conf.end_auth_asym_id 
_struct_conf.end_auth_seq_id 
_struct_conf.pdbx_PDB_helix_class 
_struct_conf.details 
_struct_conf.pdbx_PDB_helix_length 
HELX_P HELX_P1 AA1 PHE A 20  ? ASN A 25  ? PHE F 338 ASN F 343 1 ? 6 
HELX_P HELX_P2 AA2 SER A 31  ? TRP A 35  ? SER F 349 TRP F 353 5 ? 5 
HELX_P HELX_P3 AA3 TYR A 47  ? ASN A 52  ? TYR F 365 ASN F 370 1 ? 6 
HELX_P HELX_P4 AA4 THR A 67  ? LEU A 72  ? THR F 385 LEU F 390 5 ? 6 
HELX_P HELX_P5 AA5 GLY A 86  ? ILE A 92  ? GLY F 404 ILE F 410 5 ? 7 
HELX_P HELX_P6 AA6 GLY A 98  ? ASN A 104 ? GLY F 416 ASN F 422 1 ? 7 
HELX_P HELX_P7 AA7 SER A 120 ? SER A 125 ? SER F 438 SER F 443 1 ? 6 
# 
_struct_conf_type.id          HELX_P 
_struct_conf_type.criteria    ? 
_struct_conf_type.reference   ? 
# 
loop_
_struct_conn.id 
_struct_conn.conn_type_id 
_struct_conn.pdbx_leaving_atom_flag 
_struct_conn.pdbx_PDB_id 
_struct_conn.ptnr1_label_asym_id 
_struct_conn.ptnr1_label_comp_id 
_struct_conn.ptnr1_label_seq_id 
_struct_conn.ptnr1_label_atom_id 
_struct_conn.pdbx_ptnr1_label_alt_id 
_struct_conn.pdbx_ptnr1_PDB_ins_code 
_struct_conn.pdbx_ptnr1_standard_comp_id 
_struct_conn.ptnr1_symmetry 
_struct_conn.ptnr2_label_asym_id 
_struct_conn.ptnr2_label_comp_id 
_struct_conn.ptnr2_label_seq_id 
_struct_conn.ptnr2_label_atom_id 
_struct_conn.pdbx_ptnr2_label_alt_id 
_struct_conn.pdbx_ptnr2_PDB_ins_code 
_struct_conn.ptnr1_auth_asym_id 
_struct_conn.ptnr1_auth_comp_id 
_struct_conn.ptnr1_auth_seq_id 
_struct_conn.ptnr2_auth_asym_id 
_struct_conn.ptnr2_auth_comp_id 
_struct_conn.ptnr2_auth_seq_id 
_struct_conn.ptnr2_symmetry 
_struct_conn.pdbx_ptnr3_label_atom_id 
_struct_conn.pdbx_ptnr3_label_seq_id 
_struct_conn.pdbx_ptnr3_label_comp_id 
_struct_conn.pdbx_ptnr3_label_asym_id 
_struct_conn.pdbx_ptnr3_label_alt_id 
_struct_conn.pdbx_ptnr3_PDB_ins_code 
_struct_conn.details 
_struct_conn.pdbx_dist_value 
_struct_conn.pdbx_value_order 
_struct_conn.pdbx_role 
disulf1 disulf ? ? A CYS 18 SG ? ? ? 1_555 A CYS 43  SG ? ? F CYS 336 F CYS 361 1_555 ? ? ? ? ? ? ? 2.020 ? ? 
disulf2 disulf ? ? A CYS 61 SG ? ? ? 1_555 A CYS 114 SG ? ? F CYS 379 F CYS 432 1_555 ? ? ? ? ? ? ? 2.032 ? ? 
disulf3 disulf ? ? A CYS 73 SG ? ? ? 1_555 A CYS 207 SG ? ? F CYS 391 F CYS 525 1_555 ? ? ? ? ? ? ? 2.033 ? ? 
# 
_struct_conn_type.id          disulf 
_struct_conn_type.criteria    ? 
_struct_conn_type.reference   ? 
# 
loop_
_pdbx_modification_feature.ordinal 
_pdbx_modification_feature.label_comp_id 
_pdbx_modification_feature.label_asym_id 
_pdbx_modification_feature.label_seq_id 
_pdbx_modification_feature.label_alt_id 
_pdbx_modification_feature.modified_residue_label_comp_id 
_pdbx_modification_feature.modified_residue_label_asym_id 
_pdbx_modification_feature.modified_residue_label_seq_id 
_pdbx_modification_feature.modified_residue_label_alt_id 
_pdbx_modification_feature.auth_comp_id 
_pdbx_modification_feature.auth_asym_id 
_pdbx_modification_feature.auth_seq_id 
_pdbx_modification_feature.PDB_ins_code 
_pdbx_modification_feature.symmetry 
_pdbx_modification_feature.modified_residue_auth_comp_id 
_pdbx_modification_feature.modified_residue_auth_asym_id 
_pdbx_modification_feature.modified_residue_auth_seq_id 
_pdbx_modification_feature.modified_residue_PDB_ins_code 
_pdbx_modification_feature.modified_residue_symmetry 
_pdbx_modification_feature.comp_id_linking_atom 
_pdbx_modification_feature.modified_residue_id_linking_atom 
_pdbx_modification_feature.modified_residue_id 
_pdbx_modification_feature.ref_pcm_id 
_pdbx_modification_feature.ref_comp_id 
_pdbx_modification_feature.type 
_pdbx_modification_feature.category 
1 CYS A 18 ? CYS A 43  ? CYS F 336 ? 1_555 CYS F 361 ? 1_555 SG SG . . . None 'Disulfide bridge' 
2 CYS A 61 ? CYS A 114 ? CYS F 379 ? 1_555 CYS F 432 ? 1_555 SG SG . . . None 'Disulfide bridge' 
3 CYS A 73 ? CYS A 207 ? CYS F 391 ? 1_555 CYS F 525 ? 1_555 SG SG . . . None 'Disulfide bridge' 
# 
loop_
_struct_sheet.id 
_struct_sheet.type 
_struct_sheet.number_strands 
_struct_sheet.details 
AA1 ? 5 ? 
AA2 ? 2 ? 
# 
loop_
_struct_sheet_order.sheet_id 
_struct_sheet_order.range_id_1 
_struct_sheet_order.range_id_2 
_struct_sheet_order.offset 
_struct_sheet_order.sense 
AA1 1 2 ? anti-parallel 
AA1 2 3 ? anti-parallel 
AA1 3 4 ? anti-parallel 
AA1 4 5 ? anti-parallel 
AA2 1 2 ? anti-parallel 
# 
loop_
_struct_sheet_range.sheet_id 
_struct_sheet_range.id 
_struct_sheet_range.beg_label_comp_id 
_struct_sheet_range.beg_label_asym_id 
_struct_sheet_range.beg_label_seq_id 
_struct_sheet_range.pdbx_beg_PDB_ins_code 
_struct_sheet_range.end_label_comp_id 
_struct_sheet_range.end_label_asym_id 
_struct_sheet_range.end_label_seq_id 
_struct_sheet_range.pdbx_end_PDB_ins_code 
_struct_sheet_range.beg_auth_comp_id 
_struct_sheet_range.beg_auth_asym_id 
_struct_sheet_range.beg_auth_seq_id 
_struct_sheet_range.end_auth_comp_id 
_struct_sheet_range.end_auth_asym_id 
_struct_sheet_range.end_auth_seq_id 
AA1 1 ASN A 36  ? ILE A 40  ? ASN F 354 ILE F 358 
AA1 2 ASN A 76  ? ILE A 84  ? ASN F 394 ILE F 402 
AA1 3 TYR A 190 ? GLU A 198 ? TYR F 508 GLU F 516 
AA1 4 CYS A 114 ? ASN A 119 ? CYS F 432 ASN F 437 
AA1 5 THR A 58  ? CYS A 61  ? THR F 376 CYS F 379 
AA2 1 LEU A 134 ? ARG A 136 ? LEU F 452 ARG F 454 
AA2 2 LEU A 174 ? SER A 176 ? LEU F 492 SER F 494 
# 
loop_
_pdbx_struct_sheet_hbond.sheet_id 
_pdbx_struct_sheet_hbond.range_id_1 
_pdbx_struct_sheet_hbond.range_id_2 
_pdbx_struct_sheet_hbond.range_1_label_atom_id 
_pdbx_struct_sheet_hbond.range_1_label_comp_id 
_pdbx_struct_sheet_hbond.range_1_label_asym_id 
_pdbx_struct_sheet_hbond.range_1_label_seq_id 
_pdbx_struct_sheet_hbond.range_1_PDB_ins_code 
_pdbx_struct_sheet_hbond.range_1_auth_atom_id 
_pdbx_struct_sheet_hbond.range_1_auth_comp_id 
_pdbx_struct_sheet_hbond.range_1_auth_asym_id 
_pdbx_struct_sheet_hbond.range_1_auth_seq_id 
_pdbx_struct_sheet_hbond.range_2_label_atom_id 
_pdbx_struct_sheet_hbond.range_2_label_comp_id 
_pdbx_struct_sheet_hbond.range_2_label_asym_id 
_pdbx_struct_sheet_hbond.range_2_label_seq_id 
_pdbx_struct_sheet_hbond.range_2_PDB_ins_code 
_pdbx_struct_sheet_hbond.range_2_auth_atom_id 
_pdbx_struct_sheet_hbond.range_2_auth_comp_id 
_pdbx_struct_sheet_hbond.range_2_auth_asym_id 
_pdbx_struct_sheet_hbond.range_2_auth_seq_id 
AA1 1 2 N LYS A 38  ? N LYS F 356 O ALA A 79  ? O ALA F 397 
AA1 2 3 N ILE A 84  ? N ILE F 402 O TYR A 190 ? O TYR F 508 
AA1 3 4 O LEU A 195 ? O LEU F 513 N CYS A 114 ? N CYS F 432 
AA1 4 5 O VAL A 115 ? O VAL F 433 N LYS A 60  ? N LYS F 378 
AA2 1 2 N TYR A 135 ? N TYR F 453 O GLN A 175 ? O GLN F 493 
# 
_pdbx_entry_details.entry_id                   9N2L 
_pdbx_entry_details.nonpolymer_details         ? 
_pdbx_entry_details.sequence_details           ? 
_pdbx_entry_details.compound_details           ? 
_pdbx_entry_details.source_details             ? 
_pdbx_entry_details.has_ligand_of_interest     ? 
_pdbx_entry_details.has_protein_modification   Y 
# 
_pdbx_validate_rmsd_angle.id                         1 
_pdbx_validate_rmsd_angle.PDB_model_num              1 
_pdbx_validate_rmsd_angle.auth_atom_id_1             C 
_pdbx_validate_rmsd_angle.auth_asym_id_1             F 
_pdbx_validate_rmsd_angle.auth_comp_id_1             PHE 
_pdbx_validate_rmsd_angle.auth_seq_id_1              497 
_pdbx_validate_rmsd_angle.PDB_ins_code_1             ? 
_pdbx_validate_rmsd_angle.label_alt_id_1             ? 
_pdbx_validate_rmsd_angle.auth_atom_id_2             N 
_pdbx_validate_rmsd_angle.auth_asym_id_2             F 
_pdbx_validate_rmsd_angle.auth_comp_id_2             GLN 
_pdbx_validate_rmsd_angle.auth_seq_id_2              498 
_pdbx_validate_rmsd_angle.PDB_ins_code_2             ? 
_pdbx_validate_rmsd_angle.label_alt_id_2             ? 
_pdbx_validate_rmsd_angle.auth_atom_id_3             CA 
_pdbx_validate_rmsd_angle.auth_asym_id_3             F 
_pdbx_validate_rmsd_angle.auth_comp_id_3             GLN 
_pdbx_validate_rmsd_angle.auth_seq_id_3              498 
_pdbx_validate_rmsd_angle.PDB_ins_code_3             ? 
_pdbx_validate_rmsd_angle.label_alt_id_3             ? 
_pdbx_validate_rmsd_angle.angle_value                139.43 
_pdbx_validate_rmsd_angle.angle_target_value         121.70 
_pdbx_validate_rmsd_angle.angle_deviation            17.73 
_pdbx_validate_rmsd_angle.angle_standard_deviation   2.50 
_pdbx_validate_rmsd_angle.linker_flag                Y 
# 
loop_
_pdbx_validate_torsion.id 
_pdbx_validate_torsion.PDB_model_num 
_pdbx_validate_torsion.auth_comp_id 
_pdbx_validate_torsion.auth_asym_id 
_pdbx_validate_torsion.auth_seq_id 
_pdbx_validate_torsion.PDB_ins_code 
_pdbx_validate_torsion.label_alt_id 
_pdbx_validate_torsion.phi 
_pdbx_validate_torsion.psi 
1 1 ASN F 343 ? ? -94.68  37.96   
2 1 ASN F 360 ? ? 39.62   52.09   
3 1 ASP F 389 ? ? -96.51  46.75   
4 1 ASP F 428 ? ? -86.36  47.36   
5 1 SER F 438 ? ? -141.14 44.63   
6 1 LEU F 518 ? ? -125.42 -169.04 
# 
_space_group_symop.id              1 
_space_group_symop.operation_xyz   x,y,z 
# 
loop_
_em_3d_fitting.id 
_em_3d_fitting.entry_id 
_em_3d_fitting.method 
_em_3d_fitting.target_criteria 
_em_3d_fitting.details 
_em_3d_fitting.overall_b_value 
_em_3d_fitting.ref_space 
_em_3d_fitting.ref_protocol 
1 9N2L ? ? ? ? REAL 'FLEXIBLE FIT' 
2 9N2L ? ? ? ? ?    ?              
# 
loop_
_em_3d_fitting_list.id 
_em_3d_fitting_list.3d_fitting_id 
_em_3d_fitting_list.pdb_entry_id 
_em_3d_fitting_list.pdb_chain_id 
_em_3d_fitting_list.pdb_chain_residue_range 
_em_3d_fitting_list.details 
_em_3d_fitting_list.chain_id 
_em_3d_fitting_list.chain_residue_range 
_em_3d_fitting_list.source_name 
_em_3d_fitting_list.type 
_em_3d_fitting_list.accession_code 
_em_3d_fitting_list.initial_refinement_model_id 
1 1 9CSS F 319-541 ? F 319-541 PDB 'experimental model' 9CSS 1 
2 2 .    . .       ? ? ?       ?   ?                    ?    ? 
# 
_em_3d_reconstruction.entry_id                    9N2L 
_em_3d_reconstruction.id                          1 
_em_3d_reconstruction.method                      ? 
_em_3d_reconstruction.algorithm                   ? 
_em_3d_reconstruction.citation_id                 ? 
_em_3d_reconstruction.details                     ? 
_em_3d_reconstruction.resolution                  2.99 
_em_3d_reconstruction.resolution_method           'FSC 0.143 CUT-OFF' 
_em_3d_reconstruction.magnification_calibration   ? 
_em_3d_reconstruction.nominal_pixel_size          ? 
_em_3d_reconstruction.actual_pixel_size           ? 
_em_3d_reconstruction.num_particles               326639 
_em_3d_reconstruction.euler_angles_details        ? 
_em_3d_reconstruction.num_class_averages          ? 
_em_3d_reconstruction.refinement_type             ? 
_em_3d_reconstruction.image_processing_id         1 
_em_3d_reconstruction.symmetry_type               POINT 
# 
_em_buffer.id            1 
_em_buffer.specimen_id   1 
_em_buffer.name          ? 
_em_buffer.details       ? 
_em_buffer.pH            7.5 
# 
_em_entity_assembly.id                   1 
_em_entity_assembly.parent_id            0 
_em_entity_assembly.source               RECOMBINANT 
_em_entity_assembly.type                 COMPLEX 
_em_entity_assembly.name                 'SARS-CoV-2 Spike protein Ectodomain with Internal tag' 
_em_entity_assembly.details              ? 
_em_entity_assembly.synonym              ? 
_em_entity_assembly.oligomeric_details   ? 
_em_entity_assembly.entity_id_list       1 
# 
_em_imaging.entry_id                        9N2L 
_em_imaging.id                              1 
_em_imaging.astigmatism                     ? 
_em_imaging.electron_beam_tilt_params       ? 
_em_imaging.residual_tilt                   ? 
_em_imaging.microscope_model                'TFS KRIOS' 
_em_imaging.specimen_holder_type            ? 
_em_imaging.specimen_holder_model           ? 
_em_imaging.details                         ? 
_em_imaging.date                            ? 
_em_imaging.accelerating_voltage            300 
_em_imaging.illumination_mode               'FLOOD BEAM' 
_em_imaging.mode                            'BRIGHT FIELD' 
_em_imaging.nominal_cs                      ? 
_em_imaging.nominal_defocus_min             800 
_em_imaging.nominal_defocus_max             2500 
_em_imaging.calibrated_defocus_min          ? 
_em_imaging.calibrated_defocus_max          ? 
_em_imaging.tilt_angle_min                  ? 
_em_imaging.tilt_angle_max                  ? 
_em_imaging.nominal_magnification           16500 
_em_imaging.calibrated_magnification        191780 
_em_imaging.electron_source                 'FIELD EMISSION GUN' 
_em_imaging.citation_id                     ? 
_em_imaging.temperature                     ? 
_em_imaging.detector_distance               ? 
_em_imaging.recording_temperature_minimum   ? 
_em_imaging.recording_temperature_maximum   ? 
_em_imaging.alignment_procedure             ? 
_em_imaging.c2_aperture_diameter            ? 
_em_imaging.specimen_id                     1 
_em_imaging.cryogen                         ? 
# 
_em_vitrification.entry_id              9N2L 
_em_vitrification.id                    1 
_em_vitrification.specimen_id           1 
_em_vitrification.cryogen_name          ETHANE 
_em_vitrification.humidity              100 
_em_vitrification.temp                  ? 
_em_vitrification.chamber_temperature   298 
_em_vitrification.instrument            ? 
_em_vitrification.method                ? 
_em_vitrification.time_resolved_state   ? 
_em_vitrification.citation_id           ? 
_em_vitrification.details               ? 
# 
_em_experiment.entry_id                9N2L 
_em_experiment.id                      1 
_em_experiment.reconstruction_method   'SINGLE PARTICLE' 
_em_experiment.aggregation_state       PARTICLE 
_em_experiment.entity_assembly_id      1 
# 
loop_
_pdbx_unobs_or_zero_occ_residues.id 
_pdbx_unobs_or_zero_occ_residues.PDB_model_num 
_pdbx_unobs_or_zero_occ_residues.polymer_flag 
_pdbx_unobs_or_zero_occ_residues.occupancy_flag 
_pdbx_unobs_or_zero_occ_residues.auth_asym_id 
_pdbx_unobs_or_zero_occ_residues.auth_comp_id 
_pdbx_unobs_or_zero_occ_residues.auth_seq_id 
_pdbx_unobs_or_zero_occ_residues.PDB_ins_code 
_pdbx_unobs_or_zero_occ_residues.label_asym_id 
_pdbx_unobs_or_zero_occ_residues.label_comp_id 
_pdbx_unobs_or_zero_occ_residues.label_seq_id 
1  1 Y 1 F ARG 319 ? A ARG 1   
2  1 Y 1 F VAL 320 ? A VAL 2   
3  1 Y 1 F GLN 321 ? A GLN 3   
4  1 Y 1 F PRO 322 ? A PRO 4   
5  1 Y 1 F THR 323 ? A THR 5   
6  1 Y 1 F GLU 324 ? A GLU 6   
7  1 Y 1 F SER 325 ? A SER 7   
8  1 Y 1 F ILE 326 ? A ILE 8   
9  1 Y 1 F VAL 327 ? A VAL 9   
10 1 Y 1 F ARG 328 ? A ARG 10  
11 1 Y 1 F PHE 329 ? A PHE 11  
12 1 Y 1 F PRO 330 ? A PRO 12  
13 1 Y 1 F ASN 331 ? A ASN 13  
14 1 Y 1 F ILE 332 ? A ILE 14  
15 1 Y 1 F ARG 457 ? A ARG 139 
16 1 Y 1 F LYS 458 ? A LYS 140 
17 1 Y 1 F SER 459 ? A SER 141 
18 1 Y 1 F ASN 460 ? A ASN 142 
19 1 Y 1 F THR 470 ? A THR 152 
20 1 Y 1 F GLU 471 ? A GLU 153 
21 1 Y 1 F ILE 472 ? A ILE 154 
22 1 Y 1 F TYR 473 ? A TYR 155 
23 1 Y 1 F GLN 474 ? A GLN 156 
24 1 Y 1 F ALA 475 ? A ALA 157 
25 1 Y 1 F GLY 476 ? A GLY 158 
26 1 Y 1 F SER 477 ? A SER 159 
27 1 Y 1 F THR 478 ? A THR 160 
28 1 Y 1 F PRO 479 ? A PRO 161 
29 1 Y 1 F CYS 480 ? A CYS 162 
30 1 Y 1 F ASN 481 ? A ASN 163 
31 1 Y 1 F GLY 482 ? A GLY 164 
32 1 Y 1 F VAL 483 ? A VAL 165 
33 1 Y 1 F GLU 484 ? A GLU 166 
34 1 Y 1 F GLY 485 ? A GLY 167 
35 1 Y 1 F PHE 486 ? A PHE 168 
36 1 Y 1 F ASN 487 ? A ASN 169 
37 1 Y 1 F PRO 527 ? A PRO 209 
38 1 Y 1 F LYS 528 ? A LYS 210 
39 1 Y 1 F LYS 529 ? A LYS 211 
40 1 Y 1 F SER 530 ? A SER 212 
41 1 Y 1 F THR 531 ? A THR 213 
42 1 Y 1 F ASN 532 ? A ASN 214 
43 1 Y 1 F LEU 533 ? A LEU 215 
44 1 Y 1 F VAL 534 ? A VAL 216 
45 1 Y 1 F LYS 535 ? A LYS 217 
46 1 Y 1 F ASN 536 ? A ASN 218 
47 1 Y 1 F LYS 537 ? A LYS 219 
48 1 Y 1 F CYS 538 ? A CYS 220 
49 1 Y 1 F VAL 539 ? A VAL 221 
50 1 Y 1 F ASN 540 ? A ASN 222 
51 1 Y 1 F PHE 541 ? A PHE 223 
# 
loop_
_chem_comp_atom.comp_id 
_chem_comp_atom.atom_id 
_chem_comp_atom.type_symbol 
_chem_comp_atom.pdbx_aromatic_flag 
_chem_comp_atom.pdbx_stereo_config 
_chem_comp_atom.pdbx_ordinal 
ALA N    N N N 1   
ALA CA   C N S 2   
ALA C    C N N 3   
ALA O    O N N 4   
ALA CB   C N N 5   
ALA OXT  O N N 6   
ALA H    H N N 7   
ALA H2   H N N 8   
ALA HA   H N N 9   
ALA HB1  H N N 10  
ALA HB2  H N N 11  
ALA HB3  H N N 12  
ALA HXT  H N N 13  
ARG N    N N N 14  
ARG CA   C N S 15  
ARG C    C N N 16  
ARG O    O N N 17  
ARG CB   C N N 18  
ARG CG   C N N 19  
ARG CD   C N N 20  
ARG NE   N N N 21  
ARG CZ   C N N 22  
ARG NH1  N N N 23  
ARG NH2  N N N 24  
ARG OXT  O N N 25  
ARG H    H N N 26  
ARG H2   H N N 27  
ARG HA   H N N 28  
ARG HB2  H N N 29  
ARG HB3  H N N 30  
ARG HG2  H N N 31  
ARG HG3  H N N 32  
ARG HD2  H N N 33  
ARG HD3  H N N 34  
ARG HE   H N N 35  
ARG HH11 H N N 36  
ARG HH12 H N N 37  
ARG HH21 H N N 38  
ARG HH22 H N N 39  
ARG HXT  H N N 40  
ASN N    N N N 41  
ASN CA   C N S 42  
ASN C    C N N 43  
ASN O    O N N 44  
ASN CB   C N N 45  
ASN CG   C N N 46  
ASN OD1  O N N 47  
ASN ND2  N N N 48  
ASN OXT  O N N 49  
ASN H    H N N 50  
ASN H2   H N N 51  
ASN HA   H N N 52  
ASN HB2  H N N 53  
ASN HB3  H N N 54  
ASN HD21 H N N 55  
ASN HD22 H N N 56  
ASN HXT  H N N 57  
ASP N    N N N 58  
ASP CA   C N S 59  
ASP C    C N N 60  
ASP O    O N N 61  
ASP CB   C N N 62  
ASP CG   C N N 63  
ASP OD1  O N N 64  
ASP OD2  O N N 65  
ASP OXT  O N N 66  
ASP H    H N N 67  
ASP H2   H N N 68  
ASP HA   H N N 69  
ASP HB2  H N N 70  
ASP HB3  H N N 71  
ASP HD2  H N N 72  
ASP HXT  H N N 73  
CYS N    N N N 74  
CYS CA   C N R 75  
CYS C    C N N 76  
CYS O    O N N 77  
CYS CB   C N N 78  
CYS SG   S N N 79  
CYS OXT  O N N 80  
CYS H    H N N 81  
CYS H2   H N N 82  
CYS HA   H N N 83  
CYS HB2  H N N 84  
CYS HB3  H N N 85  
CYS HG   H N N 86  
CYS HXT  H N N 87  
GLN N    N N N 88  
GLN CA   C N S 89  
GLN C    C N N 90  
GLN O    O N N 91  
GLN CB   C N N 92  
GLN CG   C N N 93  
GLN CD   C N N 94  
GLN OE1  O N N 95  
GLN NE2  N N N 96  
GLN OXT  O N N 97  
GLN H    H N N 98  
GLN H2   H N N 99  
GLN HA   H N N 100 
GLN HB2  H N N 101 
GLN HB3  H N N 102 
GLN HG2  H N N 103 
GLN HG3  H N N 104 
GLN HE21 H N N 105 
GLN HE22 H N N 106 
GLN HXT  H N N 107 
GLU N    N N N 108 
GLU CA   C N S 109 
GLU C    C N N 110 
GLU O    O N N 111 
GLU CB   C N N 112 
GLU CG   C N N 113 
GLU CD   C N N 114 
GLU OE1  O N N 115 
GLU OE2  O N N 116 
GLU OXT  O N N 117 
GLU H    H N N 118 
GLU H2   H N N 119 
GLU HA   H N N 120 
GLU HB2  H N N 121 
GLU HB3  H N N 122 
GLU HG2  H N N 123 
GLU HG3  H N N 124 
GLU HE2  H N N 125 
GLU HXT  H N N 126 
GLY N    N N N 127 
GLY CA   C N N 128 
GLY C    C N N 129 
GLY O    O N N 130 
GLY OXT  O N N 131 
GLY H    H N N 132 
GLY H2   H N N 133 
GLY HA2  H N N 134 
GLY HA3  H N N 135 
GLY HXT  H N N 136 
HIS N    N N N 137 
HIS CA   C N S 138 
HIS C    C N N 139 
HIS O    O N N 140 
HIS CB   C N N 141 
HIS CG   C Y N 142 
HIS ND1  N Y N 143 
HIS CD2  C Y N 144 
HIS CE1  C Y N 145 
HIS NE2  N Y N 146 
HIS OXT  O N N 147 
HIS H    H N N 148 
HIS H2   H N N 149 
HIS HA   H N N 150 
HIS HB2  H N N 151 
HIS HB3  H N N 152 
HIS HD1  H N N 153 
HIS HD2  H N N 154 
HIS HE1  H N N 155 
HIS HE2  H N N 156 
HIS HXT  H N N 157 
ILE N    N N N 158 
ILE CA   C N S 159 
ILE C    C N N 160 
ILE O    O N N 161 
ILE CB   C N S 162 
ILE CG1  C N N 163 
ILE CG2  C N N 164 
ILE CD1  C N N 165 
ILE OXT  O N N 166 
ILE H    H N N 167 
ILE H2   H N N 168 
ILE HA   H N N 169 
ILE HB   H N N 170 
ILE HG12 H N N 171 
ILE HG13 H N N 172 
ILE HG21 H N N 173 
ILE HG22 H N N 174 
ILE HG23 H N N 175 
ILE HD11 H N N 176 
ILE HD12 H N N 177 
ILE HD13 H N N 178 
ILE HXT  H N N 179 
LEU N    N N N 180 
LEU CA   C N S 181 
LEU C    C N N 182 
LEU O    O N N 183 
LEU CB   C N N 184 
LEU CG   C N N 185 
LEU CD1  C N N 186 
LEU CD2  C N N 187 
LEU OXT  O N N 188 
LEU H    H N N 189 
LEU H2   H N N 190 
LEU HA   H N N 191 
LEU HB2  H N N 192 
LEU HB3  H N N 193 
LEU HG   H N N 194 
LEU HD11 H N N 195 
LEU HD12 H N N 196 
LEU HD13 H N N 197 
LEU HD21 H N N 198 
LEU HD22 H N N 199 
LEU HD23 H N N 200 
LEU HXT  H N N 201 
LYS N    N N N 202 
LYS CA   C N S 203 
LYS C    C N N 204 
LYS O    O N N 205 
LYS CB   C N N 206 
LYS CG   C N N 207 
LYS CD   C N N 208 
LYS CE   C N N 209 
LYS NZ   N N N 210 
LYS OXT  O N N 211 
LYS H    H N N 212 
LYS H2   H N N 213 
LYS HA   H N N 214 
LYS HB2  H N N 215 
LYS HB3  H N N 216 
LYS HG2  H N N 217 
LYS HG3  H N N 218 
LYS HD2  H N N 219 
LYS HD3  H N N 220 
LYS HE2  H N N 221 
LYS HE3  H N N 222 
LYS HZ1  H N N 223 
LYS HZ2  H N N 224 
LYS HZ3  H N N 225 
LYS HXT  H N N 226 
PHE N    N N N 227 
PHE CA   C N S 228 
PHE C    C N N 229 
PHE O    O N N 230 
PHE CB   C N N 231 
PHE CG   C Y N 232 
PHE CD1  C Y N 233 
PHE CD2  C Y N 234 
PHE CE1  C Y N 235 
PHE CE2  C Y N 236 
PHE CZ   C Y N 237 
PHE OXT  O N N 238 
PHE H    H N N 239 
PHE H2   H N N 240 
PHE HA   H N N 241 
PHE HB2  H N N 242 
PHE HB3  H N N 243 
PHE HD1  H N N 244 
PHE HD2  H N N 245 
PHE HE1  H N N 246 
PHE HE2  H N N 247 
PHE HZ   H N N 248 
PHE HXT  H N N 249 
PRO N    N N N 250 
PRO CA   C N S 251 
PRO C    C N N 252 
PRO O    O N N 253 
PRO CB   C N N 254 
PRO CG   C N N 255 
PRO CD   C N N 256 
PRO OXT  O N N 257 
PRO H    H N N 258 
PRO HA   H N N 259 
PRO HB2  H N N 260 
PRO HB3  H N N 261 
PRO HG2  H N N 262 
PRO HG3  H N N 263 
PRO HD2  H N N 264 
PRO HD3  H N N 265 
PRO HXT  H N N 266 
SER N    N N N 267 
SER CA   C N S 268 
SER C    C N N 269 
SER O    O N N 270 
SER CB   C N N 271 
SER OG   O N N 272 
SER OXT  O N N 273 
SER H    H N N 274 
SER H2   H N N 275 
SER HA   H N N 276 
SER HB2  H N N 277 
SER HB3  H N N 278 
SER HG   H N N 279 
SER HXT  H N N 280 
THR N    N N N 281 
THR CA   C N S 282 
THR C    C N N 283 
THR O    O N N 284 
THR CB   C N R 285 
THR OG1  O N N 286 
THR CG2  C N N 287 
THR OXT  O N N 288 
THR H    H N N 289 
THR H2   H N N 290 
THR HA   H N N 291 
THR HB   H N N 292 
THR HG1  H N N 293 
THR HG21 H N N 294 
THR HG22 H N N 295 
THR HG23 H N N 296 
THR HXT  H N N 297 
TRP N    N N N 298 
TRP CA   C N S 299 
TRP C    C N N 300 
TRP O    O N N 301 
TRP CB   C N N 302 
TRP CG   C Y N 303 
TRP CD1  C Y N 304 
TRP CD2  C Y N 305 
TRP NE1  N Y N 306 
TRP CE2  C Y N 307 
TRP CE3  C Y N 308 
TRP CZ2  C Y N 309 
TRP CZ3  C Y N 310 
TRP CH2  C Y N 311 
TRP OXT  O N N 312 
TRP H    H N N 313 
TRP H2   H N N 314 
TRP HA   H N N 315 
TRP HB2  H N N 316 
TRP HB3  H N N 317 
TRP HD1  H N N 318 
TRP HE1  H N N 319 
TRP HE3  H N N 320 
TRP HZ2  H N N 321 
TRP HZ3  H N N 322 
TRP HH2  H N N 323 
TRP HXT  H N N 324 
TYR N    N N N 325 
TYR CA   C N S 326 
TYR C    C N N 327 
TYR O    O N N 328 
TYR CB   C N N 329 
TYR CG   C Y N 330 
TYR CD1  C Y N 331 
TYR CD2  C Y N 332 
TYR CE1  C Y N 333 
TYR CE2  C Y N 334 
TYR CZ   C Y N 335 
TYR OH   O N N 336 
TYR OXT  O N N 337 
TYR H    H N N 338 
TYR H2   H N N 339 
TYR HA   H N N 340 
TYR HB2  H N N 341 
TYR HB3  H N N 342 
TYR HD1  H N N 343 
TYR HD2  H N N 344 
TYR HE1  H N N 345 
TYR HE2  H N N 346 
TYR HH   H N N 347 
TYR HXT  H N N 348 
VAL N    N N N 349 
VAL CA   C N S 350 
VAL C    C N N 351 
VAL O    O N N 352 
VAL CB   C N N 353 
VAL CG1  C N N 354 
VAL CG2  C N N 355 
VAL OXT  O N N 356 
VAL H    H N N 357 
VAL H2   H N N 358 
VAL HA   H N N 359 
VAL HB   H N N 360 
VAL HG11 H N N 361 
VAL HG12 H N N 362 
VAL HG13 H N N 363 
VAL HG21 H N N 364 
VAL HG22 H N N 365 
VAL HG23 H N N 366 
VAL HXT  H N N 367 
# 
loop_
_chem_comp_bond.comp_id 
_chem_comp_bond.atom_id_1 
_chem_comp_bond.atom_id_2 
_chem_comp_bond.value_order 
_chem_comp_bond.pdbx_aromatic_flag 
_chem_comp_bond.pdbx_stereo_config 
_chem_comp_bond.pdbx_ordinal 
ALA N   CA   sing N N 1   
ALA N   H    sing N N 2   
ALA N   H2   sing N N 3   
ALA CA  C    sing N N 4   
ALA CA  CB   sing N N 5   
ALA CA  HA   sing N N 6   
ALA C   O    doub N N 7   
ALA C   OXT  sing N N 8   
ALA CB  HB1  sing N N 9   
ALA CB  HB2  sing N N 10  
ALA CB  HB3  sing N N 11  
ALA OXT HXT  sing N N 12  
ARG N   CA   sing N N 13  
ARG N   H    sing N N 14  
ARG N   H2   sing N N 15  
ARG CA  C    sing N N 16  
ARG CA  CB   sing N N 17  
ARG CA  HA   sing N N 18  
ARG C   O    doub N N 19  
ARG C   OXT  sing N N 20  
ARG CB  CG   sing N N 21  
ARG CB  HB2  sing N N 22  
ARG CB  HB3  sing N N 23  
ARG CG  CD   sing N N 24  
ARG CG  HG2  sing N N 25  
ARG CG  HG3  sing N N 26  
ARG CD  NE   sing N N 27  
ARG CD  HD2  sing N N 28  
ARG CD  HD3  sing N N 29  
ARG NE  CZ   sing N N 30  
ARG NE  HE   sing N N 31  
ARG CZ  NH1  sing N N 32  
ARG CZ  NH2  doub N N 33  
ARG NH1 HH11 sing N N 34  
ARG NH1 HH12 sing N N 35  
ARG NH2 HH21 sing N N 36  
ARG NH2 HH22 sing N N 37  
ARG OXT HXT  sing N N 38  
ASN N   CA   sing N N 39  
ASN N   H    sing N N 40  
ASN N   H2   sing N N 41  
ASN CA  C    sing N N 42  
ASN CA  CB   sing N N 43  
ASN CA  HA   sing N N 44  
ASN C   O    doub N N 45  
ASN C   OXT  sing N N 46  
ASN CB  CG   sing N N 47  
ASN CB  HB2  sing N N 48  
ASN CB  HB3  sing N N 49  
ASN CG  OD1  doub N N 50  
ASN CG  ND2  sing N N 51  
ASN ND2 HD21 sing N N 52  
ASN ND2 HD22 sing N N 53  
ASN OXT HXT  sing N N 54  
ASP N   CA   sing N N 55  
ASP N   H    sing N N 56  
ASP N   H2   sing N N 57  
ASP CA  C    sing N N 58  
ASP CA  CB   sing N N 59  
ASP CA  HA   sing N N 60  
ASP C   O    doub N N 61  
ASP C   OXT  sing N N 62  
ASP CB  CG   sing N N 63  
ASP CB  HB2  sing N N 64  
ASP CB  HB3  sing N N 65  
ASP CG  OD1  doub N N 66  
ASP CG  OD2  sing N N 67  
ASP OD2 HD2  sing N N 68  
ASP OXT HXT  sing N N 69  
CYS N   CA   sing N N 70  
CYS N   H    sing N N 71  
CYS N   H2   sing N N 72  
CYS CA  C    sing N N 73  
CYS CA  CB   sing N N 74  
CYS CA  HA   sing N N 75  
CYS C   O    doub N N 76  
CYS C   OXT  sing N N 77  
CYS CB  SG   sing N N 78  
CYS CB  HB2  sing N N 79  
CYS CB  HB3  sing N N 80  
CYS SG  HG   sing N N 81  
CYS OXT HXT  sing N N 82  
GLN N   CA   sing N N 83  
GLN N   H    sing N N 84  
GLN N   H2   sing N N 85  
GLN CA  C    sing N N 86  
GLN CA  CB   sing N N 87  
GLN CA  HA   sing N N 88  
GLN C   O    doub N N 89  
GLN C   OXT  sing N N 90  
GLN CB  CG   sing N N 91  
GLN CB  HB2  sing N N 92  
GLN CB  HB3  sing N N 93  
GLN CG  CD   sing N N 94  
GLN CG  HG2  sing N N 95  
GLN CG  HG3  sing N N 96  
GLN CD  OE1  doub N N 97  
GLN CD  NE2  sing N N 98  
GLN NE2 HE21 sing N N 99  
GLN NE2 HE22 sing N N 100 
GLN OXT HXT  sing N N 101 
GLU N   CA   sing N N 102 
GLU N   H    sing N N 103 
GLU N   H2   sing N N 104 
GLU CA  C    sing N N 105 
GLU CA  CB   sing N N 106 
GLU CA  HA   sing N N 107 
GLU C   O    doub N N 108 
GLU C   OXT  sing N N 109 
GLU CB  CG   sing N N 110 
GLU CB  HB2  sing N N 111 
GLU CB  HB3  sing N N 112 
GLU CG  CD   sing N N 113 
GLU CG  HG2  sing N N 114 
GLU CG  HG3  sing N N 115 
GLU CD  OE1  doub N N 116 
GLU CD  OE2  sing N N 117 
GLU OE2 HE2  sing N N 118 
GLU OXT HXT  sing N N 119 
GLY N   CA   sing N N 120 
GLY N   H    sing N N 121 
GLY N   H2   sing N N 122 
GLY CA  C    sing N N 123 
GLY CA  HA2  sing N N 124 
GLY CA  HA3  sing N N 125 
GLY C   O    doub N N 126 
GLY C   OXT  sing N N 127 
GLY OXT HXT  sing N N 128 
HIS N   CA   sing N N 129 
HIS N   H    sing N N 130 
HIS N   H2   sing N N 131 
HIS CA  C    sing N N 132 
HIS CA  CB   sing N N 133 
HIS CA  HA   sing N N 134 
HIS C   O    doub N N 135 
HIS C   OXT  sing N N 136 
HIS CB  CG   sing N N 137 
HIS CB  HB2  sing N N 138 
HIS CB  HB3  sing N N 139 
HIS CG  ND1  sing Y N 140 
HIS CG  CD2  doub Y N 141 
HIS ND1 CE1  doub Y N 142 
HIS ND1 HD1  sing N N 143 
HIS CD2 NE2  sing Y N 144 
HIS CD2 HD2  sing N N 145 
HIS CE1 NE2  sing Y N 146 
HIS CE1 HE1  sing N N 147 
HIS NE2 HE2  sing N N 148 
HIS OXT HXT  sing N N 149 
ILE N   CA   sing N N 150 
ILE N   H    sing N N 151 
ILE N   H2   sing N N 152 
ILE CA  C    sing N N 153 
ILE CA  CB   sing N N 154 
ILE CA  HA   sing N N 155 
ILE C   O    doub N N 156 
ILE C   OXT  sing N N 157 
ILE CB  CG1  sing N N 158 
ILE CB  CG2  sing N N 159 
ILE CB  HB   sing N N 160 
ILE CG1 CD1  sing N N 161 
ILE CG1 HG12 sing N N 162 
ILE CG1 HG13 sing N N 163 
ILE CG2 HG21 sing N N 164 
ILE CG2 HG22 sing N N 165 
ILE CG2 HG23 sing N N 166 
ILE CD1 HD11 sing N N 167 
ILE CD1 HD12 sing N N 168 
ILE CD1 HD13 sing N N 169 
ILE OXT HXT  sing N N 170 
LEU N   CA   sing N N 171 
LEU N   H    sing N N 172 
LEU N   H2   sing N N 173 
LEU CA  C    sing N N 174 
LEU CA  CB   sing N N 175 
LEU CA  HA   sing N N 176 
LEU C   O    doub N N 177 
LEU C   OXT  sing N N 178 
LEU CB  CG   sing N N 179 
LEU CB  HB2  sing N N 180 
LEU CB  HB3  sing N N 181 
LEU CG  CD1  sing N N 182 
LEU CG  CD2  sing N N 183 
LEU CG  HG   sing N N 184 
LEU CD1 HD11 sing N N 185 
LEU CD1 HD12 sing N N 186 
LEU CD1 HD13 sing N N 187 
LEU CD2 HD21 sing N N 188 
LEU CD2 HD22 sing N N 189 
LEU CD2 HD23 sing N N 190 
LEU OXT HXT  sing N N 191 
LYS N   CA   sing N N 192 
LYS N   H    sing N N 193 
LYS N   H2   sing N N 194 
LYS CA  C    sing N N 195 
LYS CA  CB   sing N N 196 
LYS CA  HA   sing N N 197 
LYS C   O    doub N N 198 
LYS C   OXT  sing N N 199 
LYS CB  CG   sing N N 200 
LYS CB  HB2  sing N N 201 
LYS CB  HB3  sing N N 202 
LYS CG  CD   sing N N 203 
LYS CG  HG2  sing N N 204 
LYS CG  HG3  sing N N 205 
LYS CD  CE   sing N N 206 
LYS CD  HD2  sing N N 207 
LYS CD  HD3  sing N N 208 
LYS CE  NZ   sing N N 209 
LYS CE  HE2  sing N N 210 
LYS CE  HE3  sing N N 211 
LYS NZ  HZ1  sing N N 212 
LYS NZ  HZ2  sing N N 213 
LYS NZ  HZ3  sing N N 214 
LYS OXT HXT  sing N N 215 
PHE N   CA   sing N N 216 
PHE N   H    sing N N 217 
PHE N   H2   sing N N 218 
PHE CA  C    sing N N 219 
PHE CA  CB   sing N N 220 
PHE CA  HA   sing N N 221 
PHE C   O    doub N N 222 
PHE C   OXT  sing N N 223 
PHE CB  CG   sing N N 224 
PHE CB  HB2  sing N N 225 
PHE CB  HB3  sing N N 226 
PHE CG  CD1  doub Y N 227 
PHE CG  CD2  sing Y N 228 
PHE CD1 CE1  sing Y N 229 
PHE CD1 HD1  sing N N 230 
PHE CD2 CE2  doub Y N 231 
PHE CD2 HD2  sing N N 232 
PHE CE1 CZ   doub Y N 233 
PHE CE1 HE1  sing N N 234 
PHE CE2 CZ   sing Y N 235 
PHE CE2 HE2  sing N N 236 
PHE CZ  HZ   sing N N 237 
PHE OXT HXT  sing N N 238 
PRO N   CA   sing N N 239 
PRO N   CD   sing N N 240 
PRO N   H    sing N N 241 
PRO CA  C    sing N N 242 
PRO CA  CB   sing N N 243 
PRO CA  HA   sing N N 244 
PRO C   O    doub N N 245 
PRO C   OXT  sing N N 246 
PRO CB  CG   sing N N 247 
PRO CB  HB2  sing N N 248 
PRO CB  HB3  sing N N 249 
PRO CG  CD   sing N N 250 
PRO CG  HG2  sing N N 251 
PRO CG  HG3  sing N N 252 
PRO CD  HD2  sing N N 253 
PRO CD  HD3  sing N N 254 
PRO OXT HXT  sing N N 255 
SER N   CA   sing N N 256 
SER N   H    sing N N 257 
SER N   H2   sing N N 258 
SER CA  C    sing N N 259 
SER CA  CB   sing N N 260 
SER CA  HA   sing N N 261 
SER C   O    doub N N 262 
SER C   OXT  sing N N 263 
SER CB  OG   sing N N 264 
SER CB  HB2  sing N N 265 
SER CB  HB3  sing N N 266 
SER OG  HG   sing N N 267 
SER OXT HXT  sing N N 268 
THR N   CA   sing N N 269 
THR N   H    sing N N 270 
THR N   H2   sing N N 271 
THR CA  C    sing N N 272 
THR CA  CB   sing N N 273 
THR CA  HA   sing N N 274 
THR C   O    doub N N 275 
THR C   OXT  sing N N 276 
THR CB  OG1  sing N N 277 
THR CB  CG2  sing N N 278 
THR CB  HB   sing N N 279 
THR OG1 HG1  sing N N 280 
THR CG2 HG21 sing N N 281 
THR CG2 HG22 sing N N 282 
THR CG2 HG23 sing N N 283 
THR OXT HXT  sing N N 284 
TRP N   CA   sing N N 285 
TRP N   H    sing N N 286 
TRP N   H2   sing N N 287 
TRP CA  C    sing N N 288 
TRP CA  CB   sing N N 289 
TRP CA  HA   sing N N 290 
TRP C   O    doub N N 291 
TRP C   OXT  sing N N 292 
TRP CB  CG   sing N N 293 
TRP CB  HB2  sing N N 294 
TRP CB  HB3  sing N N 295 
TRP CG  CD1  doub Y N 296 
TRP CG  CD2  sing Y N 297 
TRP CD1 NE1  sing Y N 298 
TRP CD1 HD1  sing N N 299 
TRP CD2 CE2  doub Y N 300 
TRP CD2 CE3  sing Y N 301 
TRP NE1 CE2  sing Y N 302 
TRP NE1 HE1  sing N N 303 
TRP CE2 CZ2  sing Y N 304 
TRP CE3 CZ3  doub Y N 305 
TRP CE3 HE3  sing N N 306 
TRP CZ2 CH2  doub Y N 307 
TRP CZ2 HZ2  sing N N 308 
TRP CZ3 CH2  sing Y N 309 
TRP CZ3 HZ3  sing N N 310 
TRP CH2 HH2  sing N N 311 
TRP OXT HXT  sing N N 312 
TYR N   CA   sing N N 313 
TYR N   H    sing N N 314 
TYR N   H2   sing N N 315 
TYR CA  C    sing N N 316 
TYR CA  CB   sing N N 317 
TYR CA  HA   sing N N 318 
TYR C   O    doub N N 319 
TYR C   OXT  sing N N 320 
TYR CB  CG   sing N N 321 
TYR CB  HB2  sing N N 322 
TYR CB  HB3  sing N N 323 
TYR CG  CD1  doub Y N 324 
TYR CG  CD2  sing Y N 325 
TYR CD1 CE1  sing Y N 326 
TYR CD1 HD1  sing N N 327 
TYR CD2 CE2  doub Y N 328 
TYR CD2 HD2  sing N N 329 
TYR CE1 CZ   doub Y N 330 
TYR CE1 HE1  sing N N 331 
TYR CE2 CZ   sing Y N 332 
TYR CE2 HE2  sing N N 333 
TYR CZ  OH   sing N N 334 
TYR OH  HH   sing N N 335 
TYR OXT HXT  sing N N 336 
VAL N   CA   sing N N 337 
VAL N   H    sing N N 338 
VAL N   H2   sing N N 339 
VAL CA  C    sing N N 340 
VAL CA  CB   sing N N 341 
VAL CA  HA   sing N N 342 
VAL C   O    doub N N 343 
VAL C   OXT  sing N N 344 
VAL CB  CG1  sing N N 345 
VAL CB  CG2  sing N N 346 
VAL CB  HB   sing N N 347 
VAL CG1 HG11 sing N N 348 
VAL CG1 HG12 sing N N 349 
VAL CG1 HG13 sing N N 350 
VAL CG2 HG21 sing N N 351 
VAL CG2 HG22 sing N N 352 
VAL CG2 HG23 sing N N 353 
VAL OXT HXT  sing N N 354 
# 
_em_admin.current_status     REL 
_em_admin.deposition_date    2025-01-29 
_em_admin.deposition_site    RCSB 
_em_admin.entry_id           9N2L 
_em_admin.last_update        2025-03-19 
_em_admin.map_release_date   2025-03-05 
_em_admin.title              
'Cryo-EM structure of locally refined up conformation of SARS-CoV-2 spike protein Receptor Binding Domain' 
# 
_em_ctf_correction.details                  ? 
_em_ctf_correction.em_image_processing_id   1 
_em_ctf_correction.id                       1 
_em_ctf_correction.type                     'PHASE FLIPPING AND AMPLITUDE CORRECTION' 
# 
_em_entity_assembly_molwt.entity_assembly_id   1 
_em_entity_assembly_molwt.experimental_flag    YES 
_em_entity_assembly_molwt.id                   1 
_em_entity_assembly_molwt.units                KILODALTONS/NANOMETER 
_em_entity_assembly_molwt.value                585 
# 
_em_entity_assembly_naturalsource.cell                 ? 
_em_entity_assembly_naturalsource.cellular_location    ? 
_em_entity_assembly_naturalsource.entity_assembly_id   1 
_em_entity_assembly_naturalsource.id                   2 
_em_entity_assembly_naturalsource.ncbi_tax_id          2697049 
_em_entity_assembly_naturalsource.organism             'Severe acute respiratory syndrome coronavirus 2' 
_em_entity_assembly_naturalsource.organelle            ? 
_em_entity_assembly_naturalsource.organ                ? 
_em_entity_assembly_naturalsource.strain               ? 
_em_entity_assembly_naturalsource.tissue               ? 
_em_entity_assembly_naturalsource.details              ? 
# 
_em_entity_assembly_recombinant.cell                 ? 
_em_entity_assembly_recombinant.entity_assembly_id   1 
_em_entity_assembly_recombinant.id                   2 
_em_entity_assembly_recombinant.ncbi_tax_id          9606 
_em_entity_assembly_recombinant.organism             'Homo sapiens' 
_em_entity_assembly_recombinant.plasmid              ? 
_em_entity_assembly_recombinant.strain               ? 
# 
_em_image_processing.details              ? 
_em_image_processing.id                   1 
_em_image_processing.image_recording_id   1 
# 
_em_image_recording.average_exposure_time               ? 
_em_image_recording.avg_electron_dose_per_subtomogram   ? 
_em_image_recording.avg_electron_dose_per_image         43.97 
_em_image_recording.details                             ? 
_em_image_recording.detector_mode                       ? 
_em_image_recording.film_or_detector_model              'TFS FALCON 4i (4k x 4k)' 
_em_image_recording.id                                  1 
_em_image_recording.imaging_id                          1 
_em_image_recording.num_diffraction_images              ? 
_em_image_recording.num_grids_imaged                    ? 
_em_image_recording.num_real_images                     ? 
# 
loop_
_em_software.category 
_em_software.details 
_em_software.id 
_em_software.image_processing_id 
_em_software.fitting_id 
_em_software.imaging_id 
_em_software.name 
_em_software.version 
'PARTICLE SELECTION'            ? 1  1 ? ? ?              ? 
'IMAGE ACQUISITION'             ? 2  ? ? 1 ?              ? 
MASKING                         ? 3  ? ? ? ?              ? 
'CTF CORRECTION'                ? 4  1 ? ? cryoSPARC      ? 
'LAYERLINE INDEXING'            ? 5  ? ? ? ?              ? 
'DIFFRACTION INDEXING'          ? 6  ? ? ? ?              ? 
'MODEL FITTING'                 ? 7  ? 1 ? 'UCSF Chimera' ? 
OTHER                           ? 8  ? ? ? ?              ? 
'IMAGE ACQUISITION'             ? 9  ? ? ? ?              ? 
'CTF CORRECTION'                ? 10 1 ? ? ?              ? 
'INITIAL EULER ASSIGNMENT'      ? 11 1 ? ? ?              ? 
'FINAL EULER ASSIGNMENT'        ? 12 1 ? ? ?              ? 
CLASSIFICATION                  ? 13 1 ? ? ?              ? 
RECONSTRUCTION                  ? 14 1 ? ? ?              ? 
'MODEL REFINEMENT'              ? 15 ? 1 ? PHENIX         ? 
'MODEL REFINEMENT'              ? 16 ? 1 ? Coot           ? 
'MODEL FITTING'                 ? 17 ? 2 ? ?              ? 
'MODEL REFINEMENT'              ? 18 ? 2 ? ?              ? 
'VOLUME SELECTION'              ? 19 1 1 1 ?              ? 
'SERIES ALIGNMENT'              ? 20 1 1 1 ?              ? 
'MOLECULAR REPLACEMENT'         ? 21 1 1 1 ?              ? 
'LATTICE DISTORTION CORRECTION' ? 22 1 1 1 ?              ? 
'SYMMETRY DETERMINATION'        ? 23 1 1 1 ?              ? 
'CRYSTALLOGRAPHY MERGING'       ? 24 1 1 1 ?              ? 
# 
_em_specimen.concentration           2.5 
_em_specimen.details                 ? 
_em_specimen.embedding_applied       NO 
_em_specimen.experiment_id           1 
_em_specimen.id                      1 
_em_specimen.shadowing_applied       NO 
_em_specimen.staining_applied        NO 
_em_specimen.vitrification_applied   YES 
# 
_pdbx_audit_support.funding_organization   
'National Institutes of Health/National Institute of General Medical Sciences (NIH/NIGMS)' 
_pdbx_audit_support.country                'United States' 
_pdbx_audit_support.grant_number           GM150187 
_pdbx_audit_support.ordinal                1 
# 
_pdbx_initial_refinement_model.id               1 
_pdbx_initial_refinement_model.entity_id_list   ? 
_pdbx_initial_refinement_model.type             'experimental model' 
_pdbx_initial_refinement_model.source_name      PDB 
_pdbx_initial_refinement_model.accession_code   9CSS 
_pdbx_initial_refinement_model.details          ? 
# 
_space_group.crystal_system   triclinic 
_space_group.name_H-M_alt     'P 1' 
_space_group.IT_number        1 
_space_group.name_Hall        'P 1' 
_space_group.id               1 
# 
_atom_sites.entry_id                    9N2L 
_atom_sites.Cartn_transf_matrix[1][1]   ? 
_atom_sites.Cartn_transf_matrix[1][2]   ? 
_atom_sites.Cartn_transf_matrix[1][3]   ? 
_atom_sites.Cartn_transf_matrix[2][1]   ? 
_atom_sites.Cartn_transf_matrix[2][2]   ? 
_atom_sites.Cartn_transf_matrix[2][3]   ? 
_atom_sites.Cartn_transf_matrix[3][1]   ? 
_atom_sites.Cartn_transf_matrix[3][2]   ? 
_atom_sites.Cartn_transf_matrix[3][3]   ? 
_atom_sites.Cartn_transf_vector[1]      ? 
_atom_sites.Cartn_transf_vector[2]      ? 
_atom_sites.Cartn_transf_vector[3]      ? 
_atom_sites.Cartn_transform_axes        ? 
_atom_sites.fract_transf_matrix[1][1]   1.000000 
_atom_sites.fract_transf_matrix[1][2]   0.000000 
_atom_sites.fract_transf_matrix[1][3]   0.000000 
_atom_sites.fract_transf_matrix[2][1]   0.000000 
_atom_sites.fract_transf_matrix[2][2]   1.000000 
_atom_sites.fract_transf_matrix[2][3]   0.000000 
_atom_sites.fract_transf_matrix[3][1]   0.000000 
_atom_sites.fract_transf_matrix[3][2]   0.000000 
_atom_sites.fract_transf_matrix[3][3]   1.000000 
_atom_sites.fract_transf_vector[1]      0.00000 
_atom_sites.fract_transf_vector[2]      0.00000 
_atom_sites.fract_transf_vector[3]      0.00000 
_atom_sites.solution_primary            ? 
_atom_sites.solution_secondary          ? 
_atom_sites.solution_hydrogens          ? 
_atom_sites.special_details             ? 
# 
loop_
_atom_type.symbol 
C 
N 
O 
S 
# 
loop_
_atom_site.group_PDB 
_atom_site.id 
_atom_site.type_symbol 
_atom_site.label_atom_id 
_atom_site.label_alt_id 
_atom_site.label_comp_id 
_atom_site.label_asym_id 
_atom_site.label_entity_id 
_atom_site.label_seq_id 
_atom_site.pdbx_PDB_ins_code 
_atom_site.Cartn_x 
_atom_site.Cartn_y 
_atom_site.Cartn_z 
_atom_site.occupancy 
_atom_site.B_iso_or_equiv 
_atom_site.pdbx_formal_charge 
_atom_site.auth_seq_id 
_atom_site.auth_comp_id 
_atom_site.auth_asym_id 
_atom_site.auth_atom_id 
_atom_site.pdbx_PDB_model_num 
ATOM 1    N N   . THR A 1 15  ? 10.40277  25.33411  -0.27278  1.000 224.70031 ? 333 THR F N   1 
ATOM 2    C CA  . THR A 1 15  ? 10.62862  24.01086  0.29305   1.000 224.70031 ? 333 THR F CA  1 
ATOM 3    C C   . THR A 1 15  ? 9.31121   23.37440  0.72287   1.000 224.70031 ? 333 THR F C   1 
ATOM 4    O O   . THR A 1 15  ? 9.12698   23.03600  1.89434   1.000 224.70031 ? 333 THR F O   1 
ATOM 5    C CB  . THR A 1 15  ? 11.60322  24.06360  1.49850   1.000 224.70031 ? 333 THR F CB  1 
ATOM 6    O OG1 . THR A 1 15  ? 11.05252  24.88417  2.53685   1.000 224.70031 ? 333 THR F OG1 1 
ATOM 7    C CG2 . THR A 1 15  ? 12.95355  24.62201  1.07663   1.000 224.70031 ? 333 THR F CG2 1 
ATOM 8    N N   . ASN A 1 16  ? 8.39688   23.22769  -0.23165  1.000 202.40931 ? 334 ASN F N   1 
ATOM 9    C CA  . ASN A 1 16  ? 7.13623   22.53800  -0.01087  1.000 202.40931 ? 334 ASN F CA  1 
ATOM 10   C C   . ASN A 1 16  ? 7.35933   21.05500  0.21392   1.000 202.40931 ? 334 ASN F C   1 
ATOM 11   O O   . ASN A 1 16  ? 8.09014   20.39070  -0.52358  1.000 202.40931 ? 334 ASN F O   1 
ATOM 12   C CB  . ASN A 1 16  ? 6.18192   22.71588  -1.18942  1.000 202.40931 ? 334 ASN F CB  1 
ATOM 13   C CG  . ASN A 1 16  ? 4.74928   22.40002  -0.81933  1.000 202.40931 ? 334 ASN F CG  1 
ATOM 14   O OD1 . ASN A 1 16  ? 4.37546   22.45130  0.35059   1.000 202.40931 ? 334 ASN F OD1 1 
ATOM 15   N ND2 . ASN A 1 16  ? 3.94690   22.03647  -1.81166  1.000 202.40931 ? 334 ASN F ND2 1 
ATOM 16   N N   . LEU A 1 17  ? 6.68124   20.53982  1.23105   1.000 165.26445 ? 335 LEU F N   1 
ATOM 17   C CA  . LEU A 1 17  ? 6.76483   19.12935  1.56517   1.000 165.26445 ? 335 LEU F CA  1 
ATOM 18   C C   . LEU A 1 17  ? 6.03332   18.28625  0.53263   1.000 165.26445 ? 335 LEU F C   1 
ATOM 19   O O   . LEU A 1 17  ? 5.15635   18.78069  -0.18254  1.000 165.26445 ? 335 LEU F O   1 
ATOM 20   C CB  . LEU A 1 17  ? 6.18402   18.87199  2.95181   1.000 165.26445 ? 335 LEU F CB  1 
ATOM 21   C CG  . LEU A 1 17  ? 7.15711   19.13675  4.08882   1.000 165.26445 ? 335 LEU F CG  1 
ATOM 22   C CD1 . LEU A 1 17  ? 6.43516   19.08695  5.41814   1.000 165.26445 ? 335 LEU F CD1 1 
ATOM 23   C CD2 . LEU A 1 17  ? 8.26315   18.10786  4.02461   1.000 165.26445 ? 335 LEU F CD2 1 
ATOM 24   N N   . CYS A 1 18  ? 6.41515   17.02463  0.43999   1.000 189.83032 ? 336 CYS F N   1 
ATOM 25   C CA  . CYS A 1 18  ? 5.62824   16.08472  -0.33183  1.000 189.83032 ? 336 CYS F CA  1 
ATOM 26   C C   . CYS A 1 18  ? 4.37081   15.73360  0.45516   1.000 189.83032 ? 336 CYS F C   1 
ATOM 27   O O   . CYS A 1 18  ? 4.47335   15.27861  1.60138   1.000 189.83032 ? 336 CYS F O   1 
ATOM 28   C CB  . CYS A 1 18  ? 6.44414   14.83997  -0.63921  1.000 189.83032 ? 336 CYS F CB  1 
ATOM 29   S SG  . CYS A 1 18  ? 7.76813   15.17123  -1.78791  1.000 189.83032 ? 336 CYS F SG  1 
ATOM 30   N N   . PRO A 1 19  ? 3.17592   15.92899  -0.11388  1.000 214.18369 ? 337 PRO F N   1 
ATOM 31   C CA  . PRO A 1 19  ? 1.92393   15.91349  0.67861   1.000 214.18369 ? 337 PRO F CA  1 
ATOM 32   C C   . PRO A 1 19  ? 1.47671   14.51005  1.07361   1.000 214.18369 ? 337 PRO F C   1 
ATOM 33   O O   . PRO A 1 19  ? 0.69492   13.82706  0.41050   1.000 214.18369 ? 337 PRO F O   1 
ATOM 34   C CB  . PRO A 1 19  ? 0.94111   16.62612  -0.25525  1.000 214.18369 ? 337 PRO F CB  1 
ATOM 35   C CG  . PRO A 1 19  ? 1.43178   16.33081  -1.62398  1.000 214.18369 ? 337 PRO F CG  1 
ATOM 36   C CD  . PRO A 1 19  ? 2.92706   16.20388  -1.54142  1.000 214.18369 ? 337 PRO F CD  1 
ATOM 37   N N   . PHE A 1 20  ? 2.00670   14.05554  2.20462   1.000 213.46720 ? 338 PHE F N   1 
ATOM 38   C CA  . PHE A 1 20  ? 1.76296   12.69078  2.65563   1.000 213.46720 ? 338 PHE F CA  1 
ATOM 39   C C   . PHE A 1 20  ? 0.67175   12.61969  3.70716   1.000 213.46720 ? 338 PHE F C   1 
ATOM 40   O O   . PHE A 1 20  ? 0.33498   11.52211  4.16334   1.000 213.46720 ? 338 PHE F O   1 
ATOM 41   C CB  . PHE A 1 20  ? 3.05160   12.07801  3.20694   1.000 213.46720 ? 338 PHE F CB  1 
ATOM 42   C CG  . PHE A 1 20  ? 4.11867   11.81599  2.17079   1.000 213.46720 ? 338 PHE F CG  1 
ATOM 43   C CD1 . PHE A 1 20  ? 3.83531   11.81710  0.80076   1.000 213.46720 ? 338 PHE F CD1 1 
ATOM 44   C CD2 . PHE A 1 20  ? 5.43057   11.61778  2.57882   1.000 213.46720 ? 338 PHE F CD2 1 
ATOM 45   C CE1 . PHE A 1 20  ? 4.82967   11.58605  -0.12903  1.000 213.46720 ? 338 PHE F CE1 1 
ATOM 46   C CE2 . PHE A 1 20  ? 6.43431   11.39286  1.65368   1.000 213.46720 ? 338 PHE F CE2 1 
ATOM 47   C CZ  . PHE A 1 20  ? 6.13065   11.37154  0.29761   1.000 213.46720 ? 338 PHE F CZ  1 
ATOM 48   N N   . GLY A 1 21  ? 0.14341   13.77105  4.12247   1.000 235.16610 ? 339 GLY F N   1 
ATOM 49   C CA  . GLY A 1 21  ? -0.94828  13.77317  5.07918   1.000 235.16610 ? 339 GLY F CA  1 
ATOM 50   C C   . GLY A 1 21  ? -2.22556  13.21495  4.49105   1.000 235.16610 ? 339 GLY F C   1 
ATOM 51   O O   . GLY A 1 21  ? -2.94604  12.46478  5.14734   1.000 235.16610 ? 339 GLY F O   1 
ATOM 52   N N   . GLU A 1 22  ? -2.50036  13.53704  3.23085   1.000 243.64390 ? 340 GLU F N   1 
ATOM 53   C CA  . GLU A 1 22  ? -3.63631  12.92883  2.55836   1.000 243.64390 ? 340 GLU F CA  1 
ATOM 54   C C   . GLU A 1 22  ? -3.29869  11.55697  2.00235   1.000 243.64390 ? 340 GLU F C   1 
ATOM 55   O O   . GLU A 1 22  ? -4.19998  10.84225  1.55982   1.000 243.64390 ? 340 GLU F O   1 
ATOM 56   C CB  . GLU A 1 22  ? -4.13984  13.83448  1.43448   1.000 243.64390 ? 340 GLU F CB  1 
ATOM 57   C CG  . GLU A 1 22  ? -3.34011  13.74778  0.14778   1.000 243.64390 ? 340 GLU F CG  1 
ATOM 58   C CD  . GLU A 1 22  ? -2.27920  14.81830  0.02840   1.000 243.64390 ? 340 GLU F CD  1 
ATOM 59   O OE1 . GLU A 1 22  ? -1.89464  15.41086  1.05767   1.000 243.64390 ? 340 GLU F OE1 1 
ATOM 60   O OE2 . GLU A 1 22  ? -1.83680  15.06891  -1.11028  1.000 243.64390 ? 340 GLU F OE2 1 
ATOM 61   N N   . VAL A 1 23  ? -2.02724  11.18008  1.99911   1.000 198.58634 ? 341 VAL F N   1 
ATOM 62   C CA  . VAL A 1 23  ? -1.65417  9.82735   1.62515   1.000 198.58634 ? 341 VAL F CA  1 
ATOM 63   C C   . VAL A 1 23  ? -1.88526  8.86749   2.77506   1.000 198.58634 ? 341 VAL F C   1 
ATOM 64   O O   . VAL A 1 23  ? -2.60404  7.87498   2.63799   1.000 198.58634 ? 341 VAL F O   1 
ATOM 65   C CB  . VAL A 1 23  ? -0.18872  9.80242   1.15193   1.000 198.58634 ? 341 VAL F CB  1 
ATOM 66   C CG1 . VAL A 1 23  ? 0.28958   8.37173   0.96520   1.000 198.58634 ? 341 VAL F CG1 1 
ATOM 67   C CG2 . VAL A 1 23  ? -0.05137  10.59146  -0.13483  1.000 198.58634 ? 341 VAL F CG2 1 
ATOM 68   N N   . PHE A 1 24  ? -1.29789  9.16931   3.92868   1.000 193.60601 ? 342 PHE F N   1 
ATOM 69   C CA  . PHE A 1 24  ? -1.47453  8.32136   5.09421   1.000 193.60601 ? 342 PHE F CA  1 
ATOM 70   C C   . PHE A 1 24  ? -2.84328  8.50049   5.73758   1.000 193.60601 ? 342 PHE F C   1 
ATOM 71   O O   . PHE A 1 24  ? -3.55399  7.51001   5.94049   1.000 193.60601 ? 342 PHE F O   1 
ATOM 72   C CB  . PHE A 1 24  ? -0.36717  8.59654   6.10853   1.000 193.60601 ? 342 PHE F CB  1 
ATOM 73   C CG  . PHE A 1 24  ? -0.68406  8.11783   7.49195   1.000 193.60601 ? 342 PHE F CG  1 
ATOM 74   C CD1 . PHE A 1 24  ? -0.78453  6.75609   7.77537   1.000 193.60601 ? 342 PHE F CD1 1 
ATOM 75   C CD2 . PHE A 1 24  ? -0.86293  9.03250   8.51981   1.000 193.60601 ? 342 PHE F CD2 1 
ATOM 76   C CE1 . PHE A 1 24  ? -1.09176  6.32497   9.05305   1.000 193.60601 ? 342 PHE F CE1 1 
ATOM 77   C CE2 . PHE A 1 24  ? -1.15140  8.60321   9.80303   1.000 193.60601 ? 342 PHE F CE2 1 
ATOM 78   C CZ  . PHE A 1 24  ? -1.27030  7.25004   10.06809  1.000 193.60601 ? 342 PHE F CZ  1 
ATOM 79   N N   . ASN A 1 25  ? -3.23993  9.73101   6.05743   1.000 220.30929 ? 343 ASN F N   1 
ATOM 80   C CA  . ASN A 1 25  ? -4.47092  9.96106   6.80286   1.000 220.30929 ? 343 ASN F CA  1 
ATOM 81   C C   . ASN A 1 25  ? -5.65712  10.24893  5.89684   1.000 220.30929 ? 343 ASN F C   1 
ATOM 82   O O   . ASN A 1 25  ? -6.48603  11.10321  6.22354   1.000 220.30929 ? 343 ASN F O   1 
ATOM 83   C CB  . ASN A 1 25  ? -4.29574  11.09142  7.81549   1.000 220.30929 ? 343 ASN F CB  1 
ATOM 84   C CG  . ASN A 1 25  ? -3.86840  10.59363  9.16389   1.000 220.30929 ? 343 ASN F CG  1 
ATOM 85   O OD1 . ASN A 1 25  ? -4.23567  9.49462   9.57312   1.000 220.30929 ? 343 ASN F OD1 1 
ATOM 86   N ND2 . ASN A 1 25  ? -3.05604  11.37916  9.85454   1.000 220.30929 ? 343 ASN F ND2 1 
ATOM 87   N N   . ALA A 1 26  ? -5.74399  9.57358   4.75389   1.000 257.11910 ? 344 ALA F N   1 
ATOM 88   C CA  . ALA A 1 26  ? -6.98013  9.60369   3.98917   1.000 257.11910 ? 344 ALA F CA  1 
ATOM 89   C C   . ALA A 1 26  ? -8.05794  8.82113   4.72132   1.000 257.11910 ? 344 ALA F C   1 
ATOM 90   O O   . ALA A 1 26  ? -7.80252  7.74976   5.28047   1.000 257.11910 ? 344 ALA F O   1 
ATOM 91   C CB  . ALA A 1 26  ? -6.77790  9.02658   2.59134   1.000 257.11910 ? 344 ALA F CB  1 
ATOM 92   N N   . THR A 1 27  ? -9.26467  9.38741   4.73390   1.000 253.40775 ? 345 THR F N   1 
ATOM 93   C CA  . THR A 1 27  ? -10.39039 8.73179   5.37998   1.000 253.40775 ? 345 THR F CA  1 
ATOM 94   C C   . THR A 1 27  ? -10.83863 7.50829   4.60280   1.000 253.40775 ? 345 THR F C   1 
ATOM 95   O O   . THR A 1 27  ? -11.12915 6.46915   5.20312   1.000 253.40775 ? 345 THR F O   1 
ATOM 96   C CB  . THR A 1 27  ? -11.54514 9.71165   5.52175   1.000 253.40775 ? 345 THR F CB  1 
ATOM 97   O OG1 . THR A 1 27  ? -11.95993 10.13769  4.21967   1.000 253.40775 ? 345 THR F OG1 1 
ATOM 98   C CG2 . THR A 1 27  ? -11.09272 10.92129  6.30840   1.000 253.40775 ? 345 THR F CG2 1 
ATOM 99   N N   . ARG A 1 28  ? -10.88552 7.60044   3.27728   1.000 279.52917 ? 346 ARG F N   1 
ATOM 100  C CA  . ARG A 1 28  ? -11.21796 6.43934   2.47088   1.000 279.52917 ? 346 ARG F CA  1 
ATOM 101  C C   . ARG A 1 28  ? -10.12145 6.16935   1.46105   1.000 279.52917 ? 346 ARG F C   1 
ATOM 102  O O   . ARG A 1 28  ? -9.74799  7.04429   0.67486   1.000 279.52917 ? 346 ARG F O   1 
ATOM 103  C CB  . ARG A 1 28  ? -12.56345 6.58998   1.75660   1.000 279.52917 ? 346 ARG F CB  1 
ATOM 104  C CG  . ARG A 1 28  ? -13.80223 6.65833   2.66188   1.000 279.52917 ? 346 ARG F CG  1 
ATOM 105  C CD  . ARG A 1 28  ? -14.10993 5.35422   3.42547   1.000 279.52917 ? 346 ARG F CD  1 
ATOM 106  N NE  . ARG A 1 28  ? -13.41442 5.25599   4.70813   1.000 279.52917 ? 346 ARG F NE  1 
ATOM 107  C CZ  . ARG A 1 28  ? -13.30286 4.14867   5.42716   1.000 279.52917 ? 346 ARG F CZ  1 
ATOM 108  N NH1 . ARG A 1 28  ? -13.75411 2.98793   4.98391   1.000 279.52917 ? 346 ARG F NH1 1 
ATOM 109  N NH2 . ARG A 1 28  ? -12.70528 4.20277   6.61438   1.000 279.52917 ? 346 ARG F NH2 1 
ATOM 110  N N   . PHE A 1 29  ? -9.61978  4.94732   1.50386   1.000 224.28570 ? 347 PHE F N   1 
ATOM 111  C CA  . PHE A 1 29  ? -8.67957  4.40262   0.54435   1.000 224.28570 ? 347 PHE F CA  1 
ATOM 112  C C   . PHE A 1 29  ? -9.48102  3.74634   -0.57674  1.000 224.28570 ? 347 PHE F C   1 
ATOM 113  O O   . PHE A 1 29  ? -10.66466 4.02948   -0.77176  1.000 224.28570 ? 347 PHE F O   1 
ATOM 114  C CB  . PHE A 1 29  ? -7.75953  3.39424   1.23852   1.000 224.28570 ? 347 PHE F CB  1 
ATOM 115  C CG  . PHE A 1 29  ? -6.49337  3.98833   1.82156   1.000 224.28570 ? 347 PHE F CG  1 
ATOM 116  C CD1 . PHE A 1 29  ? -6.49735  5.23577   2.44555   1.000 224.28570 ? 347 PHE F CD1 1 
ATOM 117  C CD2 . PHE A 1 29  ? -5.31385  3.25045   1.82179   1.000 224.28570 ? 347 PHE F CD2 1 
ATOM 118  C CE1 . PHE A 1 29  ? -5.33382  5.75626   3.00523   1.000 224.28570 ? 347 PHE F CE1 1 
ATOM 119  C CE2 . PHE A 1 29  ? -4.15116  3.76410   2.39133   1.000 224.28570 ? 347 PHE F CE2 1 
ATOM 120  C CZ  . PHE A 1 29  ? -4.16438  5.02261   2.97210   1.000 224.28570 ? 347 PHE F CZ  1 
ATOM 121  N N   . ALA A 1 30  ? -8.83409  2.85657   -1.31978  1.000 280.05759 ? 348 ALA F N   1 
ATOM 122  C CA  . ALA A 1 30  ? -9.55535  2.15001   -2.36853  1.000 280.05759 ? 348 ALA F CA  1 
ATOM 123  C C   . ALA A 1 30  ? -9.54335  0.64204   -2.17502  1.000 280.05759 ? 348 ALA F C   1 
ATOM 124  O O   . ALA A 1 30  ? -8.84933  0.10117   -1.30856  1.000 280.05759 ? 348 ALA F O   1 
ATOM 125  C CB  . ALA A 1 30  ? -8.96874  2.45337   -3.73565  1.000 280.05759 ? 348 ALA F CB  1 
ATOM 126  N N   . SER A 1 31  ? -10.31871 -0.03323  -3.02105  1.000 283.38647 ? 349 SER F N   1 
ATOM 127  C CA  . SER A 1 31  ? -10.24977 -1.47840  -3.11982  1.000 283.38647 ? 349 SER F CA  1 
ATOM 128  C C   . SER A 1 31  ? -8.94182  -1.89210  -3.77202  1.000 283.38647 ? 349 SER F C   1 
ATOM 129  O O   . SER A 1 31  ? -8.28796  -1.11382  -4.47057  1.000 283.38647 ? 349 SER F O   1 
ATOM 130  C CB  . SER A 1 31  ? -11.42609 -2.02867  -3.92181  1.000 283.38647 ? 349 SER F CB  1 
ATOM 131  O OG  . SER A 1 31  ? -12.65842 -1.82412  -3.25695  1.000 283.38647 ? 349 SER F OG  1 
ATOM 132  N N   . VAL A 1 32  ? -8.57268  -3.14768  -3.54340  1.000 323.46110 ? 350 VAL F N   1 
ATOM 133  C CA  . VAL A 1 32  ? -7.25783  -3.62726  -3.93773  1.000 323.46110 ? 350 VAL F CA  1 
ATOM 134  C C   . VAL A 1 32  ? -7.21237  -3.92779  -5.43927  1.000 323.46110 ? 350 VAL F C   1 
ATOM 135  O O   . VAL A 1 32  ? -6.13109  -4.00349  -6.03685  1.000 323.46110 ? 350 VAL F O   1 
ATOM 136  C CB  . VAL A 1 32  ? -6.91705  -4.82674  -3.02751  1.000 323.46110 ? 350 VAL F CB  1 
ATOM 137  C CG1 . VAL A 1 32  ? -7.83663  -5.99841  -3.30741  1.000 323.46110 ? 350 VAL F CG1 1 
ATOM 138  C CG2 . VAL A 1 32  ? -5.43444  -5.20797  -3.07231  1.000 323.46110 ? 350 VAL F CG2 1 
ATOM 139  N N   . TYR A 1 33  ? -8.37483  -4.04568  -6.08780  1.000 319.91856 ? 351 TYR F N   1 
ATOM 140  C CA  . TYR A 1 33  ? -8.41183  -4.20776  -7.53830  1.000 319.91856 ? 351 TYR F CA  1 
ATOM 141  C C   . TYR A 1 33  ? -8.47620  -2.87114  -8.26395  1.000 319.91856 ? 351 TYR F C   1 
ATOM 142  O O   . TYR A 1 33  ? -8.48694  -2.84646  -9.49867  1.000 319.91856 ? 351 TYR F O   1 
ATOM 143  C CB  . TYR A 1 33  ? -9.59828  -5.09107  -7.92208  1.000 319.91856 ? 351 TYR F CB  1 
ATOM 144  C CG  . TYR A 1 33  ? -10.89253 -4.34759  -8.12128  1.000 319.91856 ? 351 TYR F CG  1 
ATOM 145  C CD1 . TYR A 1 33  ? -11.58485 -3.82880  -7.03408  1.000 319.91856 ? 351 TYR F CD1 1 
ATOM 146  C CD2 . TYR A 1 33  ? -11.46310 -4.23289  -9.38514  1.000 319.91856 ? 351 TYR F CD2 1 
ATOM 147  C CE1 . TYR A 1 33  ? -12.77717 -3.15207  -7.20587  1.000 319.91856 ? 351 TYR F CE1 1 
ATOM 148  C CE2 . TYR A 1 33  ? -12.66285 -3.57315  -9.56881  1.000 319.91856 ? 351 TYR F CE2 1 
ATOM 149  C CZ  . TYR A 1 33  ? -13.31496 -3.03994  -8.47579  1.000 319.91856 ? 351 TYR F CZ  1 
ATOM 150  O OH  . TYR A 1 33  ? -14.50542 -2.38577  -8.66275  1.000 319.91856 ? 351 TYR F OH  1 
ATOM 151  N N   . ALA A 1 34  ? -8.55149  -1.76962  -7.52322  1.000 290.23013 ? 352 ALA F N   1 
ATOM 152  C CA  . ALA A 1 34  ? -8.53316  -0.43185  -8.09583  1.000 290.23013 ? 352 ALA F CA  1 
ATOM 153  C C   . ALA A 1 34  ? -7.62585  0.47639   -7.27620  1.000 290.23013 ? 352 ALA F C   1 
ATOM 154  O O   . ALA A 1 34  ? -8.04876  1.56573   -6.87354  1.000 290.23013 ? 352 ALA F O   1 
ATOM 155  C CB  . ALA A 1 34  ? -9.94764  0.13821   -8.16725  1.000 290.23013 ? 352 ALA F CB  1 
ATOM 156  N N   . TRP A 1 35  ? -6.39915  0.01726   -7.00627  1.000 276.12880 ? 353 TRP F N   1 
ATOM 157  C CA  . TRP A 1 35  ? -5.53295  0.63519   -6.00416  1.000 276.12880 ? 353 TRP F CA  1 
ATOM 158  C C   . TRP A 1 35  ? -5.04193  2.01432   -6.43304  1.000 276.12880 ? 353 TRP F C   1 
ATOM 159  O O   . TRP A 1 35  ? -4.64215  2.22112   -7.58020  1.000 276.12880 ? 353 TRP F O   1 
ATOM 160  C CB  . TRP A 1 35  ? -4.33820  -0.27792  -5.70745  1.000 276.12880 ? 353 TRP F CB  1 
ATOM 161  C CG  . TRP A 1 35  ? -3.69670  -0.93708  -6.90232  1.000 276.12880 ? 353 TRP F CG  1 
ATOM 162  C CD1 . TRP A 1 35  ? -4.03086  -2.13982  -7.44582  1.000 276.12880 ? 353 TRP F CD1 1 
ATOM 163  C CD2 . TRP A 1 35  ? -2.58356  -0.45350  -7.66388  1.000 276.12880 ? 353 TRP F CD2 1 
ATOM 164  N NE1 . TRP A 1 35  ? -3.21671  -2.42618  -8.51092  1.000 276.12880 ? 353 TRP F NE1 1 
ATOM 165  C CE2 . TRP A 1 35  ? -2.31617  -1.40766  -8.66454  1.000 276.12880 ? 353 TRP F CE2 1 
ATOM 166  C CE3 . TRP A 1 35  ? -1.79254  0.69511   -7.60223  1.000 276.12880 ? 353 TRP F CE3 1 
ATOM 167  C CZ2 . TRP A 1 35  ? -1.29600  -1.24540  -9.59793  1.000 276.12880 ? 353 TRP F CZ2 1 
ATOM 168  C CZ3 . TRP A 1 35  ? -0.78390  0.85520   -8.52879  1.000 276.12880 ? 353 TRP F CZ3 1 
ATOM 169  C CH2 . TRP A 1 35  ? -0.54246  -0.10928  -9.51277  1.000 276.12880 ? 353 TRP F CH2 1 
ATOM 170  N N   . ASN A 1 36  ? -5.07860  2.96653   -5.49959  1.000 306.76966 ? 354 ASN F N   1 
ATOM 171  C CA  . ASN A 1 36  ? -4.76748  4.34796   -5.85179  1.000 306.76966 ? 354 ASN F CA  1 
ATOM 172  C C   . ASN A 1 36  ? -3.27602  4.59865   -5.92273  1.000 306.76966 ? 354 ASN F C   1 
ATOM 173  O O   . ASN A 1 36  ? -2.56765  4.55347   -4.91536  1.000 306.76966 ? 354 ASN F O   1 
ATOM 174  C CB  . ASN A 1 36  ? -5.41575  5.31529   -4.87207  1.000 306.76966 ? 354 ASN F CB  1 
ATOM 175  C CG  . ASN A 1 36  ? -6.89414  5.15437   -4.83033  1.000 306.76966 ? 354 ASN F CG  1 
ATOM 176  O OD1 . ASN A 1 36  ? -7.46771  4.54835   -5.73344  1.000 306.76966 ? 354 ASN F OD1 1 
ATOM 177  N ND2 . ASN A 1 36  ? -7.52755  5.64559   -3.77150  1.000 306.76966 ? 354 ASN F ND2 1 
ATOM 178  N N   . ARG A 1 37  ? -2.81265  4.86748   -7.13316  1.000 256.97077 ? 355 ARG F N   1 
ATOM 179  C CA  . ARG A 1 37  ? -1.43034  5.20836   -7.39627  1.000 256.97077 ? 355 ARG F CA  1 
ATOM 180  C C   . ARG A 1 37  ? -1.36304  6.71738   -7.54721  1.000 256.97077 ? 355 ARG F C   1 
ATOM 181  O O   . ARG A 1 37  ? -2.10437  7.30239   -8.34352  1.000 256.97077 ? 355 ARG F O   1 
ATOM 182  C CB  . ARG A 1 37  ? -0.93824  4.51645   -8.66252  1.000 256.97077 ? 355 ARG F CB  1 
ATOM 183  C CG  . ARG A 1 37  ? 0.25580   5.15198   -9.32578  1.000 256.97077 ? 355 ARG F CG  1 
ATOM 184  C CD  . ARG A 1 37  ? 1.02692   4.08980   -10.07156 1.000 256.97077 ? 355 ARG F CD  1 
ATOM 185  N NE  . ARG A 1 37  ? 1.64361   3.10154   -9.19813  1.000 256.97077 ? 355 ARG F NE  1 
ATOM 186  C CZ  . ARG A 1 37  ? 2.26720   2.01976   -9.64175  1.000 256.97077 ? 355 ARG F CZ  1 
ATOM 187  N NH1 . ARG A 1 37  ? 2.34952   1.75333   -10.93331 1.000 256.97077 ? 355 ARG F NH1 1 
ATOM 188  N NH2 . ARG A 1 37  ? 2.80658   1.17525   -8.76931  1.000 256.97077 ? 355 ARG F NH2 1 
ATOM 189  N N   . LYS A 1 38  ? -0.50873  7.34603   -6.75957  1.000 171.65988 ? 356 LYS F N   1 
ATOM 190  C CA  . LYS A 1 38  ? -0.27420  8.77533   -6.85461  1.000 171.65988 ? 356 LYS F CA  1 
ATOM 191  C C   . LYS A 1 38  ? 1.20117   8.96988   -7.14777  1.000 171.65988 ? 356 LYS F C   1 
ATOM 192  O O   . LYS A 1 38  ? 2.05333   8.49967   -6.38718  1.000 171.65988 ? 356 LYS F O   1 
ATOM 193  C CB  . LYS A 1 38  ? -0.68555  9.47719   -5.56202  1.000 171.65988 ? 356 LYS F CB  1 
ATOM 194  C CG  . LYS A 1 38  ? -0.59789  10.98835  -5.58696  1.000 171.65988 ? 356 LYS F CG  1 
ATOM 195  C CD  . LYS A 1 38  ? -1.18482  11.55580  -4.29728  1.000 171.65988 ? 356 LYS F CD  1 
ATOM 196  C CE  . LYS A 1 38  ? -0.97950  13.06037  -4.16832  1.000 171.65988 ? 356 LYS F CE  1 
ATOM 197  N NZ  . LYS A 1 38  ? -1.73003  13.84020  -5.18607  1.000 171.65988 ? 356 LYS F NZ  1 
ATOM 198  N N   . ARG A 1 39  ? 1.50481   9.62004   -8.26353  1.000 172.87573 ? 357 ARG F N   1 
ATOM 199  C CA  . ARG A 1 39  ? 2.88557   9.97095   -8.53684  1.000 172.87573 ? 357 ARG F CA  1 
ATOM 200  C C   . ARG A 1 39  ? 3.26790   11.16428  -7.67499  1.000 172.87573 ? 357 ARG F C   1 
ATOM 201  O O   . ARG A 1 39  ? 2.44477   12.04314  -7.39632  1.000 172.87573 ? 357 ARG F O   1 
ATOM 202  C CB  . ARG A 1 39  ? 3.11987   10.26202  -10.02176 1.000 172.87573 ? 357 ARG F CB  1 
ATOM 203  C CG  . ARG A 1 39  ? 2.35775   11.43354  -10.60922 1.000 172.87573 ? 357 ARG F CG  1 
ATOM 204  C CD  . ARG A 1 39  ? 2.69420   11.62505  -12.07724 1.000 172.87573 ? 357 ARG F CD  1 
ATOM 205  N NE  . ARG A 1 39  ? 4.07457   12.05713  -12.27644 1.000 172.87573 ? 357 ARG F NE  1 
ATOM 206  C CZ  . ARG A 1 39  ? 4.48121   13.32035  -12.23104 1.000 172.87573 ? 357 ARG F CZ  1 
ATOM 207  N NH1 . ARG A 1 39  ? 3.63403   14.31367  -12.01982 1.000 172.87573 ? 357 ARG F NH1 1 
ATOM 208  N NH2 . ARG A 1 39  ? 5.77022   13.59460  -12.40686 1.000 172.87573 ? 357 ARG F NH2 1 
ATOM 209  N N   . ILE A 1 40  ? 4.49918   11.14117  -7.18830  1.000 229.81653 ? 358 ILE F N   1 
ATOM 210  C CA  . ILE A 1 40  ? 5.07782   12.20110  -6.38422  1.000 229.81653 ? 358 ILE F CA  1 
ATOM 211  C C   . ILE A 1 40  ? 6.35327   12.64447  -7.08034  1.000 229.81653 ? 358 ILE F C   1 
ATOM 212  O O   . ILE A 1 40  ? 7.24329   11.82080  -7.35833  1.000 229.81653 ? 358 ILE F O   1 
ATOM 213  C CB  . ILE A 1 40  ? 5.36263   11.73906  -4.94448  1.000 229.81653 ? 358 ILE F CB  1 
ATOM 214  C CG1 . ILE A 1 40  ? 4.07651   11.29868  -4.24119  1.000 229.81653 ? 358 ILE F CG1 1 
ATOM 215  C CG2 . ILE A 1 40  ? 6.03696   12.84649  -4.15479  1.000 229.81653 ? 358 ILE F CG2 1 
ATOM 216  C CD1 . ILE A 1 40  ? 3.03602   12.38097  -4.12314  1.000 229.81653 ? 358 ILE F CD1 1 
ATOM 217  N N   . SER A 1 41  ? 6.40939   13.93738  -7.39634  1.000 278.63757 ? 359 SER F N   1 
ATOM 218  C CA  . SER A 1 41  ? 7.57940   14.60543  -7.93773  1.000 278.63757 ? 359 SER F CA  1 
ATOM 219  C C   . SER A 1 41  ? 7.71941   15.93814  -7.21837  1.000 278.63757 ? 359 SER F C   1 
ATOM 220  O O   . SER A 1 41  ? 6.87098   16.29898  -6.40026  1.000 278.63757 ? 359 SER F O   1 
ATOM 221  C CB  . SER A 1 41  ? 7.47464   14.80728  -9.45586  1.000 278.63757 ? 359 SER F CB  1 
ATOM 222  O OG  . SER A 1 41  ? 7.69096   13.59143  -10.15438 1.000 278.63757 ? 359 SER F OG  1 
ATOM 223  N N   . ASN A 1 42  ? 8.84687   16.60535  -7.50298  1.000 282.67734 ? 360 ASN F N   1 
ATOM 224  C CA  . ASN A 1 42  ? 9.23429   18.01040  -7.22875  1.000 282.67734 ? 360 ASN F CA  1 
ATOM 225  C C   . ASN A 1 42  ? 8.80876   18.57013  -5.86202  1.000 282.67734 ? 360 ASN F C   1 
ATOM 226  O O   . ASN A 1 42  ? 8.22718   19.65093  -5.74756  1.000 282.67734 ? 360 ASN F O   1 
ATOM 227  C CB  . ASN A 1 42  ? 8.81541   18.94355  -8.38818  1.000 282.67734 ? 360 ASN F CB  1 
ATOM 228  C CG  . ASN A 1 42  ? 7.30249   18.97469  -8.69703  1.000 282.67734 ? 360 ASN F CG  1 
ATOM 229  O OD1 . ASN A 1 42  ? 6.44392   18.71785  -7.86360  1.000 282.67734 ? 360 ASN F OD1 1 
ATOM 230  N ND2 . ASN A 1 42  ? 6.99171   19.31964  -9.93964  1.000 282.67734 ? 360 ASN F ND2 1 
ATOM 231  N N   . CYS A 1 43  ? 9.15681   17.82815  -4.81681  1.000 223.49182 ? 361 CYS F N   1 
ATOM 232  C CA  . CYS A 1 43  ? 9.01457   18.30062  -3.44357  1.000 223.49182 ? 361 CYS F CA  1 
ATOM 233  C C   . CYS A 1 43  ? 10.07391  17.63108  -2.58246  1.000 223.49182 ? 361 CYS F C   1 
ATOM 234  O O   . CYS A 1 43  ? 10.80789  16.74917  -3.03522  1.000 223.49182 ? 361 CYS F O   1 
ATOM 235  C CB  . CYS A 1 43  ? 7.59698   18.06387  -2.90270  1.000 223.49182 ? 361 CYS F CB  1 
ATOM 236  S SG  . CYS A 1 43  ? 6.90452   16.40363  -3.13492  1.000 223.49182 ? 361 CYS F SG  1 
ATOM 237  N N   . VAL A 1 44  ? 10.14648  18.06951  -1.33134  1.000 217.85378 ? 362 VAL F N   1 
ATOM 238  C CA  . VAL A 1 44  ? 11.02657  17.47448  -0.33701  1.000 217.85378 ? 362 VAL F CA  1 
ATOM 239  C C   . VAL A 1 44  ? 10.17223  16.52918  0.49840   1.000 217.85378 ? 362 VAL F C   1 
ATOM 240  O O   . VAL A 1 44  ? 9.00419   16.82019  0.78078   1.000 217.85378 ? 362 VAL F O   1 
ATOM 241  C CB  . VAL A 1 44  ? 11.74957  18.55225  0.50460   1.000 217.85378 ? 362 VAL F CB  1 
ATOM 242  C CG1 . VAL A 1 44  ? 10.79002  19.53067  1.19980   1.000 217.85378 ? 362 VAL F CG1 1 
ATOM 243  C CG2 . VAL A 1 44  ? 12.73175  17.93850  1.50261   1.000 217.85378 ? 362 VAL F CG2 1 
ATOM 244  N N   . ALA A 1 45  ? 10.70666  15.35137  0.79724   1.000 245.63754 ? 363 ALA F N   1 
ATOM 245  C CA  . ALA A 1 45  ? 9.96479   14.34088  1.53338   1.000 245.63754 ? 363 ALA F CA  1 
ATOM 246  C C   . ALA A 1 45  ? 10.78045  13.88540  2.73072   1.000 245.63754 ? 363 ALA F C   1 
ATOM 247  O O   . ALA A 1 45  ? 11.99741  13.70244  2.62165   1.000 245.63754 ? 363 ALA F O   1 
ATOM 248  C CB  . ALA A 1 45  ? 9.63148   13.16639  0.62633   1.000 245.63754 ? 363 ALA F CB  1 
ATOM 249  N N   . ASP A 1 46  ? 10.11684  13.70839  3.87047   1.000 188.37118 ? 364 ASP F N   1 
ATOM 250  C CA  . ASP A 1 46  ? 10.79267  13.22907  5.07128   1.000 188.37118 ? 364 ASP F CA  1 
ATOM 251  C C   . ASP A 1 46  ? 10.31696  11.81205  5.36756   1.000 188.37118 ? 364 ASP F C   1 
ATOM 252  O O   . ASP A 1 46  ? 9.12082   11.52419  5.42333   1.000 188.37118 ? 364 ASP F O   1 
ATOM 253  C CB  . ASP A 1 46  ? 10.58035  14.15870  6.25353   1.000 188.37118 ? 364 ASP F CB  1 
ATOM 254  C CG  . ASP A 1 46  ? 11.38863  13.73024  7.45298   1.000 188.37118 ? 364 ASP F CG  1 
ATOM 255  O OD1 . ASP A 1 46  ? 12.52659  13.26473  7.24603   1.000 188.37118 ? 364 ASP F OD1 1 
ATOM 256  O OD2 . ASP A 1 46  ? 10.92573  13.89555  8.59506   1.000 188.37118 ? 364 ASP F OD2 1 
ATOM 257  N N   . TYR A 1 47  ? 11.29148  10.92079  5.53676   1.000 213.10380 ? 365 TYR F N   1 
ATOM 258  C CA  . TYR A 1 47  ? 11.09954  9.47969   5.64609   1.000 213.10380 ? 365 TYR F CA  1 
ATOM 259  C C   . TYR A 1 47  ? 11.44658  8.96409   7.02643   1.000 213.10380 ? 365 TYR F C   1 
ATOM 260  O O   . TYR A 1 47  ? 10.88125  7.95390   7.46356   1.000 213.10380 ? 365 TYR F O   1 
ATOM 261  C CB  . TYR A 1 47  ? 11.96105  8.80233   4.57711   1.000 213.10380 ? 365 TYR F CB  1 
ATOM 262  C CG  . TYR A 1 47  ? 11.51069  9.03384   3.14290   1.000 213.10380 ? 365 TYR F CG  1 
ATOM 263  C CD1 . TYR A 1 47  ? 10.23663  9.52415   2.84503   1.000 213.10380 ? 365 TYR F CD1 1 
ATOM 264  C CD2 . TYR A 1 47  ? 12.42047  8.92807   2.09804   1.000 213.10380 ? 365 TYR F CD2 1 
ATOM 265  C CE1 . TYR A 1 47  ? 9.84589   9.74881   1.55786   1.000 213.10380 ? 365 TYR F CE1 1 
ATOM 266  C CE2 . TYR A 1 47  ? 12.04582  9.18142   0.79139   1.000 213.10380 ? 365 TYR F CE2 1 
ATOM 267  C CZ  . TYR A 1 47  ? 10.75985  9.60675   0.53159   1.000 213.10380 ? 365 TYR F CZ  1 
ATOM 268  O OH  . TYR A 1 47  ? 10.37415  9.86155   -0.76521  1.000 213.10380 ? 365 TYR F OH  1 
ATOM 269  N N   . SER A 1 48  ? 12.34686  9.65086   7.71960   1.000 216.92798 ? 366 SER F N   1 
ATOM 270  C CA  . SER A 1 48  ? 12.73722  9.30569   9.07263   1.000 216.92798 ? 366 SER F CA  1 
ATOM 271  C C   . SER A 1 48  ? 11.60856  9.50275   10.06951  1.000 216.92798 ? 366 SER F C   1 
ATOM 272  O O   . SER A 1 48  ? 11.54183  8.76641   11.05571  1.000 216.92798 ? 366 SER F O   1 
ATOM 273  C CB  . SER A 1 48  ? 13.95460  10.13029  9.49264   1.000 216.92798 ? 366 SER F CB  1 
ATOM 274  O OG  . SER A 1 48  ? 13.62773  11.50354  9.56285   1.000 216.92798 ? 366 SER F OG  1 
ATOM 275  N N   . VAL A 1 49  ? 10.70178  10.45090  9.82083   1.000 215.19498 ? 367 VAL F N   1 
ATOM 276  C CA  . VAL A 1 49  ? 9.55075   10.58217  10.70193  1.000 215.19498 ? 367 VAL F CA  1 
ATOM 277  C C   . VAL A 1 49  ? 8.56725   9.44812   10.43574  1.000 215.19498 ? 367 VAL F C   1 
ATOM 278  O O   . VAL A 1 49  ? 7.83391   9.03436   11.33722  1.000 215.19498 ? 367 VAL F O   1 
ATOM 279  C CB  . VAL A 1 49  ? 8.91205   11.98403  10.56558  1.000 215.19498 ? 367 VAL F CB  1 
ATOM 280  C CG1 . VAL A 1 49  ? 8.17496   12.18677  9.24313   1.000 215.19498 ? 367 VAL F CG1 1 
ATOM 281  C CG2 . VAL A 1 49  ? 8.02518   12.31405  11.75829  1.000 215.19498 ? 367 VAL F CG2 1 
ATOM 282  N N   . LEU A 1 50  ? 8.58788   8.87367   9.23180   1.000 181.65171 ? 368 LEU F N   1 
ATOM 283  C CA  . LEU A 1 50  ? 7.75791   7.70988   8.96523   1.000 181.65171 ? 368 LEU F CA  1 
ATOM 284  C C   . LEU A 1 50  ? 8.40113   6.45636   9.53772   1.000 181.65171 ? 368 LEU F C   1 
ATOM 285  O O   . LEU A 1 50  ? 7.71842   5.46206   9.81104   1.000 181.65171 ? 368 LEU F O   1 
ATOM 286  C CB  . LEU A 1 50  ? 7.50286   7.56110   7.46633   1.000 181.65171 ? 368 LEU F CB  1 
ATOM 287  C CG  . LEU A 1 50  ? 6.31050   8.31689   6.85889   1.000 181.65171 ? 368 LEU F CG  1 
ATOM 288  C CD1 . LEU A 1 50  ? 5.01259   7.87179   7.52936   1.000 181.65171 ? 368 LEU F CD1 1 
ATOM 289  C CD2 . LEU A 1 50  ? 6.43253   9.84108   6.83042   1.000 181.65171 ? 368 LEU F CD2 1 
ATOM 290  N N   . TYR A 1 51  ? 9.72228   6.47970   9.71204   1.000 209.52555 ? 369 TYR F N   1 
ATOM 291  C CA  . TYR A 1 51  ? 10.37457  5.38909   10.42559  1.000 209.52555 ? 369 TYR F CA  1 
ATOM 292  C C   . TYR A 1 51  ? 10.09030  5.47570   11.91956  1.000 209.52555 ? 369 TYR F C   1 
ATOM 293  O O   . TYR A 1 51  ? 9.73594   4.47952   12.55716  1.000 209.52555 ? 369 TYR F O   1 
ATOM 294  C CB  . TYR A 1 51  ? 11.87939  5.40842   10.16520  1.000 209.52555 ? 369 TYR F CB  1 
ATOM 295  C CG  . TYR A 1 51  ? 12.62369  4.29706   10.87721  1.000 209.52555 ? 369 TYR F CG  1 
ATOM 296  C CD1 . TYR A 1 51  ? 12.36011  2.95924   10.58928  1.000 209.52555 ? 369 TYR F CD1 1 
ATOM 297  C CD2 . TYR A 1 51  ? 13.57570  4.58375   11.84880  1.000 209.52555 ? 369 TYR F CD2 1 
ATOM 298  C CE1 . TYR A 1 51  ? 13.04179  1.93234   11.24197  1.000 209.52555 ? 369 TYR F CE1 1 
ATOM 299  C CE2 . TYR A 1 51  ? 14.25914  3.56689   12.51566  1.000 209.52555 ? 369 TYR F CE2 1 
ATOM 300  C CZ  . TYR A 1 51  ? 13.98995  2.24479   12.20575  1.000 209.52555 ? 369 TYR F CZ  1 
ATOM 301  O OH  . TYR A 1 51  ? 14.66962  1.23720   12.86443  1.000 209.52555 ? 369 TYR F OH  1 
ATOM 302  N N   . ASN A 1 52  ? 10.21773  6.66772   12.48822  1.000 231.10084 ? 370 ASN F N   1 
ATOM 303  C CA  . ASN A 1 52  ? 9.99362   6.89466   13.90701  1.000 231.10084 ? 370 ASN F CA  1 
ATOM 304  C C   . ASN A 1 52  ? 8.60181   7.40692   14.21941  1.000 231.10084 ? 370 ASN F C   1 
ATOM 305  O O   . ASN A 1 52  ? 8.43287   8.14072   15.19967  1.000 231.10084 ? 370 ASN F O   1 
ATOM 306  C CB  . ASN A 1 52  ? 11.04621  7.85735   14.46378  1.000 231.10084 ? 370 ASN F CB  1 
ATOM 307  C CG  . ASN A 1 52  ? 12.44053  7.27249   14.43893  1.000 231.10084 ? 370 ASN F CG  1 
ATOM 308  O OD1 . ASN A 1 52  ? 12.61012  6.06088   14.52427  1.000 231.10084 ? 370 ASN F OD1 1 
ATOM 309  N ND2 . ASN A 1 52  ? 13.44534  8.12791   14.31472  1.000 231.10084 ? 370 ASN F ND2 1 
ATOM 310  N N   . SER A 1 53  ? 7.60455   7.06488   13.40998  1.000 229.36473 ? 371 SER F N   1 
ATOM 311  C CA  . SER A 1 53  ? 6.23277   7.30516   13.82869  1.000 229.36473 ? 371 SER F CA  1 
ATOM 312  C C   . SER A 1 53  ? 5.82880   6.38533   14.96545  1.000 229.36473 ? 371 SER F C   1 
ATOM 313  O O   . SER A 1 53  ? 5.03570   6.79423   15.82394  1.000 229.36473 ? 371 SER F O   1 
ATOM 314  C CB  . SER A 1 53  ? 5.27774   7.12067   12.65648  1.000 229.36473 ? 371 SER F CB  1 
ATOM 315  O OG  . SER A 1 53  ? 3.93533   7.27691   13.07666  1.000 229.36473 ? 371 SER F OG  1 
ATOM 316  N N   . ALA A 1 54  ? 6.36808   5.15656   14.95605  1.000 261.99738 ? 372 ALA F N   1 
ATOM 317  C CA  . ALA A 1 54  ? 6.18983   4.11525   15.97839  1.000 261.99738 ? 372 ALA F CA  1 
ATOM 318  C C   . ALA A 1 54  ? 4.72581   3.73372   16.18828  1.000 261.99738 ? 372 ALA F C   1 
ATOM 319  O O   . ALA A 1 54  ? 4.29351   3.49383   17.31676  1.000 261.99738 ? 372 ALA F O   1 
ATOM 320  C CB  . ALA A 1 54  ? 6.84039   4.50699   17.31229  1.000 261.99738 ? 372 ALA F CB  1 
ATOM 321  N N   . SER A 1 55  ? 3.94758   3.67287   15.10912  1.000 257.79604 ? 373 SER F N   1 
ATOM 322  C CA  . SER A 1 55  ? 2.54129   3.31227   15.20375  1.000 257.79604 ? 373 SER F CA  1 
ATOM 323  C C   . SER A 1 55  ? 2.06620   2.41610   14.07172  1.000 257.79604 ? 373 SER F C   1 
ATOM 324  O O   . SER A 1 55  ? 0.85859   2.17774   13.95800  1.000 257.79604 ? 373 SER F O   1 
ATOM 325  C CB  . SER A 1 55  ? 1.67047   4.57615   15.25103  1.000 257.79604 ? 373 SER F CB  1 
ATOM 326  O OG  . SER A 1 55  ? 2.01252   5.47331   14.21080  1.000 257.79604 ? 373 SER F OG  1 
ATOM 327  N N   . PHE A 1 56  ? 2.96812   1.90203   13.24513  1.000 222.09121 ? 374 PHE F N   1 
ATOM 328  C CA  . PHE A 1 56  ? 2.60251   1.05092   12.12471  1.000 222.09121 ? 374 PHE F CA  1 
ATOM 329  C C   . PHE A 1 56  ? 2.79685   -0.40652  12.50585  1.000 222.09121 ? 374 PHE F C   1 
ATOM 330  O O   . PHE A 1 56  ? 3.83903   -0.77868  13.05462  1.000 222.09121 ? 374 PHE F O   1 
ATOM 331  C CB  . PHE A 1 56  ? 3.43744   1.37064   10.88542  1.000 222.09121 ? 374 PHE F CB  1 
ATOM 332  C CG  . PHE A 1 56  ? 3.28606   2.77860   10.40384  1.000 222.09121 ? 374 PHE F CG  1 
ATOM 333  C CD1 . PHE A 1 56  ? 2.06053   3.23586   9.94053   1.000 222.09121 ? 374 PHE F CD1 1 
ATOM 334  C CD2 . PHE A 1 56  ? 4.37299   3.64386   10.39880  1.000 222.09121 ? 374 PHE F CD2 1 
ATOM 335  C CE1 . PHE A 1 56  ? 1.91855   4.53514   9.48960   1.000 222.09121 ? 374 PHE F CE1 1 
ATOM 336  C CE2 . PHE A 1 56  ? 4.23731   4.94786   9.94319   1.000 222.09121 ? 374 PHE F CE2 1 
ATOM 337  C CZ  . PHE A 1 56  ? 3.00781   5.39164   9.49340   1.000 222.09121 ? 374 PHE F CZ  1 
ATOM 338  N N   . SER A 1 57  ? 1.79179   -1.23284  12.19929  1.000 219.28416 ? 375 SER F N   1 
ATOM 339  C CA  . SER A 1 57  ? 1.87180   -2.65605  12.50563  1.000 219.28416 ? 375 SER F CA  1 
ATOM 340  C C   . SER A 1 57  ? 2.83715   -3.39580  11.59150  1.000 219.28416 ? 375 SER F C   1 
ATOM 341  O O   . SER A 1 57  ? 3.27681   -4.49411  11.93963  1.000 219.28416 ? 375 SER F O   1 
ATOM 342  C CB  . SER A 1 57  ? 0.48721   -3.30300  12.42261  1.000 219.28416 ? 375 SER F CB  1 
ATOM 343  O OG  . SER A 1 57  ? 0.04407   -3.38517  11.08273  1.000 219.28416 ? 375 SER F OG  1 
ATOM 344  N N   . THR A 1 58  ? 3.17039   -2.82690  10.43720  1.000 217.71236 ? 376 THR F N   1 
ATOM 345  C CA  . THR A 1 58  ? 4.15358   -3.40465  9.53739   1.000 217.71236 ? 376 THR F CA  1 
ATOM 346  C C   . THR A 1 58  ? 4.99924   -2.30137  8.92982   1.000 217.71236 ? 376 THR F C   1 
ATOM 347  O O   . THR A 1 58  ? 4.48834   -1.45568  8.19147   1.000 217.71236 ? 376 THR F O   1 
ATOM 348  C CB  . THR A 1 58  ? 3.48577   -4.21476  8.43024   1.000 217.71236 ? 376 THR F CB  1 
ATOM 349  O OG1 . THR A 1 58  ? 2.74669   -5.29490  9.01251   1.000 217.71236 ? 376 THR F OG1 1 
ATOM 350  C CG2 . THR A 1 58  ? 4.52799   -4.76061  7.46813   1.000 217.71236 ? 376 THR F CG2 1 
ATOM 351  N N   . PHE A 1 59  ? 6.29171   -2.32938  9.23805   1.000 209.72938 ? 377 PHE F N   1 
ATOM 352  C CA  . PHE A 1 59  ? 7.26677   -1.43071  8.63687   1.000 209.72938 ? 377 PHE F CA  1 
ATOM 353  C C   . PHE A 1 59  ? 8.38222   -2.25828  8.00294   1.000 209.72938 ? 377 PHE F C   1 
ATOM 354  O O   . PHE A 1 59  ? 9.19517   -2.86175  8.70730   1.000 209.72938 ? 377 PHE F O   1 
ATOM 355  C CB  . PHE A 1 59  ? 7.78803   -0.37794  9.66055   1.000 209.72938 ? 377 PHE F CB  1 
ATOM 356  C CG  . PHE A 1 59  ? 8.25737   -0.93017  11.03091  1.000 209.72938 ? 377 PHE F CG  1 
ATOM 357  C CD1 . PHE A 1 59  ? 7.34576   -1.17448  12.06712  1.000 209.72938 ? 377 PHE F CD1 1 
ATOM 358  C CD2 . PHE A 1 59  ? 9.61859   -1.10654  11.30819  1.000 209.72938 ? 377 PHE F CD2 1 
ATOM 359  C CE1 . PHE A 1 59  ? 7.77525   -1.65305  13.30855  1.000 209.72938 ? 377 PHE F CE1 1 
ATOM 360  C CE2 . PHE A 1 59  ? 10.04969  -1.58816  12.55267  1.000 209.72938 ? 377 PHE F CE2 1 
ATOM 361  C CZ  . PHE A 1 59  ? 9.12702   -1.85452  13.54712  1.000 209.72938 ? 377 PHE F CZ  1 
ATOM 362  N N   . LYS A 1 60  ? 8.41544   -2.34884  6.67154   1.000 264.34999 ? 378 LYS F N   1 
ATOM 363  C CA  . LYS A 1 60  ? 9.42537   -3.16474  6.00182   1.000 264.34999 ? 378 LYS F CA  1 
ATOM 364  C C   . LYS A 1 60  ? 9.99103   -2.40503  4.81815   1.000 264.34999 ? 378 LYS F C   1 
ATOM 365  O O   . LYS A 1 60  ? 9.24626   -1.98503  3.93031   1.000 264.34999 ? 378 LYS F O   1 
ATOM 366  C CB  . LYS A 1 60  ? 8.86152   -4.51063  5.55326   1.000 264.34999 ? 378 LYS F CB  1 
ATOM 367  C CG  . LYS A 1 60  ? 9.92065   -5.34376  4.87233   1.000 264.34999 ? 378 LYS F CG  1 
ATOM 368  C CD  . LYS A 1 60  ? 11.04080  -5.69538  5.82560   1.000 264.34999 ? 378 LYS F CD  1 
ATOM 369  C CE  . LYS A 1 60  ? 12.08786  -6.51729  5.11721   1.000 264.34999 ? 378 LYS F CE  1 
ATOM 370  N NZ  . LYS A 1 60  ? 12.77462  -5.66900  4.09894   1.000 264.34999 ? 378 LYS F NZ  1 
ATOM 371  N N   . CYS A 1 61  ? 11.30470  -2.26674  4.77084   1.000 300.52027 ? 379 CYS F N   1 
ATOM 372  C CA  . CYS A 1 61  ? 11.85837  -1.43252  3.72985   1.000 300.52027 ? 379 CYS F CA  1 
ATOM 373  C C   . CYS A 1 61  ? 12.87871  -2.21772  2.91693   1.000 300.52027 ? 379 CYS F C   1 
ATOM 374  O O   . CYS A 1 61  ? 13.94761  -2.58839  3.40527   1.000 300.52027 ? 379 CYS F O   1 
ATOM 375  C CB  . CYS A 1 61  ? 12.45562  -0.17787  4.35799   1.000 300.52027 ? 379 CYS F CB  1 
ATOM 376  S SG  . CYS A 1 61  ? 12.78188  1.20832   3.26455   1.000 300.52027 ? 379 CYS F SG  1 
ATOM 377  N N   . TYR A 1 62  ? 12.52482  -2.46489  1.65864   1.000 264.83896 ? 380 TYR F N   1 
ATOM 378  C CA  . TYR A 1 62  ? 13.23592  -3.38172  0.76825   1.000 264.83896 ? 380 TYR F CA  1 
ATOM 379  C C   . TYR A 1 62  ? 14.34378  -2.60558  0.07060   1.000 264.83896 ? 380 TYR F C   1 
ATOM 380  O O   . TYR A 1 62  ? 14.17452  -1.42741  -0.25897  1.000 264.83896 ? 380 TYR F O   1 
ATOM 381  C CB  . TYR A 1 62  ? 12.28709  -4.00163  -0.25801  1.000 264.83896 ? 380 TYR F CB  1 
ATOM 382  C CG  . TYR A 1 62  ? 11.23526  -4.93976  0.29183   1.000 264.83896 ? 380 TYR F CG  1 
ATOM 383  C CD1 . TYR A 1 62  ? 10.05337  -4.45062  0.84914   1.000 264.83896 ? 380 TYR F CD1 1 
ATOM 384  C CD2 . TYR A 1 62  ? 11.39147  -6.31724  0.18807   1.000 264.83896 ? 380 TYR F CD2 1 
ATOM 385  C CE1 . TYR A 1 62  ? 9.07896   -5.30797  1.33122   1.000 264.83896 ? 380 TYR F CE1 1 
ATOM 386  C CE2 . TYR A 1 62  ? 10.41928  -7.18588  0.66676   1.000 264.83896 ? 380 TYR F CE2 1 
ATOM 387  C CZ  . TYR A 1 62  ? 9.26953   -6.67312  1.23805   1.000 264.83896 ? 380 TYR F CZ  1 
ATOM 388  O OH  . TYR A 1 62  ? 8.30522   -7.52804  1.71552   1.000 264.83896 ? 380 TYR F OH  1 
ATOM 389  N N   . GLY A 1 63  ? 15.48661  -3.25721  -0.12843  1.000 248.80532 ? 381 GLY F N   1 
ATOM 390  C CA  . GLY A 1 63  ? 16.55340  -2.70031  -0.93892  1.000 248.80532 ? 381 GLY F CA  1 
ATOM 391  C C   . GLY A 1 63  ? 17.52935  -1.80204  -0.20709  1.000 248.80532 ? 381 GLY F C   1 
ATOM 392  O O   . GLY A 1 63  ? 18.73690  -1.85112  -0.45864  1.000 248.80532 ? 381 GLY F O   1 
ATOM 393  N N   . VAL A 1 64  ? 17.01285  -0.99581  0.71887   1.000 199.40386 ? 382 VAL F N   1 
ATOM 394  C CA  . VAL A 1 64  ? 17.74127  0.13073   1.28177   1.000 199.40386 ? 382 VAL F CA  1 
ATOM 395  C C   . VAL A 1 64  ? 17.07800  0.49689   2.60734   1.000 199.40386 ? 382 VAL F C   1 
ATOM 396  O O   . VAL A 1 64  ? 15.86903  0.32805   2.77743   1.000 199.40386 ? 382 VAL F O   1 
ATOM 397  C CB  . VAL A 1 64  ? 17.78348  1.27832   0.23523   1.000 199.40386 ? 382 VAL F CB  1 
ATOM 398  C CG1 . VAL A 1 64  ? 16.38890  1.66387   -0.19414  1.000 199.40386 ? 382 VAL F CG1 1 
ATOM 399  C CG2 . VAL A 1 64  ? 18.58060  2.49530   0.71117   1.000 199.40386 ? 382 VAL F CG2 1 
ATOM 400  N N   . SER A 1 65  ? 17.89310  0.91266   3.57944   1.000 245.15855 ? 383 SER F N   1 
ATOM 401  C CA  . SER A 1 65  ? 17.41437  1.14127   4.93836   1.000 245.15855 ? 383 SER F CA  1 
ATOM 402  C C   . SER A 1 65  ? 16.60009  2.43489   5.03555   1.000 245.15855 ? 383 SER F C   1 
ATOM 403  O O   . SER A 1 65  ? 16.91358  3.41584   4.35360   1.000 245.15855 ? 383 SER F O   1 
ATOM 404  C CB  . SER A 1 65  ? 18.60291  1.18930   5.89372   1.000 245.15855 ? 383 SER F CB  1 
ATOM 405  O OG  . SER A 1 65  ? 18.25175  1.75449   7.14520   1.000 245.15855 ? 383 SER F OG  1 
ATOM 406  N N   . PRO A 1 66  ? 15.55868  2.46884   5.88645   1.000 212.93913 ? 384 PRO F N   1 
ATOM 407  C CA  . PRO A 1 66  ? 14.67651  3.65314   5.92918   1.000 212.93913 ? 384 PRO F CA  1 
ATOM 408  C C   . PRO A 1 66  ? 15.27751  4.90044   6.55039   1.000 212.93913 ? 384 PRO F C   1 
ATOM 409  O O   . PRO A 1 66  ? 14.82486  6.01217   6.24850   1.000 212.93913 ? 384 PRO F O   1 
ATOM 410  C CB  . PRO A 1 66  ? 13.47824  3.16420   6.75270   1.000 212.93913 ? 384 PRO F CB  1 
ATOM 411  C CG  . PRO A 1 66  ? 13.95701  1.98320   7.48415   1.000 212.93913 ? 384 PRO F CG  1 
ATOM 412  C CD  . PRO A 1 66  ? 14.98973  1.34017   6.64161   1.000 212.93913 ? 384 PRO F CD  1 
ATOM 413  N N   . THR A 1 67  ? 16.26207  4.75017   7.43515   1.000 231.15056 ? 385 THR F N   1 
ATOM 414  C CA  . THR A 1 67  ? 16.88953  5.92221   8.03312   1.000 231.15056 ? 385 THR F CA  1 
ATOM 415  C C   . THR A 1 67  ? 17.78323  6.62399   7.02800   1.000 231.15056 ? 385 THR F C   1 
ATOM 416  O O   . THR A 1 67  ? 17.92768  7.85047   7.05666   1.000 231.15056 ? 385 THR F O   1 
ATOM 417  C CB  . THR A 1 67  ? 17.69373  5.52062   9.26735   1.000 231.15056 ? 385 THR F CB  1 
ATOM 418  O OG1 . THR A 1 67  ? 18.80859  4.71428   8.86954   1.000 231.15056 ? 385 THR F OG1 1 
ATOM 419  C CG2 . THR A 1 67  ? 16.83425  4.72828   10.21333  1.000 231.15056 ? 385 THR F CG2 1 
ATOM 420  N N   . LYS A 1 68  ? 18.37142  5.86162   6.11528   1.000 241.52781 ? 386 LYS F N   1 
ATOM 421  C CA  . LYS A 1 68  ? 19.23910  6.44540   5.10726   1.000 241.52781 ? 386 LYS F CA  1 
ATOM 422  C C   . LYS A 1 68  ? 18.47883  6.90978   3.88159   1.000 241.52781 ? 386 LYS F C   1 
ATOM 423  O O   . LYS A 1 68  ? 19.07389  7.56195   3.02082   1.000 241.52781 ? 386 LYS F O   1 
ATOM 424  C CB  . LYS A 1 68  ? 20.33281  5.45515   4.69129   1.000 241.52781 ? 386 LYS F CB  1 
ATOM 425  C CG  . LYS A 1 68  ? 21.61799  5.52911   5.52323   1.000 241.52781 ? 386 LYS F CG  1 
ATOM 426  C CD  . LYS A 1 68  ? 21.49508  4.90794   6.90713   1.000 241.52781 ? 386 LYS F CD  1 
ATOM 427  C CE  . LYS A 1 68  ? 21.38775  3.40385   6.83711   1.000 241.52781 ? 386 LYS F CE  1 
ATOM 428  N NZ  . LYS A 1 68  ? 21.32023  2.76644   8.18253   1.000 241.52781 ? 386 LYS F NZ  1 
ATOM 429  N N   . LEU A 1 69  ? 17.17489  6.61704   3.79708   1.000 276.37622 ? 387 LEU F N   1 
ATOM 430  C CA  . LEU A 1 69  ? 16.34665  7.11892   2.70465   1.000 276.37622 ? 387 LEU F CA  1 
ATOM 431  C C   . LEU A 1 69  ? 16.13129  8.61638   2.72214   1.000 276.37622 ? 387 LEU F C   1 
ATOM 432  O O   . LEU A 1 69  ? 15.77604  9.17875   1.67976   1.000 276.37622 ? 387 LEU F O   1 
ATOM 433  C CB  . LEU A 1 69  ? 14.96157  6.49060   2.70098   1.000 276.37622 ? 387 LEU F CB  1 
ATOM 434  C CG  . LEU A 1 69  ? 14.68547  5.03822   2.43003   1.000 276.37622 ? 387 LEU F CG  1 
ATOM 435  C CD1 . LEU A 1 69  ? 13.21704  4.82446   2.66439   1.000 276.37622 ? 387 LEU F CD1 1 
ATOM 436  C CD2 . LEU A 1 69  ? 14.98891  4.87301   0.98050   1.000 276.37622 ? 387 LEU F CD2 1 
ATOM 437  N N   . ASN A 1 70  ? 16.28368  9.25980   3.87717   1.000 271.98537 ? 388 ASN F N   1 
ATOM 438  C CA  . ASN A 1 70  ? 16.12420  10.70083  3.93829   1.000 271.98537 ? 388 ASN F CA  1 
ATOM 439  C C   . ASN A 1 70  ? 17.24552  11.41384  3.20586   1.000 271.98537 ? 388 ASN F C   1 
ATOM 440  O O   . ASN A 1 70  ? 17.02847  12.49965  2.65930   1.000 271.98537 ? 388 ASN F O   1 
ATOM 441  C CB  . ASN A 1 70  ? 16.08030  11.15087  5.38984   1.000 271.98537 ? 388 ASN F CB  1 
ATOM 442  C CG  . ASN A 1 70  ? 15.10171  12.26663  5.61337   1.000 271.98537 ? 388 ASN F CG  1 
ATOM 443  O OD1 . ASN A 1 70  ? 14.62862  12.89868  4.66647   1.000 271.98537 ? 388 ASN F OD1 1 
ATOM 444  N ND2 . ASN A 1 70  ? 14.79387  12.52742  6.87463   1.000 271.98537 ? 388 ASN F ND2 1 
ATOM 445  N N   . ASP A 1 71  ? 18.43400  10.81898  3.17670   1.000 418.99553 ? 389 ASP F N   1 
ATOM 446  C CA  . ASP A 1 71  ? 19.54318  11.39406  2.43867   1.000 418.99553 ? 389 ASP F CA  1 
ATOM 447  C C   . ASP A 1 71  ? 19.69386  10.78626  1.04910   1.000 418.99553 ? 389 ASP F C   1 
ATOM 448  O O   . ASP A 1 71  ? 20.81537  10.48140  0.63601   1.000 418.99553 ? 389 ASP F O   1 
ATOM 449  C CB  . ASP A 1 71  ? 20.82248  11.17700  3.23482   1.000 418.99553 ? 389 ASP F CB  1 
ATOM 450  C CG  . ASP A 1 71  ? 20.76259  11.81668  4.59169   1.000 418.99553 ? 389 ASP F CG  1 
ATOM 451  O OD1 . ASP A 1 71  ? 20.37529  12.99960  4.67907   1.000 418.99553 ? 389 ASP F OD1 1 
ATOM 452  O OD2 . ASP A 1 71  ? 21.07448  11.11941  5.57764   1.000 418.99553 ? 389 ASP F OD2 1 
ATOM 453  N N   . LEU A 1 72  ? 18.60262  10.65592  0.29665   1.000 366.94196 ? 390 LEU F N   1 
ATOM 454  C CA  . LEU A 1 72  ? 18.68377  10.16025  -1.07394  1.000 366.94196 ? 390 LEU F CA  1 
ATOM 455  C C   . LEU A 1 72  ? 17.76885  10.99753  -1.95359  1.000 366.94196 ? 390 LEU F C   1 
ATOM 456  O O   . LEU A 1 72  ? 16.91494  11.74235  -1.46384  1.000 366.94196 ? 390 LEU F O   1 
ATOM 457  C CB  . LEU A 1 72  ? 18.31115  8.67408   -1.19734  1.000 366.94196 ? 390 LEU F CB  1 
ATOM 458  C CG  . LEU A 1 72  ? 18.82382  7.56197   -0.27570  1.000 366.94196 ? 390 LEU F CG  1 
ATOM 459  C CD1 . LEU A 1 72  ? 18.14035  6.25415   -0.60643  1.000 366.94196 ? 390 LEU F CD1 1 
ATOM 460  C CD2 . LEU A 1 72  ? 20.32344  7.37088   -0.36428  1.000 366.94196 ? 390 LEU F CD2 1 
ATOM 461  N N   . CYS A 1 73  ? 17.95471  10.85644  -3.26574  1.000 267.63259 ? 391 CYS F N   1 
ATOM 462  C CA  . CYS A 1 73  ? 17.19981  11.63077  -4.23869  1.000 267.63259 ? 391 CYS F CA  1 
ATOM 463  C C   . CYS A 1 73  ? 16.59037  10.71153  -5.28431  1.000 267.63259 ? 391 CYS F C   1 
ATOM 464  O O   . CYS A 1 73  ? 17.22300  9.74422   -5.71479  1.000 267.63259 ? 391 CYS F O   1 
ATOM 465  C CB  . CYS A 1 73  ? 18.07340  12.69453  -4.90611  1.000 267.63259 ? 391 CYS F CB  1 
ATOM 466  S SG  . CYS A 1 73  ? 18.41014  14.10616  -3.82733  1.000 267.63259 ? 391 CYS F SG  1 
ATOM 467  N N   . PHE A 1 74  ? 15.35066  11.00927  -5.67635  1.000 221.01481 ? 392 PHE F N   1 
ATOM 468  C CA  . PHE A 1 74  ? 14.59516  10.15934  -6.58433  1.000 221.01481 ? 392 PHE F CA  1 
ATOM 469  C C   . PHE A 1 74  ? 13.84268  11.00632  -7.59715  1.000 221.01481 ? 392 PHE F C   1 
ATOM 470  O O   . PHE A 1 74  ? 13.29949  12.06569  -7.27423  1.000 221.01481 ? 392 PHE F O   1 
ATOM 471  C CB  . PHE A 1 74  ? 13.61631  9.26918   -5.81838  1.000 221.01481 ? 392 PHE F CB  1 
ATOM 472  C CG  . PHE A 1 74  ? 14.29289  8.26329   -4.95225  1.000 221.01481 ? 392 PHE F CG  1 
ATOM 473  C CD1 . PHE A 1 74  ? 14.78975  7.09056   -5.49665  1.000 221.01481 ? 392 PHE F CD1 1 
ATOM 474  C CD2 . PHE A 1 74  ? 14.47850  8.51356   -3.59876  1.000 221.01481 ? 392 PHE F CD2 1 
ATOM 475  C CE1 . PHE A 1 74  ? 15.43857  6.16217   -4.70212  1.000 221.01481 ? 392 PHE F CE1 1 
ATOM 476  C CE2 . PHE A 1 74  ? 15.12655  7.59301   -2.79096  1.000 221.01481 ? 392 PHE F CE2 1 
ATOM 477  C CZ  . PHE A 1 74  ? 15.60634  6.41438   -3.34356  1.000 221.01481 ? 392 PHE F CZ  1 
ATOM 478  N N   . THR A 1 75  ? 13.81691  10.51492  -8.83663  1.000 202.93576 ? 393 THR F N   1 
ATOM 479  C CA  . THR A 1 75  ? 13.14194  11.23957  -9.90595  1.000 202.93576 ? 393 THR F CA  1 
ATOM 480  C C   . THR A 1 75  ? 11.62797  11.12424  -9.77680  1.000 202.93576 ? 393 THR F C   1 
ATOM 481  O O   . THR A 1 75  ? 10.90698  12.11784  -9.90935  1.000 202.93576 ? 393 THR F O   1 
ATOM 482  C CB  . THR A 1 75  ? 13.59930  10.71459  -11.26493 1.000 202.93576 ? 393 THR F CB  1 
ATOM 483  O OG1 . THR A 1 75  ? 13.48315  9.29037   -11.28447 1.000 202.93576 ? 393 THR F OG1 1 
ATOM 484  C CG2 . THR A 1 75  ? 15.04820  11.08078  -11.50787 1.000 202.93576 ? 393 THR F CG2 1 
ATOM 485  N N   . ASN A 1 76  ? 11.12678  9.92042   -9.51374  1.000 254.46951 ? 394 ASN F N   1 
ATOM 486  C CA  . ASN A 1 76  ? 9.69386   9.69320   -9.41036  1.000 254.46951 ? 394 ASN F CA  1 
ATOM 487  C C   . ASN A 1 76  ? 9.39241   8.70495   -8.30479  1.000 254.46951 ? 394 ASN F C   1 
ATOM 488  O O   . ASN A 1 76  ? 10.11524  7.71873   -8.12106  1.000 254.46951 ? 394 ASN F O   1 
ATOM 489  C CB  . ASN A 1 76  ? 9.09879   9.17034   -10.71410 1.000 254.46951 ? 394 ASN F CB  1 
ATOM 490  C CG  . ASN A 1 76  ? 8.92933   10.25488  -11.74137 1.000 254.46951 ? 394 ASN F CG  1 
ATOM 491  O OD1 . ASN A 1 76  ? 8.49122   11.36059  -11.42201 1.000 254.46951 ? 394 ASN F OD1 1 
ATOM 492  N ND2 . ASN A 1 76  ? 9.26376   9.94892   -12.98649 1.000 254.46951 ? 394 ASN F ND2 1 
ATOM 493  N N   . VAL A 1 77  ? 8.32346   8.98358   -7.56304  1.000 237.74685 ? 395 VAL F N   1 
ATOM 494  C CA  . VAL A 1 77  ? 7.80837   8.06585   -6.55935  1.000 237.74685 ? 395 VAL F CA  1 
ATOM 495  C C   . VAL A 1 77  ? 6.37908   7.72749   -6.94941  1.000 237.74685 ? 395 VAL F C   1 
ATOM 496  O O   . VAL A 1 77  ? 5.61605   8.61112   -7.33858  1.000 237.74685 ? 395 VAL F O   1 
ATOM 497  C CB  . VAL A 1 77  ? 7.88185   8.68830   -5.14609  1.000 237.74685 ? 395 VAL F CB  1 
ATOM 498  C CG1 . VAL A 1 77  ? 7.28895   7.76772   -4.09026  1.000 237.74685 ? 395 VAL F CG1 1 
ATOM 499  C CG2 . VAL A 1 77  ? 9.32515   9.03432   -4.78038  1.000 237.74685 ? 395 VAL F CG2 1 
ATOM 500  N N   . TYR A 1 78  ? 6.02792   6.45229   -6.91141  1.000 231.02654 ? 396 TYR F N   1 
ATOM 501  C CA  . TYR A 1 78  ? 4.63993   6.05587   -7.06612  1.000 231.02654 ? 396 TYR F CA  1 
ATOM 502  C C   . TYR A 1 78  ? 4.15064   5.46492   -5.75486  1.000 231.02654 ? 396 TYR F C   1 
ATOM 503  O O   . TYR A 1 78  ? 4.67642   4.45066   -5.28506  1.000 231.02654 ? 396 TYR F O   1 
ATOM 504  C CB  . TYR A 1 78  ? 4.47932   5.05614   -8.20411  1.000 231.02654 ? 396 TYR F CB  1 
ATOM 505  C CG  . TYR A 1 78  ? 4.89457   5.63291   -9.53466  1.000 231.02654 ? 396 TYR F CG  1 
ATOM 506  C CD1 . TYR A 1 78  ? 4.19644   6.68369   -10.11935 1.000 231.02654 ? 396 TYR F CD1 1 
ATOM 507  C CD2 . TYR A 1 78  ? 5.99857   5.13218   -10.19749 1.000 231.02654 ? 396 TYR F CD2 1 
ATOM 508  C CE1 . TYR A 1 78  ? 4.59787   7.21144   -11.34415 1.000 231.02654 ? 396 TYR F CE1 1 
ATOM 509  C CE2 . TYR A 1 78  ? 6.41472   5.64908   -11.41086 1.000 231.02654 ? 396 TYR F CE2 1 
ATOM 510  C CZ  . TYR A 1 78  ? 5.70967   6.68525   -11.98072 1.000 231.02654 ? 396 TYR F CZ  1 
ATOM 511  O OH  . TYR A 1 78  ? 6.12056   7.19388   -13.19157 1.000 231.02654 ? 396 TYR F OH  1 
ATOM 512  N N   . ALA A 1 79  ? 3.16545   6.12290   -5.15057  1.000 248.49994 ? 397 ALA F N   1 
ATOM 513  C CA  . ALA A 1 79  ? 2.61720   5.71040   -3.86244  1.000 248.49994 ? 397 ALA F CA  1 
ATOM 514  C C   . ALA A 1 79  ? 1.31297   4.98089   -4.14411  1.000 248.49994 ? 397 ALA F C   1 
ATOM 515  O O   . ALA A 1 79  ? 0.36738   5.57299   -4.66943  1.000 248.49994 ? 397 ALA F O   1 
ATOM 516  C CB  . ALA A 1 79  ? 2.39800   6.90418   -2.94181  1.000 248.49994 ? 397 ALA F CB  1 
ATOM 517  N N   . ASP A 1 80  ? 1.26700   3.70101   -3.80220  1.000 337.17658 ? 398 ASP F N   1 
ATOM 518  C CA  . ASP A 1 80  ? 0.09656   2.88328   -4.06411  1.000 337.17658 ? 398 ASP F CA  1 
ATOM 519  C C   . ASP A 1 80  ? -0.60154  2.56267   -2.75243  1.000 337.17658 ? 398 ASP F C   1 
ATOM 520  O O   . ASP A 1 80  ? 0.03398   2.12242   -1.79241  1.000 337.17658 ? 398 ASP F O   1 
ATOM 521  C CB  . ASP A 1 80  ? 0.49862   1.60044   -4.78855  1.000 337.17658 ? 398 ASP F CB  1 
ATOM 522  C CG  . ASP A 1 80  ? 1.36790   1.86855   -5.99802  1.000 337.17658 ? 398 ASP F CG  1 
ATOM 523  O OD1 . ASP A 1 80  ? 1.25648   2.95845   -6.59510  1.000 337.17658 ? 398 ASP F OD1 1 
ATOM 524  O OD2 . ASP A 1 80  ? 2.17156   0.98848   -6.36309  1.000 337.17658 ? 398 ASP F OD2 1 
ATOM 525  N N   . SER A 1 81  ? -1.91006  2.80363   -2.71400  1.000 375.62233 ? 399 SER F N   1 
ATOM 526  C CA  . SER A 1 81  ? -2.67863  2.70015   -1.48364  1.000 375.62233 ? 399 SER F CA  1 
ATOM 527  C C   . SER A 1 81  ? -3.88733  1.79419   -1.67912  1.000 375.62233 ? 399 SER F C   1 
ATOM 528  O O   . SER A 1 81  ? -4.62339  1.92906   -2.66963  1.000 375.62233 ? 399 SER F O   1 
ATOM 529  C CB  . SER A 1 81  ? -3.12967  4.08451   -1.02178  1.000 375.62233 ? 399 SER F CB  1 
ATOM 530  O OG  . SER A 1 81  ? -3.90274  4.71769   -2.01493  1.000 375.62233 ? 399 SER F OG  1 
ATOM 531  N N   . PHE A 1 82  ? -4.08093  0.87352   -0.71771  1.000 309.56494 ? 400 PHE F N   1 
ATOM 532  C CA  . PHE A 1 82  ? -5.24850  -0.01620  -0.68239  1.000 309.56494 ? 400 PHE F CA  1 
ATOM 533  C C   . PHE A 1 82  ? -5.45720  -0.53977  0.74272   1.000 309.56494 ? 400 PHE F C   1 
ATOM 534  O O   . PHE A 1 82  ? -4.69641  -0.22789  1.66563   1.000 309.56494 ? 400 PHE F O   1 
ATOM 535  C CB  . PHE A 1 82  ? -5.13758  -1.18586  -1.67247  1.000 309.56494 ? 400 PHE F CB  1 
ATOM 536  C CG  . PHE A 1 82  ? -3.78685  -1.85156  -1.70830  1.000 309.56494 ? 400 PHE F CG  1 
ATOM 537  C CD1 . PHE A 1 82  ? -3.48179  -2.87950  -0.82361  1.000 309.56494 ? 400 PHE F CD1 1 
ATOM 538  C CD2 . PHE A 1 82  ? -2.84363  -1.48456  -2.65961  1.000 309.56494 ? 400 PHE F CD2 1 
ATOM 539  C CE1 . PHE A 1 82  ? -2.24688  -3.50516  -0.86614  1.000 309.56494 ? 400 PHE F CE1 1 
ATOM 540  C CE2 . PHE A 1 82  ? -1.60771  -2.10542  -2.71034  1.000 309.56494 ? 400 PHE F CE2 1 
ATOM 541  C CZ  . PHE A 1 82  ? -1.31035  -3.11746  -1.81125  1.000 309.56494 ? 400 PHE F CZ  1 
ATOM 542  N N   . VAL A 1 83  ? -6.52470  -1.33149  0.90825   1.000 280.22036 ? 401 VAL F N   1 
ATOM 543  C CA  . VAL A 1 83  ? -6.92040  -1.94809  2.17158   1.000 280.22036 ? 401 VAL F CA  1 
ATOM 544  C C   . VAL A 1 83  ? -7.04677  -3.44675  1.94257   1.000 280.22036 ? 401 VAL F C   1 
ATOM 545  O O   . VAL A 1 83  ? -7.70854  -3.87929  0.99340   1.000 280.22036 ? 401 VAL F O   1 
ATOM 546  C CB  . VAL A 1 83  ? -8.25798  -1.36788  2.69112   1.000 280.22036 ? 401 VAL F CB  1 
ATOM 547  C CG1 . VAL A 1 83  ? -8.73005  -2.05371  3.97494   1.000 280.22036 ? 401 VAL F CG1 1 
ATOM 548  C CG2 . VAL A 1 83  ? -8.16551  0.11299   2.91212   1.000 280.22036 ? 401 VAL F CG2 1 
ATOM 549  N N   . ILE A 1 84  ? -6.41825  -4.24352  2.80854   1.000 319.51554 ? 402 ILE F N   1 
ATOM 550  C CA  . ILE A 1 84  ? -6.47820  -5.70275  2.73067   1.000 319.51554 ? 402 ILE F CA  1 
ATOM 551  C C   . ILE A 1 84  ? -6.90788  -6.26579  4.08188   1.000 319.51554 ? 402 ILE F C   1 
ATOM 552  O O   . ILE A 1 84  ? -7.15269  -5.53255  5.04255   1.000 319.51554 ? 402 ILE F O   1 
ATOM 553  C CB  . ILE A 1 84  ? -5.13328  -6.33215  2.32101   1.000 319.51554 ? 402 ILE F CB  1 
ATOM 554  C CG1 . ILE A 1 84  ? -4.07832  -6.00576  3.37304   1.000 319.51554 ? 402 ILE F CG1 1 
ATOM 555  C CG2 . ILE A 1 84  ? -4.71581  -5.89872  0.91532   1.000 319.51554 ? 402 ILE F CG2 1 
ATOM 556  C CD1 . ILE A 1 84  ? -2.82252  -6.76050  3.18037   1.000 319.51554 ? 402 ILE F CD1 1 
ATOM 557  N N   . ARG A 1 85  ? -6.96527  -7.59420  4.15669   1.000 225.27052 ? 403 ARG F N   1 
ATOM 558  C CA  . ARG A 1 85  ? -7.25231  -8.27455  5.40883   1.000 225.27052 ? 403 ARG F CA  1 
ATOM 559  C C   . ARG A 1 85  ? -6.03957  -8.31166  6.32527   1.000 225.27052 ? 403 ARG F C   1 
ATOM 560  O O   . ARG A 1 85  ? -4.99743  -7.71290  6.05805   1.000 225.27052 ? 403 ARG F O   1 
ATOM 561  C CB  . ARG A 1 85  ? -7.68144  -9.71232  5.16622   1.000 225.27052 ? 403 ARG F CB  1 
ATOM 562  C CG  . ARG A 1 85  ? -8.98475  -9.92541  4.45617   1.000 225.27052 ? 403 ARG F CG  1 
ATOM 563  C CD  . ARG A 1 85  ? -9.15323  -11.33559 3.82323   1.000 225.27052 ? 403 ARG F CD  1 
ATOM 564  N NE  . ARG A 1 85  ? -8.32791  -12.43658 4.32958   1.000 225.27052 ? 403 ARG F NE  1 
ATOM 565  C CZ  . ARG A 1 85  ? -8.46555  -13.04385 5.50451   1.000 225.27052 ? 403 ARG F CZ  1 
ATOM 566  N NH1 . ARG A 1 85  ? -9.38380  -12.66921 6.37086   1.000 225.27052 ? 403 ARG F NH1 1 
ATOM 567  N NH2 . ARG A 1 85  ? -7.63146  -14.02472 5.83046   1.000 225.27052 ? 403 ARG F NH2 1 
ATOM 568  N N   . GLY A 1 86  ? -6.19260  -9.02897  7.43484   1.000 190.76566 ? 404 GLY F N   1 
ATOM 569  C CA  . GLY A 1 86  ? -5.08972  -9.13851  8.36996   1.000 190.76566 ? 404 GLY F CA  1 
ATOM 570  C C   . GLY A 1 86  ? -3.99431  -10.05595 7.87291   1.000 190.76566 ? 404 GLY F C   1 
ATOM 571  O O   . GLY A 1 86  ? -2.88382  -9.60798  7.55707   1.000 190.76566 ? 404 GLY F O   1 
ATOM 572  N N   . ASP A 1 87  ? -4.33852  -11.33551 7.68773   1.000 234.47567 ? 405 ASP F N   1 
ATOM 573  C CA  . ASP A 1 87  ? -3.43514  -12.46670 7.52664   1.000 234.47567 ? 405 ASP F CA  1 
ATOM 574  C C   . ASP A 1 87  ? -2.57571  -12.36431 6.27991   1.000 234.47567 ? 405 ASP F C   1 
ATOM 575  O O   . ASP A 1 87  ? -1.47793  -12.93600 6.23319   1.000 234.47567 ? 405 ASP F O   1 
ATOM 576  C CB  . ASP A 1 87  ? -4.28054  -13.74254 7.49449   1.000 234.47567 ? 405 ASP F CB  1 
ATOM 577  C CG  . ASP A 1 87  ? -3.45461  -15.00871 7.47246   1.000 234.47567 ? 405 ASP F CG  1 
ATOM 578  O OD1 . ASP A 1 87  ? -2.88499  -15.37148 8.52078   1.000 234.47567 ? 405 ASP F OD1 1 
ATOM 579  O OD2 . ASP A 1 87  ? -3.38179  -15.65049 6.39777   1.000 234.47567 ? 405 ASP F OD2 1 
ATOM 580  N N   . GLU A 1 88  ? -3.02306  -11.60825 5.30279   1.000 214.60654 ? 406 GLU F N   1 
ATOM 581  C CA  . GLU A 1 88  ? -2.35723  -11.51852 4.03012   1.000 214.60654 ? 406 GLU F CA  1 
ATOM 582  C C   . GLU A 1 88  ? -1.47942  -10.29491 3.92217   1.000 214.60654 ? 406 GLU F C   1 
ATOM 583  O O   . GLU A 1 88  ? -1.01303  -9.98248  2.81719   1.000 214.60654 ? 406 GLU F O   1 
ATOM 584  C CB  . GLU A 1 88  ? -3.36962  -11.53861 2.87185   1.000 214.60654 ? 406 GLU F CB  1 
ATOM 585  C CG  . GLU A 1 88  ? -4.34130  -12.75880 2.67433   1.000 214.60654 ? 406 GLU F CG  1 
ATOM 586  C CD  . GLU A 1 88  ? -5.24234  -13.16886 3.84235   1.000 214.60654 ? 406 GLU F CD  1 
ATOM 587  O OE1 . GLU A 1 88  ? -5.72093  -14.31354 3.84589   1.000 214.60654 ? 406 GLU F OE1 1 
ATOM 588  O OE2 . GLU A 1 88  ? -5.48439  -12.32954 4.74369   1.000 214.60654 ? 406 GLU F OE2 1 
ATOM 589  N N   . VAL A 1 89  ? -1.19607  -9.63074  5.05078   1.000 168.52707 ? 407 VAL F N   1 
ATOM 590  C CA  . VAL A 1 89  ? -0.04761  -8.71950  5.12771   1.000 168.52707 ? 407 VAL F CA  1 
ATOM 591  C C   . VAL A 1 89  ? 1.25799   -9.46141  4.82533   1.000 168.52707 ? 407 VAL F C   1 
ATOM 592  O O   . VAL A 1 89  ? 2.14994   -8.93803  4.13908   1.000 168.52707 ? 407 VAL F O   1 
ATOM 593  C CB  . VAL A 1 89  ? -0.04651  -8.03119  6.50802   1.000 168.52707 ? 407 VAL F CB  1 
ATOM 594  C CG1 . VAL A 1 89  ? 1.30848   -7.48581  6.91851   1.000 168.52707 ? 407 VAL F CG1 1 
ATOM 595  C CG2 . VAL A 1 89  ? -1.00062  -6.89088  6.46391   1.000 168.52707 ? 407 VAL F CG2 1 
ATOM 596  N N   . ARG A 1 90  ? 1.32875   -10.73721 5.20556   1.000 223.23785 ? 408 ARG F N   1 
ATOM 597  C CA  . ARG A 1 90  ? 2.43677   -11.60352 4.83459   1.000 223.23785 ? 408 ARG F CA  1 
ATOM 598  C C   . ARG A 1 90  ? 2.47154   -11.95173 3.33911   1.000 223.23785 ? 408 ARG F C   1 
ATOM 599  O O   . ARG A 1 90  ? 3.49936   -12.44918 2.87323   1.000 223.23785 ? 408 ARG F O   1 
ATOM 600  C CB  . ARG A 1 90  ? 2.34411   -12.88871 5.65404   1.000 223.23785 ? 408 ARG F CB  1 
ATOM 601  C CG  . ARG A 1 90  ? 2.43252   -12.73940 7.18507   1.000 223.23785 ? 408 ARG F CG  1 
ATOM 602  C CD  . ARG A 1 90  ? 3.80494   -12.44803 7.80895   1.000 223.23785 ? 408 ARG F CD  1 
ATOM 603  N NE  . ARG A 1 90  ? 4.24328   -11.06952 7.61437   1.000 223.23785 ? 408 ARG F NE  1 
ATOM 604  C CZ  . ARG A 1 90  ? 3.80584   -10.02497 8.30487   1.000 223.23785 ? 408 ARG F CZ  1 
ATOM 605  N NH1 . ARG A 1 90  ? 2.95087   -10.16141 9.30523   1.000 223.23785 ? 408 ARG F NH1 1 
ATOM 606  N NH2 . ARG A 1 90  ? 4.24758   -8.81257  7.98829   1.000 223.23785 ? 408 ARG F NH2 1 
ATOM 607  N N   . GLN A 1 91  ? 1.38932   -11.71050 2.57455   1.000 254.26921 ? 409 GLN F N   1 
ATOM 608  C CA  . GLN A 1 91  ? 1.42629   -11.91457 1.12615   1.000 254.26921 ? 409 GLN F CA  1 
ATOM 609  C C   . GLN A 1 91  ? 2.13796   -10.80765 0.36133   1.000 254.26921 ? 409 GLN F C   1 
ATOM 610  O O   . GLN A 1 91  ? 2.25292   -10.90931 -0.86376  1.000 254.26921 ? 409 GLN F O   1 
ATOM 611  C CB  . GLN A 1 91  ? 0.02255   -12.04545 0.52473   1.000 254.26921 ? 409 GLN F CB  1 
ATOM 612  C CG  . GLN A 1 91  ? -0.71958  -13.30478 0.84113   1.000 254.26921 ? 409 GLN F CG  1 
ATOM 613  C CD  . GLN A 1 91  ? -1.91257  -13.51320 -0.06624  1.000 254.26921 ? 409 GLN F CD  1 
ATOM 614  O OE1 . GLN A 1 91  ? -2.05574  -12.84918 -1.09316  1.000 254.26921 ? 409 GLN F OE1 1 
ATOM 615  N NE2 . GLN A 1 91  ? -2.72439  -14.49950 0.25815   1.000 254.26921 ? 409 GLN F NE2 1 
ATOM 616  N N   . ILE A 1 92  ? 2.56547   -9.73661  1.02330   1.000 283.63303 ? 410 ILE F N   1 
ATOM 617  C CA  . ILE A 1 92  ? 3.30957   -8.68337  0.34090   1.000 283.63303 ? 410 ILE F CA  1 
ATOM 618  C C   . ILE A 1 92  ? 4.79701   -9.02522  0.39799   1.000 283.63303 ? 410 ILE F C   1 
ATOM 619  O O   . ILE A 1 92  ? 5.47364   -8.78782  1.40832   1.000 283.63303 ? 410 ILE F O   1 
ATOM 620  C CB  . ILE A 1 92  ? 3.03490   -7.26363  0.89305   1.000 283.63303 ? 410 ILE F CB  1 
ATOM 621  C CG1 . ILE A 1 92  ? 1.57454   -6.81878  0.72042   1.000 283.63303 ? 410 ILE F CG1 1 
ATOM 622  C CG2 . ILE A 1 92  ? 3.84878   -6.22264  0.14872   1.000 283.63303 ? 410 ILE F CG2 1 
ATOM 623  C CD1 . ILE A 1 92  ? 0.61318   -7.14614  1.80427   1.000 283.63303 ? 410 ILE F CD1 1 
ATOM 624  N N   . ALA A 1 93  ? 5.29233   -9.64193  -0.67531  1.000 279.02561 ? 411 ALA F N   1 
ATOM 625  C CA  . ALA A 1 93  ? 6.70923   -9.89238  -0.89676  1.000 279.02561 ? 411 ALA F CA  1 
ATOM 626  C C   . ALA A 1 93  ? 6.92067   -10.04624 -2.39487  1.000 279.02561 ? 411 ALA F C   1 
ATOM 627  O O   . ALA A 1 93  ? 5.95860   -10.30929 -3.12424  1.000 279.02561 ? 411 ALA F O   1 
ATOM 628  C CB  . ALA A 1 93  ? 7.17684   -11.15104 -0.14856  1.000 279.02561 ? 411 ALA F CB  1 
ATOM 629  N N   . PRO A 1 94  ? 8.12979   -9.82626  -2.89545  1.000 259.61905 ? 412 PRO F N   1 
ATOM 630  C CA  . PRO A 1 94  ? 8.42093   -10.26754 -4.25890  1.000 259.61905 ? 412 PRO F CA  1 
ATOM 631  C C   . PRO A 1 94  ? 8.64236   -11.76700 -4.29190  1.000 259.61905 ? 412 PRO F C   1 
ATOM 632  O O   . PRO A 1 94  ? 9.06410   -12.36300 -3.30053  1.000 259.61905 ? 412 PRO F O   1 
ATOM 633  C CB  . PRO A 1 94  ? 9.69744   -9.50376  -4.61128  1.000 259.61905 ? 412 PRO F CB  1 
ATOM 634  C CG  . PRO A 1 94  ? 10.32070  -9.16928  -3.32516  1.000 259.61905 ? 412 PRO F CG  1 
ATOM 635  C CD  . PRO A 1 94  ? 9.17996   -8.92815  -2.38079  1.000 259.61905 ? 412 PRO F CD  1 
ATOM 636  N N   . GLY A 1 95  ? 8.36376   -12.37209 -5.44358  1.000 251.36487 ? 413 GLY F N   1 
ATOM 637  C CA  . GLY A 1 95  ? 8.68223   -13.77546 -5.64745  1.000 251.36487 ? 413 GLY F CA  1 
ATOM 638  C C   . GLY A 1 95  ? 7.86389   -14.76164 -4.84643  1.000 251.36487 ? 413 GLY F C   1 
ATOM 639  O O   . GLY A 1 95  ? 8.38801   -15.79740 -4.43047  1.000 251.36487 ? 413 GLY F O   1 
ATOM 640  N N   . GLN A 1 96  ? 6.59932   -14.46340 -4.60517  1.000 263.09946 ? 414 GLN F N   1 
ATOM 641  C CA  . GLN A 1 96  ? 5.71138   -15.36866 -3.89802  1.000 263.09946 ? 414 GLN F CA  1 
ATOM 642  C C   . GLN A 1 96  ? 4.39764   -15.55589 -4.63783  1.000 263.09946 ? 414 GLN F C   1 
ATOM 643  O O   . GLN A 1 96  ? 4.13974   -14.94334 -5.67612  1.000 263.09946 ? 414 GLN F O   1 
ATOM 644  C CB  . GLN A 1 96  ? 5.44915   -14.86922 -2.48048  1.000 263.09946 ? 414 GLN F CB  1 
ATOM 645  C CG  . GLN A 1 96  ? 5.20391   -13.39205 -2.39381  1.000 263.09946 ? 414 GLN F CG  1 
ATOM 646  C CD  . GLN A 1 96  ? 3.78091   -12.95976 -2.63620  1.000 263.09946 ? 414 GLN F CD  1 
ATOM 647  O OE1 . GLN A 1 96  ? 2.83882   -13.67493 -2.32964  1.000 263.09946 ? 414 GLN F OE1 1 
ATOM 648  N NE2 . GLN A 1 96  ? 3.61892   -11.74513 -3.14111  1.000 263.09946 ? 414 GLN F NE2 1 
ATOM 649  N N   . THR A 1 97  ? 3.58388   -16.45127 -4.09747  1.000 352.62616 ? 415 THR F N   1 
ATOM 650  C CA  . THR A 1 97  ? 2.20947   -16.66430 -4.51823  1.000 352.62616 ? 415 THR F CA  1 
ATOM 651  C C   . THR A 1 97  ? 1.25897   -16.24793 -3.39715  1.000 352.62616 ? 415 THR F C   1 
ATOM 652  O O   . THR A 1 97  ? 1.59273   -16.29094 -2.21095  1.000 352.62616 ? 415 THR F O   1 
ATOM 653  C CB  . THR A 1 97  ? 1.96725   -18.12711 -4.90504  1.000 352.62616 ? 415 THR F CB  1 
ATOM 654  O OG1 . THR A 1 97  ? 1.95383   -18.93908 -3.72417  1.000 352.62616 ? 415 THR F OG1 1 
ATOM 655  C CG2 . THR A 1 97  ? 3.05236   -18.62690 -5.84916  1.000 352.62616 ? 415 THR F CG2 1 
ATOM 656  N N   . GLY A 1 98  ? 0.05416   -15.86779 -3.79049  1.000 368.56156 ? 416 GLY F N   1 
ATOM 657  C CA  . GLY A 1 98  ? -0.99497  -15.48598 -2.86995  1.000 368.56156 ? 416 GLY F CA  1 
ATOM 658  C C   . GLY A 1 98  ? -2.22290  -14.99128 -3.60807  1.000 368.56156 ? 416 GLY F C   1 
ATOM 659  O O   . GLY A 1 98  ? -2.24834  -14.88115 -4.83091  1.000 368.56156 ? 416 GLY F O   1 
ATOM 660  N N   . LYS A 1 99  ? -3.25977  -14.70427 -2.81734  1.000 317.40791 ? 417 LYS F N   1 
ATOM 661  C CA  . LYS A 1 99  ? -4.51568  -14.19421 -3.36618  1.000 317.40791 ? 417 LYS F CA  1 
ATOM 662  C C   . LYS A 1 99  ? -4.35162  -12.80085 -3.94935  1.000 317.40791 ? 417 LYS F C   1 
ATOM 663  O O   . LYS A 1 99  ? -4.76939  -12.53111 -5.08479  1.000 317.40791 ? 417 LYS F O   1 
ATOM 664  C CB  . LYS A 1 99  ? -5.57556  -14.19183 -2.27176  1.000 317.40791 ? 417 LYS F CB  1 
ATOM 665  C CG  . LYS A 1 99  ? -6.91681  -13.67569 -2.70167  1.000 317.40791 ? 417 LYS F CG  1 
ATOM 666  C CD  . LYS A 1 99  ? -7.60980  -14.55215 -3.69289  1.000 317.40791 ? 417 LYS F CD  1 
ATOM 667  C CE  . LYS A 1 99  ? -8.97591  -13.98399 -3.88663  1.000 317.40791 ? 417 LYS F CE  1 
ATOM 668  N NZ  . LYS A 1 99  ? -8.76759  -12.66981 -4.52284  1.000 317.40791 ? 417 LYS F NZ  1 
ATOM 669  N N   . ILE A 1 100 ? -3.73359  -11.91336 -3.18126  1.000 362.66978 ? 418 ILE F N   1 
ATOM 670  C CA  . ILE A 1 100 ? -3.35765  -10.59252 -3.66976  1.000 362.66978 ? 418 ILE F CA  1 
ATOM 671  C C   . ILE A 1 100 ? -2.25879  -10.70283 -4.72166  1.000 362.66978 ? 418 ILE F C   1 
ATOM 672  O O   . ILE A 1 100 ? -2.26932  -9.98150  -5.72789  1.000 362.66978 ? 418 ILE F O   1 
ATOM 673  C CB  . ILE A 1 100 ? -2.99213  -9.65769  -2.48970  1.000 362.66978 ? 418 ILE F CB  1 
ATOM 674  C CG1 . ILE A 1 100 ? -4.19198  -9.39208  -1.55081  1.000 362.66978 ? 418 ILE F CG1 1 
ATOM 675  C CG2 . ILE A 1 100 ? -2.38874  -8.33465  -2.91453  1.000 362.66978 ? 418 ILE F CG2 1 
ATOM 676  C CD1 . ILE A 1 100 ? -4.46522  -10.30017 -0.39479  1.000 362.66978 ? 418 ILE F CD1 1 
ATOM 677  N N   . ALA A 1 101 ? -1.35953  -11.67847 -4.55746  1.000 388.75270 ? 419 ALA F N   1 
ATOM 678  C CA  . ALA A 1 101 ? -0.23779  -11.82430 -5.48084  1.000 388.75270 ? 419 ALA F CA  1 
ATOM 679  C C   . ALA A 1 101 ? -0.67640  -12.36729 -6.83859  1.000 388.75270 ? 419 ALA F C   1 
ATOM 680  O O   . ALA A 1 101 ? 0.01400   -12.16474 -7.84083  1.000 388.75270 ? 419 ALA F O   1 
ATOM 681  C CB  . ALA A 1 101 ? 0.83076   -12.72320 -4.86713  1.000 388.75270 ? 419 ALA F CB  1 
ATOM 682  N N   . ASP A 1 102 ? -1.83268  -13.03103 -6.90775  1.000 430.39997 ? 420 ASP F N   1 
ATOM 683  C CA  . ASP A 1 102 ? -2.28294  -13.52486 -8.20830  1.000 430.39997 ? 420 ASP F CA  1 
ATOM 684  C C   . ASP A 1 102 ? -3.39972  -12.66695 -8.79463  1.000 430.39997 ? 420 ASP F C   1 
ATOM 685  O O   . ASP A 1 102 ? -3.48390  -12.50557 -10.01567 1.000 430.39997 ? 420 ASP F O   1 
ATOM 686  C CB  . ASP A 1 102 ? -2.74881  -14.98002 -8.10599  1.000 430.39997 ? 420 ASP F CB  1 
ATOM 687  C CG  . ASP A 1 102 ? -1.61945  -15.93610 -7.77488  1.000 430.39997 ? 420 ASP F CG  1 
ATOM 688  O OD1 . ASP A 1 102 ? -0.45246  -15.49616 -7.74743  1.000 430.39997 ? 420 ASP F OD1 1 
ATOM 689  O OD2 . ASP A 1 102 ? -1.90068  -17.12963 -7.53740  1.000 430.39997 ? 420 ASP F OD2 1 
ATOM 690  N N   . TYR A 1 103 ? -4.28338  -12.12890 -7.96284  1.000 327.99439 ? 421 TYR F N   1 
ATOM 691  C CA  . TYR A 1 103 ? -5.47503  -11.48185 -8.47871  1.000 327.99439 ? 421 TYR F CA  1 
ATOM 692  C C   . TYR A 1 103 ? -5.58068  -9.99661  -8.21671  1.000 327.99439 ? 421 TYR F C   1 
ATOM 693  O O   . TYR A 1 103 ? -6.36909  -9.33283  -8.89624  1.000 327.99439 ? 421 TYR F O   1 
ATOM 694  C CB  . TYR A 1 103 ? -6.72342  -12.17439 -7.92278  1.000 327.99439 ? 421 TYR F CB  1 
ATOM 695  C CG  . TYR A 1 103 ? -7.02600  -13.50144 -8.56625  1.000 327.99439 ? 421 TYR F CG  1 
ATOM 696  C CD1 . TYR A 1 103 ? -6.46525  -13.84507 -9.79781  1.000 327.99439 ? 421 TYR F CD1 1 
ATOM 697  C CD2 . TYR A 1 103 ? -7.85169  -14.42642 -7.94191  1.000 327.99439 ? 421 TYR F CD2 1 
ATOM 698  C CE1 . TYR A 1 103 ? -6.73462  -15.07000 -10.39784 1.000 327.99439 ? 421 TYR F CE1 1 
ATOM 699  C CE2 . TYR A 1 103 ? -8.11886  -15.65875 -8.53013  1.000 327.99439 ? 421 TYR F CE2 1 
ATOM 700  C CZ  . TYR A 1 103 ? -7.56448  -15.97038 -9.75709  1.000 327.99439 ? 421 TYR F CZ  1 
ATOM 701  O OH  . TYR A 1 103 ? -7.83887  -17.18797 -10.33819 1.000 327.99439 ? 421 TYR F OH  1 
ATOM 702  N N   . ASN A 1 104 ? -4.82665  -9.44912  -7.27108  1.000 327.07416 ? 422 ASN F N   1 
ATOM 703  C CA  . ASN A 1 104 ? -5.17234  -8.11886  -6.79837  1.000 327.07416 ? 422 ASN F CA  1 
ATOM 704  C C   . ASN A 1 104 ? -4.01028  -7.13936  -6.94132  1.000 327.07416 ? 422 ASN F C   1 
ATOM 705  O O   . ASN A 1 104 ? -4.20262  -6.01519  -7.41727  1.000 327.07416 ? 422 ASN F O   1 
ATOM 706  C CB  . ASN A 1 104 ? -5.64632  -8.22163  -5.35326  1.000 327.07416 ? 422 ASN F CB  1 
ATOM 707  C CG  . ASN A 1 104 ? -6.86344  -9.12896  -5.20460  1.000 327.07416 ? 422 ASN F CG  1 
ATOM 708  O OD1 . ASN A 1 104 ? -8.00424  -8.68014  -5.28125  1.000 327.07416 ? 422 ASN F OD1 1 
ATOM 709  N ND2 . ASN A 1 104 ? -6.61633  -10.41906 -4.98536  1.000 327.07416 ? 422 ASN F ND2 1 
ATOM 710  N N   . TYR A 1 105 ? -2.80810  -7.55412  -6.53093  1.000 330.62310 ? 423 TYR F N   1 
ATOM 711  C CA  . TYR A 1 105 ? -1.61091  -6.71461  -6.61111  1.000 330.62310 ? 423 TYR F CA  1 
ATOM 712  C C   . TYR A 1 105 ? -0.36829  -7.59851  -6.60942  1.000 330.62310 ? 423 TYR F C   1 
ATOM 713  O O   . TYR A 1 105 ? 0.07377   -8.03265  -5.54099  1.000 330.62310 ? 423 TYR F O   1 
ATOM 714  C CB  . TYR A 1 105 ? -1.57509  -5.73916  -5.43348  1.000 330.62310 ? 423 TYR F CB  1 
ATOM 715  C CG  . TYR A 1 105 ? -0.54608  -4.64900  -5.50405  1.000 330.62310 ? 423 TYR F CG  1 
ATOM 716  C CD1 . TYR A 1 105 ? -0.77178  -3.50829  -6.26637  1.000 330.62310 ? 423 TYR F CD1 1 
ATOM 717  C CD2 . TYR A 1 105 ? 0.63709   -4.74261  -4.77958  1.000 330.62310 ? 423 TYR F CD2 1 
ATOM 718  C CE1 . TYR A 1 105 ? 0.16180   -2.49298  -6.31806  1.000 330.62310 ? 423 TYR F CE1 1 
ATOM 719  C CE2 . TYR A 1 105 ? 1.57872   -3.73527  -4.82293  1.000 330.62310 ? 423 TYR F CE2 1 
ATOM 720  C CZ  . TYR A 1 105 ? 1.33379   -2.61544  -5.59406  1.000 330.62310 ? 423 TYR F CZ  1 
ATOM 721  O OH  . TYR A 1 105 ? 2.26283   -1.60634  -5.64102  1.000 330.62310 ? 423 TYR F OH  1 
ATOM 722  N N   . LYS A 1 106 ? 0.19978   -7.85554  -7.79016  1.000 280.51524 ? 424 LYS F N   1 
ATOM 723  C CA  . LYS A 1 106 ? 1.43100   -8.63036  -7.94057  1.000 280.51524 ? 424 LYS F CA  1 
ATOM 724  C C   . LYS A 1 106 ? 2.59687   -7.65138  -7.93132  1.000 280.51524 ? 424 LYS F C   1 
ATOM 725  O O   . LYS A 1 106 ? 2.45797   -6.51596  -8.39850  1.000 280.51524 ? 424 LYS F O   1 
ATOM 726  C CB  . LYS A 1 106 ? 1.39205   -9.47447  -9.22417  1.000 280.51524 ? 424 LYS F CB  1 
ATOM 727  C CG  . LYS A 1 106 ? 2.63521   -10.31821 -9.57597  1.000 280.51524 ? 424 LYS F CG  1 
ATOM 728  C CD  . LYS A 1 106 ? 3.10545   -11.24177 -8.46127  1.000 280.51524 ? 424 LYS F CD  1 
ATOM 729  C CE  . LYS A 1 106 ? 4.25704   -12.11191 -8.93146  1.000 280.51524 ? 424 LYS F CE  1 
ATOM 730  N NZ  . LYS A 1 106 ? 4.82313   -12.93916 -7.83782  1.000 280.51524 ? 424 LYS F NZ  1 
ATOM 731  N N   . LEU A 1 107 ? 3.72426   -8.07229  -7.36324  1.000 238.60960 ? 425 LEU F N   1 
ATOM 732  C CA  . LEU A 1 107 ? 4.82984   -7.15757  -7.14666  1.000 238.60960 ? 425 LEU F CA  1 
ATOM 733  C C   . LEU A 1 107 ? 6.09173   -7.68763  -7.82457  1.000 238.60960 ? 425 LEU F C   1 
ATOM 734  O O   . LEU A 1 107 ? 6.37814   -8.88501  -7.74553  1.000 238.60960 ? 425 LEU F O   1 
ATOM 735  C CB  . LEU A 1 107 ? 5.03997   -6.96558  -5.64278  1.000 238.60960 ? 425 LEU F CB  1 
ATOM 736  C CG  . LEU A 1 107 ? 5.97141   -5.98412  -4.92787  1.000 238.60960 ? 425 LEU F CG  1 
ATOM 737  C CD1 . LEU A 1 107 ? 5.37946   -5.68982  -3.56638  1.000 238.60960 ? 425 LEU F CD1 1 
ATOM 738  C CD2 . LEU A 1 107 ? 7.32184   -6.58258  -4.68901  1.000 238.60960 ? 425 LEU F CD2 1 
ATOM 739  N N   . PRO A 1 108 ? 6.83626   -6.81906  -8.51133  1.000 228.77981 ? 426 PRO F N   1 
ATOM 740  C CA  . PRO A 1 108 ? 8.00392   -7.27613  -9.27070  1.000 228.77981 ? 426 PRO F CA  1 
ATOM 741  C C   . PRO A 1 108 ? 9.16870   -7.60510  -8.35835  1.000 228.77981 ? 426 PRO F C   1 
ATOM 742  O O   . PRO A 1 108 ? 9.31106   -7.08688  -7.25366  1.000 228.77981 ? 426 PRO F O   1 
ATOM 743  C CB  . PRO A 1 108 ? 8.33184   -6.08465  -10.16637 1.000 228.77981 ? 426 PRO F CB  1 
ATOM 744  C CG  . PRO A 1 108 ? 7.88378   -4.92301  -9.38493  1.000 228.77981 ? 426 PRO F CG  1 
ATOM 745  C CD  . PRO A 1 108 ? 6.64644   -5.36409  -8.64518  1.000 228.77981 ? 426 PRO F CD  1 
ATOM 746  N N   . ASP A 1 109 ? 10.04639  -8.45676  -8.87408  1.000 305.93123 ? 427 ASP F N   1 
ATOM 747  C CA  . ASP A 1 109 ? 11.01888  -9.11299  -8.01359  1.000 305.93123 ? 427 ASP F CA  1 
ATOM 748  C C   . ASP A 1 109 ? 12.19571  -8.19767  -7.69330  1.000 305.93123 ? 427 ASP F C   1 
ATOM 749  O O   . ASP A 1 109 ? 12.93092  -8.42286  -6.72416  1.000 305.93123 ? 427 ASP F O   1 
ATOM 750  C CB  . ASP A 1 109 ? 11.44403  -10.41749 -8.66788  1.000 305.93123 ? 427 ASP F CB  1 
ATOM 751  C CG  . ASP A 1 109 ? 10.31256  -11.42054 -8.67878  1.000 305.93123 ? 427 ASP F CG  1 
ATOM 752  O OD1 . ASP A 1 109 ? 9.47118   -11.35074 -7.76039  1.000 305.93123 ? 427 ASP F OD1 1 
ATOM 753  O OD2 . ASP A 1 109 ? 10.23744  -12.24994 -9.60417  1.000 305.93123 ? 427 ASP F OD2 1 
ATOM 754  N N   . ASP A 1 110 ? 12.35209  -7.13091  -8.47221  1.000 320.64635 ? 428 ASP F N   1 
ATOM 755  C CA  . ASP A 1 110 ? 13.40770  -6.13888  -8.31357  1.000 320.64635 ? 428 ASP F CA  1 
ATOM 756  C C   . ASP A 1 110 ? 13.11134  -4.99956  -7.33628  1.000 320.64635 ? 428 ASP F C   1 
ATOM 757  O O   . ASP A 1 110 ? 13.39805  -3.83456  -7.63019  1.000 320.64635 ? 428 ASP F O   1 
ATOM 758  C CB  . ASP A 1 110 ? 13.72559  -5.60622  -9.71759  1.000 320.64635 ? 428 ASP F CB  1 
ATOM 759  C CG  . ASP A 1 110 ? 12.52010  -4.89536  -10.40035 1.000 320.64635 ? 428 ASP F CG  1 
ATOM 760  O OD1 . ASP A 1 110 ? 11.39590  -4.82303  -9.84806  1.000 320.64635 ? 428 ASP F OD1 1 
ATOM 761  O OD2 . ASP A 1 110 ? 12.71487  -4.38746  -11.52192 1.000 320.64635 ? 428 ASP F OD2 1 
ATOM 762  N N   . PHE A 1 111 ? 12.61706  -5.31196  -6.14776  1.000 275.45051 ? 429 PHE F N   1 
ATOM 763  C CA  . PHE A 1 111 ? 11.85756  -4.30430  -5.42551  1.000 275.45051 ? 429 PHE F CA  1 
ATOM 764  C C   . PHE A 1 111 ? 12.76293  -3.48283  -4.51349  1.000 275.45051 ? 429 PHE F C   1 
ATOM 765  O O   . PHE A 1 111 ? 13.34662  -4.00630  -3.56091  1.000 275.45051 ? 429 PHE F O   1 
ATOM 766  C CB  . PHE A 1 111 ? 10.73884  -4.97539  -4.63806  1.000 275.45051 ? 429 PHE F CB  1 
ATOM 767  C CG  . PHE A 1 111 ? 9.80000   -4.01420  -3.99005  1.000 275.45051 ? 429 PHE F CG  1 
ATOM 768  C CD1 . PHE A 1 111 ? 9.16861   -3.04457  -4.76103  1.000 275.45051 ? 429 PHE F CD1 1 
ATOM 769  C CD2 . PHE A 1 111 ? 9.48994   -4.11077  -2.64213  1.000 275.45051 ? 429 PHE F CD2 1 
ATOM 770  C CE1 . PHE A 1 111 ? 8.27811   -2.15334  -4.19137  1.000 275.45051 ? 429 PHE F CE1 1 
ATOM 771  C CE2 . PHE A 1 111 ? 8.58825   -3.22414  -2.06560  1.000 275.45051 ? 429 PHE F CE2 1 
ATOM 772  C CZ  . PHE A 1 111 ? 7.98356   -2.24784  -2.84359  1.000 275.45051 ? 429 PHE F CZ  1 
ATOM 773  N N   . THR A 1 112 ? 12.88466  -2.18869  -4.81777  1.000 261.42336 ? 430 THR F N   1 
ATOM 774  C CA  . THR A 1 112 ? 13.66078  -1.25380  -4.00950  1.000 261.42336 ? 430 THR F CA  1 
ATOM 775  C C   . THR A 1 112 ? 12.78163  -0.26917  -3.24638  1.000 261.42336 ? 430 THR F C   1 
ATOM 776  O O   . THR A 1 112 ? 13.30061  0.52017   -2.44529  1.000 261.42336 ? 430 THR F O   1 
ATOM 777  C CB  . THR A 1 112 ? 14.64714  -0.48698  -4.88737  1.000 261.42336 ? 430 THR F CB  1 
ATOM 778  O OG1 . THR A 1 112 ? 13.93156  0.17835   -5.93425  1.000 261.42336 ? 430 THR F OG1 1 
ATOM 779  C CG2 . THR A 1 112 ? 15.64204  -1.44751  -5.50340  1.000 261.42336 ? 430 THR F CG2 1 
ATOM 780  N N   . GLY A 1 113 ? 11.46818  -0.29534  -3.47393  1.000 256.48204 ? 431 GLY F N   1 
ATOM 781  C CA  . GLY A 1 113 ? 10.51349  0.48785   -2.72005  1.000 256.48204 ? 431 GLY F CA  1 
ATOM 782  C C   . GLY A 1 113 ? 10.23946  -0.12800  -1.36641  1.000 256.48204 ? 431 GLY F C   1 
ATOM 783  O O   . GLY A 1 113 ? 10.81179  -1.15589  -0.99131  1.000 256.48204 ? 431 GLY F O   1 
ATOM 784  N N   . CYS A 1 114 ? 9.37751   0.52294   -0.59490  1.000 291.94058 ? 432 CYS F N   1 
ATOM 785  C CA  . CYS A 1 114 ? 9.19204   0.11377   0.79130   1.000 291.94058 ? 432 CYS F CA  1 
ATOM 786  C C   . CYS A 1 114 ? 7.71239   0.05502   1.15611   1.000 291.94058 ? 432 CYS F C   1 
ATOM 787  O O   . CYS A 1 114 ? 6.87986   0.74279   0.56256   1.000 291.94058 ? 432 CYS F O   1 
ATOM 788  C CB  . CYS A 1 114 ? 9.98942   1.03965   1.73433   1.000 291.94058 ? 432 CYS F CB  1 
ATOM 789  S SG  . CYS A 1 114 ? 11.82319  0.81670   1.51602   1.000 291.94058 ? 432 CYS F SG  1 
ATOM 790  N N   . VAL A 1 115 ? 7.38963   -0.79676  2.12919   1.000 262.06704 ? 433 VAL F N   1 
ATOM 791  C CA  . VAL A 1 115 ? 6.02976   -1.25758  2.38845   1.000 262.06704 ? 433 VAL F CA  1 
ATOM 792  C C   . VAL A 1 115 ? 5.64308   -0.87807  3.81281   1.000 262.06704 ? 433 VAL F C   1 
ATOM 793  O O   . VAL A 1 115 ? 6.34991   -1.22329  4.77554   1.000 262.06704 ? 433 VAL F O   1 
ATOM 794  C CB  . VAL A 1 115 ? 5.91027   -2.77547  2.17202   1.000 262.06704 ? 433 VAL F CB  1 
ATOM 795  C CG1 . VAL A 1 115 ? 4.57532   -3.30785  2.66907   1.000 262.06704 ? 433 VAL F CG1 1 
ATOM 796  C CG2 . VAL A 1 115 ? 6.10680   -3.11479  0.70434   1.000 262.06704 ? 433 VAL F CG2 1 
ATOM 797  N N   . ILE A 1 116 ? 4.51733   -0.17430  3.94806   1.000 252.74272 ? 434 ILE F N   1 
ATOM 798  C CA  . ILE A 1 116 ? 3.99305   0.23287   5.24211   1.000 252.74272 ? 434 ILE F CA  1 
ATOM 799  C C   . ILE A 1 116 ? 2.56229   -0.27695  5.35193   1.000 252.74272 ? 434 ILE F C   1 
ATOM 800  O O   . ILE A 1 116 ? 1.73770   -0.02582  4.46661   1.000 252.74272 ? 434 ILE F O   1 
ATOM 801  C CB  . ILE A 1 116 ? 4.05079   1.76732   5.39182   1.000 252.74272 ? 434 ILE F CB  1 
ATOM 802  C CG1 . ILE A 1 116 ? 5.49072   2.24204   5.57431   1.000 252.74272 ? 434 ILE F CG1 1 
ATOM 803  C CG2 . ILE A 1 116 ? 3.26622   2.23033   6.60141   1.000 252.74272 ? 434 ILE F CG2 1 
ATOM 804  C CD1 . ILE A 1 116 ? 6.22312   1.60478   6.72670   1.000 252.74272 ? 434 ILE F CD1 1 
ATOM 805  N N   . ALA A 1 117 ? 2.26685   -1.00843  6.42393   1.000 204.76308 ? 435 ALA F N   1 
ATOM 806  C CA  . ALA A 1 117 ? 0.89150   -1.39935  6.69130   1.000 204.76308 ? 435 ALA F CA  1 
ATOM 807  C C   . ALA A 1 117 ? 0.56073   -1.10764  8.14490   1.000 204.76308 ? 435 ALA F C   1 
ATOM 808  O O   . ALA A 1 117 ? 1.43856   -1.07620  9.00793   1.000 204.76308 ? 435 ALA F O   1 
ATOM 809  C CB  . ALA A 1 117 ? 0.64182   -2.87247  6.37227   1.000 204.76308 ? 435 ALA F CB  1 
ATOM 810  N N   . TRP A 1 118 ? -0.72317  -0.87759  8.40183   1.000 232.64851 ? 436 TRP F N   1 
ATOM 811  C CA  . TRP A 1 118 ? -1.16771  -0.56052  9.74961   1.000 232.64851 ? 436 TRP F CA  1 
ATOM 812  C C   . TRP A 1 118 ? -2.62464  -0.95816  9.91623   1.000 232.64851 ? 436 TRP F C   1 
ATOM 813  O O   . TRP A 1 118 ? -3.32394  -1.24204  8.94370   1.000 232.64851 ? 436 TRP F O   1 
ATOM 814  C CB  . TRP A 1 118 ? -1.00195  0.92279   10.09669  1.000 232.64851 ? 436 TRP F CB  1 
ATOM 815  C CG  . TRP A 1 118 ? -1.76412  1.87548   9.21928   1.000 232.64851 ? 436 TRP F CG  1 
ATOM 816  C CD1 . TRP A 1 118 ? -2.87797  2.57894   9.56944   1.000 232.64851 ? 436 TRP F CD1 1 
ATOM 817  C CD2 . TRP A 1 118 ? -1.39388  2.34757   7.91452   1.000 232.64851 ? 436 TRP F CD2 1 
ATOM 818  N NE1 . TRP A 1 118 ? -3.27367  3.39171   8.53845   1.000 232.64851 ? 436 TRP F NE1 1 
ATOM 819  C CE2 . TRP A 1 118 ? -2.37283  3.27750   7.51431   1.000 232.64851 ? 436 TRP F CE2 1 
ATOM 820  C CE3 . TRP A 1 118 ? -0.34697  2.05954   7.03880   1.000 232.64851 ? 436 TRP F CE3 1 
ATOM 821  C CZ2 . TRP A 1 118 ? -2.33622  3.91369   6.27633   1.000 232.64851 ? 436 TRP F CZ2 1 
ATOM 822  C CZ3 . TRP A 1 118 ? -0.31895  2.68315   5.80832   1.000 232.64851 ? 436 TRP F CZ3 1 
ATOM 823  C CH2 . TRP A 1 118 ? -1.30476  3.60080   5.43899   1.000 232.64851 ? 436 TRP F CH2 1 
ATOM 824  N N   . ASN A 1 119 ? -3.07350  -0.96830  11.17309  1.000 212.37065 ? 437 ASN F N   1 
ATOM 825  C CA  . ASN A 1 119 ? -4.44647  -1.33432  11.50104  1.000 212.37065 ? 437 ASN F CA  1 
ATOM 826  C C   . ASN A 1 119 ? -5.42212  -0.25263  11.06290  1.000 212.37065 ? 437 ASN F C   1 
ATOM 827  O O   . ASN A 1 119 ? -5.12025  0.94182   11.12656  1.000 212.37065 ? 437 ASN F O   1 
ATOM 828  C CB  . ASN A 1 119 ? -4.59592  -1.59892  13.00188  1.000 212.37065 ? 437 ASN F CB  1 
ATOM 829  C CG  . ASN A 1 119 ? -5.98337  -2.14169  13.38363  1.000 212.37065 ? 437 ASN F CG  1 
ATOM 830  O OD1 . ASN A 1 119 ? -6.94857  -1.38768  13.51368  1.000 212.37065 ? 437 ASN F OD1 1 
ATOM 831  N ND2 . ASN A 1 119 ? -6.07101  -3.44329  13.59639  1.000 212.37065 ? 437 ASN F ND2 1 
ATOM 832  N N   . SER A 1 120 ? -6.58892  -0.68450  10.60392  1.000 228.32707 ? 438 SER F N   1 
ATOM 833  C CA  . SER A 1 120 ? -7.72616  0.19327   10.39284  1.000 228.32707 ? 438 SER F CA  1 
ATOM 834  C C   . SER A 1 120 ? -9.02694  -0.48859  10.79634  1.000 228.32707 ? 438 SER F C   1 
ATOM 835  O O   . SER A 1 120 ? -10.00927 -0.43921  10.06016  1.000 228.32707 ? 438 SER F O   1 
ATOM 836  C CB  . SER A 1 120 ? -7.78454  0.64798   8.94042   1.000 228.32707 ? 438 SER F CB  1 
ATOM 837  O OG  . SER A 1 120 ? -7.90747  -0.46167  8.06889   1.000 228.32707 ? 438 SER F OG  1 
ATOM 838  N N   . ASN A 1 121 ? -9.03893  -1.16037  11.94998  1.000 251.87305 ? 439 ASN F N   1 
ATOM 839  C CA  . ASN A 1 121 ? -10.30202 -1.64522  12.49641  1.000 251.87305 ? 439 ASN F CA  1 
ATOM 840  C C   . ASN A 1 121 ? -11.17463 -0.48919  12.95227  1.000 251.87305 ? 439 ASN F C   1 
ATOM 841  O O   . ASN A 1 121 ? -12.40438 -0.53560  12.83752  1.000 251.87305 ? 439 ASN F O   1 
ATOM 842  C CB  . ASN A 1 121 ? -10.05459 -2.57485  13.67694  1.000 251.87305 ? 439 ASN F CB  1 
ATOM 843  C CG  . ASN A 1 121 ? -11.32857 -3.17730  14.19497  1.000 251.87305 ? 439 ASN F CG  1 
ATOM 844  O OD1 . ASN A 1 121 ? -12.23979 -3.43492  13.41884  1.000 251.87305 ? 439 ASN F OD1 1 
ATOM 845  N ND2 . ASN A 1 121 ? -11.40461 -3.40968  15.49669  1.000 251.87305 ? 439 ASN F ND2 1 
ATOM 846  N N   . ASN A 1 122 ? -10.53740 0.54438   13.47712  1.000 229.21995 ? 440 ASN F N   1 
ATOM 847  C CA  . ASN A 1 122 ? -11.16658 1.78982   13.86587  1.000 229.21995 ? 440 ASN F CA  1 
ATOM 848  C C   . ASN A 1 122 ? -11.88048 2.53815   12.74219  1.000 229.21995 ? 440 ASN F C   1 
ATOM 849  O O   . ASN A 1 122 ? -12.99680 3.01519   12.96096  1.000 229.21995 ? 440 ASN F O   1 
ATOM 850  C CB  . ASN A 1 122 ? -10.07549 2.60379   14.56163  1.000 229.21995 ? 440 ASN F CB  1 
ATOM 851  C CG  . ASN A 1 122 ? -8.88201  2.95035   13.64196  1.000 229.21995 ? 440 ASN F CG  1 
ATOM 852  O OD1 . ASN A 1 122 ? -8.86575  2.69847   12.43255  1.000 229.21995 ? 440 ASN F OD1 1 
ATOM 853  N ND2 . ASN A 1 122 ? -7.86358  3.53006   14.24773  1.000 229.21995 ? 440 ASN F ND2 1 
ATOM 854  N N   . LEU A 1 123 ? -11.28540 2.63895   11.55322  1.000 282.73951 ? 441 LEU F N   1 
ATOM 855  C CA  . LEU A 1 123 ? -11.92868 3.32970   10.44208  1.000 282.73951 ? 441 LEU F CA  1 
ATOM 856  C C   . LEU A 1 123 ? -12.54137 2.41987   9.39481   1.000 282.73951 ? 441 LEU F C   1 
ATOM 857  O O   . LEU A 1 123 ? -13.67454 2.66958   8.98096   1.000 282.73951 ? 441 LEU F O   1 
ATOM 858  C CB  . LEU A 1 123 ? -10.96144 4.28428   9.73071   1.000 282.73951 ? 441 LEU F CB  1 
ATOM 859  C CG  . LEU A 1 123 ? -10.61520 5.67430   10.27770  1.000 282.73951 ? 441 LEU F CG  1 
ATOM 860  C CD1 . LEU A 1 123 ? -9.73966  5.70907   11.50494  1.000 282.73951 ? 441 LEU F CD1 1 
ATOM 861  C CD2 . LEU A 1 123 ? -9.97429  6.47728   9.16029   1.000 282.73951 ? 441 LEU F CD2 1 
ATOM 862  N N   . ASP A 1 124 ? -11.84292 1.38201   8.94073   1.000 320.91787 ? 442 ASP F N   1 
ATOM 863  C CA  . ASP A 1 124 ? -12.34019 0.58728   7.82308   1.000 320.91787 ? 442 ASP F CA  1 
ATOM 864  C C   . ASP A 1 124 ? -13.27554 -0.53636  8.24035   1.000 320.91787 ? 442 ASP F C   1 
ATOM 865  O O   . ASP A 1 124 ? -13.53180 -1.43110  7.43038   1.000 320.91787 ? 442 ASP F O   1 
ATOM 866  C CB  . ASP A 1 124 ? -11.18525 -0.01231  7.01827   1.000 320.91787 ? 442 ASP F CB  1 
ATOM 867  C CG  . ASP A 1 124 ? -10.49307 0.99474   6.14458   1.000 320.91787 ? 442 ASP F CG  1 
ATOM 868  O OD1 . ASP A 1 124 ? -11.15068 1.91760   5.63710   1.000 320.91787 ? 442 ASP F OD1 1 
ATOM 869  O OD2 . ASP A 1 124 ? -9.27533  0.86343   5.96567   1.000 320.91787 ? 442 ASP F OD2 1 
ATOM 870  N N   . SER A 1 125 ? -13.78561 -0.52599  9.46784   1.000 328.33339 ? 443 SER F N   1 
ATOM 871  C CA  . SER A 1 125 ? -14.78225 -1.49235  9.89623   1.000 328.33339 ? 443 SER F CA  1 
ATOM 872  C C   . SER A 1 125 ? -15.75092 -0.82142  10.85212  1.000 328.33339 ? 443 SER F C   1 
ATOM 873  O O   . SER A 1 125 ? -15.45903 0.21902   11.44725  1.000 328.33339 ? 443 SER F O   1 
ATOM 874  C CB  . SER A 1 125 ? -14.15693 -2.72404  10.56741  1.000 328.33339 ? 443 SER F CB  1 
ATOM 875  O OG  . SER A 1 125 ? -13.47557 -2.37400  11.75364  1.000 328.33339 ? 443 SER F OG  1 
ATOM 876  N N   . LYS A 1 126 ? -16.91210 -1.44354  10.99335  1.000 329.25046 ? 444 LYS F N   1 
ATOM 877  C CA  . LYS A 1 126 ? -17.97838 -0.87530  11.79395  1.000 329.25046 ? 444 LYS F CA  1 
ATOM 878  C C   . LYS A 1 126 ? -18.87917 -1.99848  12.26263  1.000 329.25046 ? 444 LYS F C   1 
ATOM 879  O O   . LYS A 1 126 ? -18.78164 -3.13386  11.79272  1.000 329.25046 ? 444 LYS F O   1 
ATOM 880  C CB  . LYS A 1 126 ? -18.77594 0.15106   11.00091  1.000 329.25046 ? 444 LYS F CB  1 
ATOM 881  C CG  . LYS A 1 126 ? -19.51756 -0.46315  9.84230   1.000 329.25046 ? 444 LYS F CG  1 
ATOM 882  C CD  . LYS A 1 126 ? -20.30705 0.59676   9.13590   1.000 329.25046 ? 444 LYS F CD  1 
ATOM 883  C CE  . LYS A 1 126 ? -19.37173 1.50276   8.37942   1.000 329.25046 ? 444 LYS F CE  1 
ATOM 884  N NZ  . LYS A 1 126 ? -18.71338 0.76281   7.29369   1.000 329.25046 ? 444 LYS F NZ  1 
ATOM 885  N N   . VAL A 1 127 ? -19.75554 -1.65501  13.20439  1.000 407.16986 ? 445 VAL F N   1 
ATOM 886  C CA  . VAL A 1 127 ? -20.70200 -2.61108  13.75746  1.000 407.16986 ? 445 VAL F CA  1 
ATOM 887  C C   . VAL A 1 127 ? -21.78905 -2.89938  12.73513  1.000 407.16986 ? 445 VAL F C   1 
ATOM 888  O O   . VAL A 1 127 ? -22.32992 -1.98337  12.10164  1.000 407.16986 ? 445 VAL F O   1 
ATOM 889  C CB  . VAL A 1 127 ? -21.29932 -2.06116  15.06192  1.000 407.16986 ? 445 VAL F CB  1 
ATOM 890  C CG1 . VAL A 1 127 ? -22.05857 -3.14655  15.81223  1.000 407.16986 ? 445 VAL F CG1 1 
ATOM 891  C CG2 . VAL A 1 127 ? -20.20376 -1.46142  15.92398  1.000 407.16986 ? 445 VAL F CG2 1 
ATOM 892  N N   . GLY A 1 128 ? -22.11178 -4.18124  12.56298  1.000 420.71717 ? 446 GLY F N   1 
ATOM 893  C CA  . GLY A 1 128 ? -23.08194 -4.59932  11.57835  1.000 420.71717 ? 446 GLY F CA  1 
ATOM 894  C C   . GLY A 1 128 ? -22.49258 -4.95679  10.23559  1.000 420.71717 ? 446 GLY F C   1 
ATOM 895  O O   . GLY A 1 128 ? -23.24112 -5.33416  9.32533   1.000 420.71717 ? 446 GLY F O   1 
ATOM 896  N N   . GLY A 1 129 ? -21.17716 -4.84771  10.07917  1.000 384.13487 ? 447 GLY F N   1 
ATOM 897  C CA  . GLY A 1 129 ? -20.57957 -5.18650  8.79970   1.000 384.13487 ? 447 GLY F CA  1 
ATOM 898  C C   . GLY A 1 129 ? -20.11284 -3.94367  8.06913   1.000 384.13487 ? 447 GLY F C   1 
ATOM 899  O O   . GLY A 1 129 ? -20.81292 -2.93673  7.97573   1.000 384.13487 ? 447 GLY F O   1 
ATOM 900  N N   . ASN A 1 130 ? -18.88483 -4.00974  7.57131   1.000 387.14659 ? 448 ASN F N   1 
ATOM 901  C CA  . ASN A 1 130 ? -18.41039 -3.09471  6.54583   1.000 387.14659 ? 448 ASN F CA  1 
ATOM 902  C C   . ASN A 1 130 ? -18.16943 -3.88943  5.27191   1.000 387.14659 ? 448 ASN F C   1 
ATOM 903  O O   . ASN A 1 130 ? -17.33123 -4.79718  5.24705   1.000 387.14659 ? 448 ASN F O   1 
ATOM 904  C CB  . ASN A 1 130 ? -17.13441 -2.37218  6.95985   1.000 387.14659 ? 448 ASN F CB  1 
ATOM 905  C CG  . ASN A 1 130 ? -16.72081 -1.33152  5.94873   1.000 387.14659 ? 448 ASN F CG  1 
ATOM 906  O OD1 . ASN A 1 130 ? -17.55916 -0.79415  5.22945   1.000 387.14659 ? 448 ASN F OD1 1 
ATOM 907  N ND2 . ASN A 1 130 ? -15.42777 -1.06460  5.86042   1.000 387.14659 ? 448 ASN F ND2 1 
ATOM 908  N N   . TYR A 1 131 ? -18.91675 -3.55538  4.22549   1.000 353.37608 ? 449 TYR F N   1 
ATOM 909  C CA  . TYR A 1 131 ? -18.78807 -4.19412  2.92408   1.000 353.37608 ? 449 TYR F CA  1 
ATOM 910  C C   . TYR A 1 131 ? -18.22908 -3.23846  1.88373   1.000 353.37608 ? 449 TYR F C   1 
ATOM 911  O O   . TYR A 1 131 ? -18.66241 -3.27100  0.72771   1.000 353.37608 ? 449 TYR F O   1 
ATOM 912  C CB  . TYR A 1 131 ? -20.14155 -4.75302  2.47055   1.000 353.37608 ? 449 TYR F CB  1 
ATOM 913  C CG  . TYR A 1 131 ? -20.67937 -5.90777  3.30705   1.000 353.37608 ? 449 TYR F CG  1 
ATOM 914  C CD1 . TYR A 1 131 ? -19.83457 -6.67349  4.12230   1.000 353.37608 ? 449 TYR F CD1 1 
ATOM 915  C CD2 . TYR A 1 131 ? -22.03635 -6.22223  3.29283   1.000 353.37608 ? 449 TYR F CD2 1 
ATOM 916  C CE1 . TYR A 1 131 ? -20.32278 -7.71575  4.88695   1.000 353.37608 ? 449 TYR F CE1 1 
ATOM 917  C CE2 . TYR A 1 131 ? -22.53524 -7.27056  4.05784   1.000 353.37608 ? 449 TYR F CE2 1 
ATOM 918  C CZ  . TYR A 1 131 ? -21.66972 -8.00982  4.84966   1.000 353.37608 ? 449 TYR F CZ  1 
ATOM 919  O OH  . TYR A 1 131 ? -22.15395 -9.04690  5.60949   1.000 353.37608 ? 449 TYR F OH  1 
ATOM 920  N N   . ASN A 1 132 ? -17.27787 -2.38832  2.27848   1.000 341.20765 ? 450 ASN F N   1 
ATOM 921  C CA  . ASN A 1 132 ? -16.81547 -1.29869  1.42624   1.000 341.20765 ? 450 ASN F CA  1 
ATOM 922  C C   . ASN A 1 132 ? -15.92729 -1.82471  0.30167   1.000 341.20765 ? 450 ASN F C   1 
ATOM 923  O O   . ASN A 1 132 ? -16.01128 -1.34866  -0.83609  1.000 341.20765 ? 450 ASN F O   1 
ATOM 924  C CB  . ASN A 1 132 ? -16.06998 -0.28068  2.30867   1.000 341.20765 ? 450 ASN F CB  1 
ATOM 925  C CG  . ASN A 1 132 ? -15.70295 1.04065   1.59927   1.000 341.20765 ? 450 ASN F CG  1 
ATOM 926  O OD1 . ASN A 1 132 ? -15.12616 1.96955   2.16686   1.000 341.20765 ? 450 ASN F OD1 1 
ATOM 927  N ND2 . ASN A 1 132 ? -16.06591 1.11240   0.32441   1.000 341.20765 ? 450 ASN F ND2 1 
ATOM 928  N N   . TYR A 1 133 ? -15.10818 -2.82668  0.58126   1.000 296.89542 ? 451 TYR F N   1 
ATOM 929  C CA  . TYR A 1 133 ? -13.97119 -3.13696  -0.26934  1.000 296.89542 ? 451 TYR F CA  1 
ATOM 930  C C   . TYR A 1 133 ? -14.22616 -4.39750  -1.08339  1.000 296.89542 ? 451 TYR F C   1 
ATOM 931  O O   . TYR A 1 133 ? -14.99977 -5.26947  -0.67660  1.000 296.89542 ? 451 TYR F O   1 
ATOM 932  C CB  . TYR A 1 133 ? -12.70078 -3.24088  0.57724   1.000 296.89542 ? 451 TYR F CB  1 
ATOM 933  C CG  . TYR A 1 133 ? -12.45942 -1.93704  1.30886   1.000 296.89542 ? 451 TYR F CG  1 
ATOM 934  C CD1 . TYR A 1 133 ? -11.92177 -0.84364  0.63801   1.000 296.89542 ? 451 TYR F CD1 1 
ATOM 935  C CD2 . TYR A 1 133 ? -12.79754 -1.78712  2.65779   1.000 296.89542 ? 451 TYR F CD2 1 
ATOM 936  C CE1 . TYR A 1 133 ? -11.72540 0.36063   1.27883   1.000 296.89542 ? 451 TYR F CE1 1 
ATOM 937  C CE2 . TYR A 1 133 ? -12.60244 -0.58273  3.31122   1.000 296.89542 ? 451 TYR F CE2 1 
ATOM 938  C CZ  . TYR A 1 133 ? -12.06656 0.48452   2.61225   1.000 296.89542 ? 451 TYR F CZ  1 
ATOM 939  O OH  . TYR A 1 133 ? -11.86253 1.68858   3.24578   1.000 296.89542 ? 451 TYR F OH  1 
ATOM 940  N N   . LEU A 1 134 ? -13.58056 -4.47022  -2.23859  1.000 321.72805 ? 452 LEU F N   1 
ATOM 941  C CA  . LEU A 1 134 ? -13.89398 -5.41598  -3.28946  1.000 321.72805 ? 452 LEU F CA  1 
ATOM 942  C C   . LEU A 1 134 ? -12.59528 -6.05609  -3.76759  1.000 321.72805 ? 452 LEU F C   1 
ATOM 943  O O   . LEU A 1 134 ? -11.58673 -5.37390  -3.96994  1.000 321.72805 ? 452 LEU F O   1 
ATOM 944  C CB  . LEU A 1 134 ? -14.59902 -4.67575  -4.43028  1.000 321.72805 ? 452 LEU F CB  1 
ATOM 945  C CG  . LEU A 1 134 ? -15.32502 -5.29106  -5.62138  1.000 321.72805 ? 452 LEU F CG  1 
ATOM 946  C CD1 . LEU A 1 134 ? -16.19733 -6.46291  -5.22968  1.000 321.72805 ? 452 LEU F CD1 1 
ATOM 947  C CD2 . LEU A 1 134 ? -16.14806 -4.22164  -6.32044  1.000 321.72805 ? 452 LEU F CD2 1 
ATOM 948  N N   . TYR A 1 135 ? -12.61347 -7.37924  -3.94088  1.000 304.43075 ? 453 TYR F N   1 
ATOM 949  C CA  . TYR A 1 135 ? -11.41605 -8.11957  -4.32875  1.000 304.43075 ? 453 TYR F CA  1 
ATOM 950  C C   . TYR A 1 135 ? -11.73719 -9.14705  -5.40403  1.000 304.43075 ? 453 TYR F C   1 
ATOM 951  O O   . TYR A 1 135 ? -12.83654 -9.70450  -5.46583  1.000 304.43075 ? 453 TYR F O   1 
ATOM 952  C CB  . TYR A 1 135 ? -10.73662 -8.78310  -3.11423  1.000 304.43075 ? 453 TYR F CB  1 
ATOM 953  C CG  . TYR A 1 135 ? -11.53974 -9.85197  -2.40226  1.000 304.43075 ? 453 TYR F CG  1 
ATOM 954  C CD1 . TYR A 1 135 ? -12.47868 -9.49218  -1.44069  1.000 304.43075 ? 453 TYR F CD1 1 
ATOM 955  C CD2 . TYR A 1 135 ? -11.34548 -11.20629 -2.66096  1.000 304.43075 ? 453 TYR F CD2 1 
ATOM 956  C CE1 . TYR A 1 135 ? -13.21082 -10.42545 -0.76896  1.000 304.43075 ? 453 TYR F CE1 1 
ATOM 957  C CE2 . TYR A 1 135 ? -12.08576 -12.16237 -1.98740  1.000 304.43075 ? 453 TYR F CE2 1 
ATOM 958  C CZ  . TYR A 1 135 ? -13.01318 -11.75303 -1.03937  1.000 304.43075 ? 453 TYR F CZ  1 
ATOM 959  O OH  . TYR A 1 135 ? -13.76623 -12.66372 -0.34651  1.000 304.43075 ? 453 TYR F OH  1 
ATOM 960  N N   . ARG A 1 136 ? -10.73262 -9.40218  -6.23905  1.000 238.73943 ? 454 ARG F N   1 
ATOM 961  C CA  . ARG A 1 136 ? -10.86209 -10.28364 -7.38686  1.000 238.73943 ? 454 ARG F CA  1 
ATOM 962  C C   . ARG A 1 136 ? -10.83964 -11.72341 -6.90514  1.000 238.73943 ? 454 ARG F C   1 
ATOM 963  O O   . ARG A 1 136 ? -9.77411  -12.25592 -6.59073  1.000 238.73943 ? 454 ARG F O   1 
ATOM 964  C CB  . ARG A 1 136 ? -9.71307  -10.05822 -8.37023  1.000 238.73943 ? 454 ARG F CB  1 
ATOM 965  C CG  . ARG A 1 136 ? -9.76895  -10.97278 -9.55646  1.000 238.73943 ? 454 ARG F CG  1 
ATOM 966  C CD  . ARG A 1 136 ? -8.87015  -10.59057 -10.68196 1.000 238.73943 ? 454 ARG F CD  1 
ATOM 967  N NE  . ARG A 1 136 ? -9.33652  -9.34388  -11.25892 1.000 238.73943 ? 454 ARG F NE  1 
ATOM 968  C CZ  . ARG A 1 136 ? -10.28234 -9.24148  -12.17903 1.000 238.73943 ? 454 ARG F CZ  1 
ATOM 969  N NH1 . ARG A 1 136 ? -10.90508 -10.30667 -12.65600 1.000 238.73943 ? 454 ARG F NH1 1 
ATOM 970  N NH2 . ARG A 1 136 ? -10.63453 -8.03479  -12.60760 1.000 238.73943 ? 454 ARG F NH2 1 
ATOM 971  N N   . LEU A 1 137 ? -12.00758 -12.34622 -6.81366  1.000 301.92849 ? 455 LEU F N   1 
ATOM 972  C CA  . LEU A 1 137 ? -11.97908 -13.73385 -6.38825  1.000 301.92849 ? 455 LEU F CA  1 
ATOM 973  C C   . LEU A 1 137 ? -11.65162 -14.65694 -7.55210  1.000 301.92849 ? 455 LEU F C   1 
ATOM 974  O O   . LEU A 1 137 ? -11.06296 -15.71743 -7.32935  1.000 301.92849 ? 455 LEU F O   1 
ATOM 975  C CB  . LEU A 1 137 ? -13.29316 -14.10950 -5.67801  1.000 301.92849 ? 455 LEU F CB  1 
ATOM 976  C CG  . LEU A 1 137 ? -13.47421 -15.47058 -4.95946  1.000 301.92849 ? 455 LEU F CG  1 
ATOM 977  C CD1 . LEU A 1 137 ? -14.47544 -15.35156 -3.84499  1.000 301.92849 ? 455 LEU F CD1 1 
ATOM 978  C CD2 . LEU A 1 137 ? -13.99041 -16.58924 -5.83275  1.000 301.92849 ? 455 LEU F CD2 1 
ATOM 979  N N   . PHE A 1 138 ? -12.02422 -14.30369 -8.77876  1.000 289.39770 ? 456 PHE F N   1 
ATOM 980  C CA  . PHE A 1 138 ? -11.45801 -14.99286 -9.94363  1.000 289.39770 ? 456 PHE F CA  1 
ATOM 981  C C   . PHE A 1 138 ? -10.71500 -14.04742 -10.87021 1.000 289.39770 ? 456 PHE F C   1 
ATOM 982  O O   . PHE A 1 138 ? -11.30235 -13.14031 -11.44990 1.000 289.39770 ? 456 PHE F O   1 
ATOM 983  C CB  . PHE A 1 138 ? -12.51683 -15.73692 -10.76236 1.000 289.39770 ? 456 PHE F CB  1 
ATOM 984  C CG  . PHE A 1 138 ? -13.30787 -16.75602 -9.99882  1.000 289.39770 ? 456 PHE F CG  1 
ATOM 985  C CD1 . PHE A 1 138 ? -12.68432 -17.88022 -9.46832  1.000 289.39770 ? 456 PHE F CD1 1 
ATOM 986  C CD2 . PHE A 1 138 ? -14.68190 -16.61381 -9.84851  1.000 289.39770 ? 456 PHE F CD2 1 
ATOM 987  C CE1 . PHE A 1 138 ? -13.41750 -18.84387 -8.78469  1.000 289.39770 ? 456 PHE F CE1 1 
ATOM 988  C CE2 . PHE A 1 138 ? -15.42428 -17.56853 -9.16293  1.000 289.39770 ? 456 PHE F CE2 1 
ATOM 989  C CZ  . PHE A 1 138 ? -14.79162 -18.68960 -8.63868  1.000 289.39770 ? 456 PHE F CZ  1 
ATOM 990  N N   . LEU A 1 143 ? -1.74405  -12.14608 -11.57814 1.000 279.34857 ? 461 LEU F N   1 
ATOM 991  C CA  . LEU A 1 143 ? -1.61990  -11.01343 -12.47226 1.000 279.34857 ? 461 LEU F CA  1 
ATOM 992  C C   . LEU A 1 143 ? -0.15526  -10.94061 -12.87951 1.000 279.34857 ? 461 LEU F C   1 
ATOM 993  O O   . LEU A 1 143 ? 0.66005   -11.74910 -12.43320 1.000 279.34857 ? 461 LEU F O   1 
ATOM 994  C CB  . LEU A 1 143 ? -2.07130  -9.71830  -11.78496 1.000 279.34857 ? 461 LEU F CB  1 
ATOM 995  C CG  . LEU A 1 143 ? -3.57193  -9.51327  -11.52924 1.000 279.34857 ? 461 LEU F CG  1 
ATOM 996  C CD1 . LEU A 1 143 ? -3.82834  -8.16762  -10.88735 1.000 279.34857 ? 461 LEU F CD1 1 
ATOM 997  C CD2 . LEU A 1 143 ? -4.41152  -9.67988  -12.77231 1.000 279.34857 ? 461 LEU F CD2 1 
ATOM 998  N N   . LYS A 1 144 ? 0.17951   -9.98916  -13.74022 1.000 275.06236 ? 462 LYS F N   1 
ATOM 999  C CA  . LYS A 1 144 ? 1.56971   -9.60118  -13.88957 1.000 275.06236 ? 462 LYS F CA  1 
ATOM 1000 C C   . LYS A 1 144 ? 1.84614   -8.54422  -12.81181 1.000 275.06236 ? 462 LYS F C   1 
ATOM 1001 O O   . LYS A 1 144 ? 0.89917   -8.06324  -12.17982 1.000 275.06236 ? 462 LYS F O   1 
ATOM 1002 C CB  . LYS A 1 144 ? 1.83111   -9.09287  -15.31531 1.000 275.06236 ? 462 LYS F CB  1 
ATOM 1003 C CG  . LYS A 1 144 ? 1.38637   -10.03551 -16.45425 1.000 275.06236 ? 462 LYS F CG  1 
ATOM 1004 C CD  . LYS A 1 144 ? 1.76073   -11.50364 -16.25934 1.000 275.06236 ? 462 LYS F CD  1 
ATOM 1005 C CE  . LYS A 1 144 ? 0.81505   -12.39778 -17.04083 1.000 275.06236 ? 462 LYS F CE  1 
ATOM 1006 N NZ  . LYS A 1 144 ? 0.87177   -13.80117 -16.56512 1.000 275.06236 ? 462 LYS F NZ  1 
ATOM 1007 N N   . PRO A 1 145 ? 3.12088   -8.24423  -12.50183 1.000 282.33434 ? 463 PRO F N   1 
ATOM 1008 C CA  . PRO A 1 145 ? 3.40504   -7.18098  -11.52200 1.000 282.33434 ? 463 PRO F CA  1 
ATOM 1009 C C   . PRO A 1 145 ? 2.90520   -5.79547  -11.92110 1.000 282.33434 ? 463 PRO F C   1 
ATOM 1010 O O   . PRO A 1 145 ? 2.97250   -5.39742  -13.08820 1.000 282.33434 ? 463 PRO F O   1 
ATOM 1011 C CB  . PRO A 1 145 ? 4.93030   -7.20777  -11.41170 1.000 282.33434 ? 463 PRO F CB  1 
ATOM 1012 C CG  . PRO A 1 145 ? 5.27716   -8.60266  -11.63566 1.000 282.33434 ? 463 PRO F CG  1 
ATOM 1013 C CD  . PRO A 1 145 ? 4.30866   -9.11184  -12.67157 1.000 282.33434 ? 463 PRO F CD  1 
ATOM 1014 N N   . PHE A 1 146 ? 2.41090   -5.07690  -10.90497 1.000 317.24525 ? 464 PHE F N   1 
ATOM 1015 C CA  . PHE A 1 146 ? 1.71730   -3.78822  -10.98941 1.000 317.24525 ? 464 PHE F CA  1 
ATOM 1016 C C   . PHE A 1 146 ? 0.55769   -3.81500  -11.96190 1.000 317.24525 ? 464 PHE F C   1 
ATOM 1017 O O   . PHE A 1 146 ? 0.45621   -2.95041  -12.83834 1.000 317.24525 ? 464 PHE F O   1 
ATOM 1018 C CB  . PHE A 1 146 ? 2.65379   -2.62328  -11.33747 1.000 317.24525 ? 464 PHE F CB  1 
ATOM 1019 C CG  . PHE A 1 146 ? 3.62193   -2.25928  -10.24607 1.000 317.24525 ? 464 PHE F CG  1 
ATOM 1020 C CD1 . PHE A 1 146 ? 3.45177   -2.71229  -8.93811  1.000 317.24525 ? 464 PHE F CD1 1 
ATOM 1021 C CD2 . PHE A 1 146 ? 4.69725   -1.43109  -10.53070 1.000 317.24525 ? 464 PHE F CD2 1 
ATOM 1022 C CE1 . PHE A 1 146 ? 4.35483   -2.37045  -7.94886  1.000 317.24525 ? 464 PHE F CE1 1 
ATOM 1023 C CE2 . PHE A 1 146 ? 5.60059   -1.07665  -9.54016  1.000 317.24525 ? 464 PHE F CE2 1 
ATOM 1024 C CZ  . PHE A 1 146 ? 5.42566   -1.54793  -8.24836  1.000 317.24525 ? 464 PHE F CZ  1 
ATOM 1025 N N   . GLU A 1 147 ? -0.31340  -4.80268  -11.83559 1.000 306.28391 ? 465 GLU F N   1 
ATOM 1026 C CA  . GLU A 1 147 ? -1.53450  -4.73514  -12.60674 1.000 306.28391 ? 465 GLU F CA  1 
ATOM 1027 C C   . GLU A 1 147 ? -2.72094  -4.36780  -11.73165 1.000 306.28391 ? 465 GLU F C   1 
ATOM 1028 O O   . GLU A 1 147 ? -2.95940  -4.94095  -10.66491 1.000 306.28391 ? 465 GLU F O   1 
ATOM 1029 C CB  . GLU A 1 147 ? -1.80123  -6.04286  -13.33062 1.000 306.28391 ? 465 GLU F CB  1 
ATOM 1030 C CG  . GLU A 1 147 ? -0.81762  -6.32807  -14.41534 1.000 306.28391 ? 465 GLU F CG  1 
ATOM 1031 C CD  . GLU A 1 147 ? -1.29453  -7.44915  -15.28196 1.000 306.28391 ? 465 GLU F CD  1 
ATOM 1032 O OE1 . GLU A 1 147 ? -0.84586  -7.54035  -16.43839 1.000 306.28391 ? 465 GLU F OE1 1 
ATOM 1033 O OE2 . GLU A 1 147 ? -2.10431  -8.25848  -14.79319 1.000 306.28391 ? 465 GLU F OE2 1 
ATOM 1034 N N   . ARG A 1 148 ? -3.47079  -3.38832  -12.21863 1.000 310.92556 ? 466 ARG F N   1 
ATOM 1035 C CA  . ARG A 1 148 ? -4.74552  -2.99931  -11.65105 1.000 310.92556 ? 466 ARG F CA  1 
ATOM 1036 C C   . ARG A 1 148 ? -5.81352  -3.49615  -12.60904 1.000 310.92556 ? 466 ARG F C   1 
ATOM 1037 O O   . ARG A 1 148 ? -6.02416  -2.91129  -13.67773 1.000 310.92556 ? 466 ARG F O   1 
ATOM 1038 C CB  . ARG A 1 148 ? -4.82420  -1.48581  -11.47272 1.000 310.92556 ? 466 ARG F CB  1 
ATOM 1039 C CG  . ARG A 1 148 ? -6.13261  -0.99703  -10.93890 1.000 310.92556 ? 466 ARG F CG  1 
ATOM 1040 C CD  . ARG A 1 148 ? -6.23897  0.50784   -11.03540 1.000 310.92556 ? 466 ARG F CD  1 
ATOM 1041 N NE  . ARG A 1 148 ? -5.26004  1.20880   -10.21439 1.000 310.92556 ? 466 ARG F NE  1 
ATOM 1042 C CZ  . ARG A 1 148 ? -4.24790  1.91866   -10.69144 1.000 310.92556 ? 466 ARG F CZ  1 
ATOM 1043 N NH1 . ARG A 1 148 ? -4.01024  1.99934   -11.98929 1.000 310.92556 ? 466 ARG F NH1 1 
ATOM 1044 N NH2 . ARG A 1 148 ? -3.45715  2.56432   -9.84322  1.000 310.92556 ? 466 ARG F NH2 1 
ATOM 1045 N N   . ASP A 1 149 ? -6.45844  -4.59116  -12.23051 1.000 343.69152 ? 467 ASP F N   1 
ATOM 1046 C CA  . ASP A 1 149 ? -7.39796  -5.30528  -13.07864 1.000 343.69152 ? 467 ASP F CA  1 
ATOM 1047 C C   . ASP A 1 149 ? -8.79356  -4.80644  -12.74406 1.000 343.69152 ? 467 ASP F C   1 
ATOM 1048 O O   . ASP A 1 149 ? -9.25629  -4.97166  -11.61154 1.000 343.69152 ? 467 ASP F O   1 
ATOM 1049 C CB  . ASP A 1 149 ? -7.26190  -6.81317  -12.85598 1.000 343.69152 ? 467 ASP F CB  1 
ATOM 1050 C CG  . ASP A 1 149 ? -7.77065  -7.62747  -14.02180 1.000 343.69152 ? 467 ASP F CG  1 
ATOM 1051 O OD1 . ASP A 1 149 ? -8.22943  -7.03380  -15.01540 1.000 343.69152 ? 467 ASP F OD1 1 
ATOM 1052 O OD2 . ASP A 1 149 ? -7.68237  -8.87171  -13.95573 1.000 343.69152 ? 467 ASP F OD2 1 
ATOM 1053 N N   . ILE A 1 150 ? -9.45138  -4.18077  -13.72030 1.000 360.62844 ? 468 ILE F N   1 
ATOM 1054 C CA  . ILE A 1 150 ? -10.73499 -3.52149  -13.51799 1.000 360.62844 ? 468 ILE F CA  1 
ATOM 1055 C C   . ILE A 1 150 ? -11.90101 -4.46722  -13.73808 1.000 360.62844 ? 468 ILE F C   1 
ATOM 1056 O O   . ILE A 1 150 ? -12.85694 -4.46105  -12.96046 1.000 360.62844 ? 468 ILE F O   1 
ATOM 1057 C CB  . ILE A 1 150 ? -10.88898 -2.27941  -14.42403 1.000 360.62844 ? 468 ILE F CB  1 
ATOM 1058 C CG1 . ILE A 1 150 ? -9.63037  -1.40534  -14.51009 1.000 360.62844 ? 468 ILE F CG1 1 
ATOM 1059 C CG2 . ILE A 1 150 ? -12.05246 -1.41378  -13.96686 1.000 360.62844 ? 468 ILE F CG2 1 
ATOM 1060 C CD1 . ILE A 1 150 ? -9.08260  -0.89426  -13.17331 1.000 360.62844 ? 468 ILE F CD1 1 
ATOM 1061 N N   . SER A 1 151 ? -11.82453 -5.30828  -14.75965 1.000 411.24781 ? 469 SER F N   1 
ATOM 1062 C CA  . SER A 1 151 ? -12.98042 -6.06827  -15.20689 1.000 411.24781 ? 469 SER F CA  1 
ATOM 1063 C C   . SER A 1 151 ? -13.21559 -7.32808  -14.37770 1.000 411.24781 ? 469 SER F C   1 
ATOM 1064 O O   . SER A 1 151 ? -12.96539 -7.36495  -13.16807 1.000 411.24781 ? 469 SER F O   1 
ATOM 1065 C CB  . SER A 1 151 ? -12.82918 -6.42996  -16.69194 1.000 411.24781 ? 469 SER F CB  1 
ATOM 1066 O OG  . SER A 1 151 ? -11.75285 -7.32266  -16.92575 1.000 411.24781 ? 469 SER F OG  1 
ATOM 1067 N N   . CYS A 1 170 ? -21.71401 -19.77751 -13.58421 1.000 324.45032 ? 488 CYS F N   1 
ATOM 1068 C CA  . CYS A 1 170 ? -21.67424 -18.40087 -14.06501 1.000 324.45032 ? 488 CYS F CA  1 
ATOM 1069 C C   . CYS A 1 170 ? -21.81922 -17.41019 -12.91028 1.000 324.45032 ? 488 CYS F C   1 
ATOM 1070 O O   . CYS A 1 170 ? -22.92262 -17.12027 -12.44915 1.000 324.45032 ? 488 CYS F O   1 
ATOM 1071 C CB  . CYS A 1 170 ? -22.76518 -18.16981 -15.11101 1.000 324.45032 ? 488 CYS F CB  1 
ATOM 1072 S SG  . CYS A 1 170 ? -22.34982 -18.80011 -16.75629 1.000 324.45032 ? 488 CYS F SG  1 
ATOM 1073 N N   . TYR A 1 171 ? -20.68540 -16.88760 -12.45990 1.000 265.81142 ? 489 TYR F N   1 
ATOM 1074 C CA  . TYR A 1 171 ? -20.60928 -16.02668 -11.29403 1.000 265.81142 ? 489 TYR F CA  1 
ATOM 1075 C C   . TYR A 1 171 ? -19.99199 -14.71645 -11.73903 1.000 265.81142 ? 489 TYR F C   1 
ATOM 1076 O O   . TYR A 1 171 ? -19.38527 -14.64494 -12.80764 1.000 265.81142 ? 489 TYR F O   1 
ATOM 1077 C CB  . TYR A 1 171 ? -19.72355 -16.64982 -10.21284 1.000 265.81142 ? 489 TYR F CB  1 
ATOM 1078 C CG  . TYR A 1 171 ? -20.22214 -17.96731 -9.65289  1.000 265.81142 ? 489 TYR F CG  1 
ATOM 1079 C CD1 . TYR A 1 171 ? -21.21379 -18.01471 -8.67512  1.000 265.81142 ? 489 TYR F CD1 1 
ATOM 1080 C CD2 . TYR A 1 171 ? -19.68032 -19.17316 -10.10420 1.000 265.81142 ? 489 TYR F CD2 1 
ATOM 1081 C CE1 . TYR A 1 171 ? -21.66008 -19.23473 -8.16648  1.000 265.81142 ? 489 TYR F CE1 1 
ATOM 1082 C CE2 . TYR A 1 171 ? -20.11697 -20.39225 -9.60440  1.000 265.81142 ? 489 TYR F CE2 1 
ATOM 1083 C CZ  . TYR A 1 171 ? -21.10485 -20.41570 -8.63822  1.000 265.81142 ? 489 TYR F CZ  1 
ATOM 1084 O OH  . TYR A 1 171 ? -21.53637 -21.62554 -8.14400  1.000 265.81142 ? 489 TYR F OH  1 
ATOM 1085 N N   . PHE A 1 172 ? -20.12667 -13.68914 -10.93603 1.000 178.30842 ? 490 PHE F N   1 
ATOM 1086 C CA  . PHE A 1 172 ? -19.26088 -12.54914 -11.13843 1.000 178.30842 ? 490 PHE F CA  1 
ATOM 1087 C C   . PHE A 1 172 ? -17.92984 -12.92737 -10.49355 1.000 178.30842 ? 490 PHE F C   1 
ATOM 1088 O O   . PHE A 1 172 ? -17.92859 -13.57696 -9.44123  1.000 178.30842 ? 490 PHE F O   1 
ATOM 1089 C CB  . PHE A 1 172 ? -19.82977 -11.29316 -10.48478 1.000 178.30842 ? 490 PHE F CB  1 
ATOM 1090 C CG  . PHE A 1 172 ? -19.12108 -10.03380 -10.88086 1.000 178.30842 ? 490 PHE F CG  1 
ATOM 1091 C CD1 . PHE A 1 172 ? -19.19592 -9.58016  -12.19494 1.000 178.30842 ? 490 PHE F CD1 1 
ATOM 1092 C CD2 . PHE A 1 172 ? -18.28471 -9.37427  -9.99146  1.000 178.30842 ? 490 PHE F CD2 1 
ATOM 1093 C CE1 . PHE A 1 172 ? -18.51269 -8.44691  -12.59011 1.000 178.30842 ? 490 PHE F CE1 1 
ATOM 1094 C CE2 . PHE A 1 172 ? -17.59467 -8.23368  -10.38430 1.000 178.30842 ? 490 PHE F CE2 1 
ATOM 1095 C CZ  . PHE A 1 172 ? -17.70835 -7.77456  -11.68306 1.000 178.30842 ? 490 PHE F CZ  1 
ATOM 1096 N N   . PRO A 1 173 ? -16.78723 -12.57510 -11.08376 1.000 159.96690 ? 491 PRO F N   1 
ATOM 1097 C CA  . PRO A 1 173 ? -15.50661 -13.03690 -10.53580 1.000 159.96690 ? 491 PRO F CA  1 
ATOM 1098 C C   . PRO A 1 173 ? -14.96665 -12.30051 -9.32113  1.000 159.96690 ? 491 PRO F C   1 
ATOM 1099 O O   . PRO A 1 173 ? -13.78584 -12.49295 -9.00359  1.000 159.96690 ? 491 PRO F O   1 
ATOM 1100 C CB  . PRO A 1 173 ? -14.56245 -12.84655 -11.71436 1.000 159.96690 ? 491 PRO F CB  1 
ATOM 1101 C CG  . PRO A 1 173 ? -15.12473 -11.76414 -12.47662 1.000 159.96690 ? 491 PRO F CG  1 
ATOM 1102 C CD  . PRO A 1 173 ? -16.59323 -11.94111 -12.39321 1.000 159.96690 ? 491 PRO F CD  1 
ATOM 1103 N N   . LEU A 1 174 ? -15.74331 -11.46089 -8.64202  1.000 234.85116 ? 492 LEU F N   1 
ATOM 1104 C CA  . LEU A 1 174 ? -15.23561 -10.66396 -7.52695  1.000 234.85116 ? 492 LEU F CA  1 
ATOM 1105 C C   . LEU A 1 174 ? -16.14451 -10.81444 -6.31282  1.000 234.85116 ? 492 LEU F C   1 
ATOM 1106 O O   . LEU A 1 174 ? -17.33597 -11.10357 -6.46033  1.000 234.85116 ? 492 LEU F O   1 
ATOM 1107 C CB  . LEU A 1 174 ? -15.10774 -9.18281  -7.89906  1.000 234.85116 ? 492 LEU F CB  1 
ATOM 1108 C CG  . LEU A 1 174 ? -13.95256 -8.63023  -8.75269  1.000 234.85116 ? 492 LEU F CG  1 
ATOM 1109 C CD1 . LEU A 1 174 ? -13.99234 -9.00607  -10.23611 1.000 234.85116 ? 492 LEU F CD1 1 
ATOM 1110 C CD2 . LEU A 1 174 ? -13.82523 -7.11735  -8.58203  1.000 234.85116 ? 492 LEU F CD2 1 
ATOM 1111 N N   . GLN A 1 175 ? -15.58001 -10.60485 -5.11888  1.000 290.96820 ? 493 GLN F N   1 
ATOM 1112 C CA  A GLN A 1 175 ? -16.28719 -10.71714 -3.84855  0.833 290.96820 ? 493 GLN F CA  1 
ATOM 1113 C CA  B GLN A 1 175 ? -16.31829 -10.69870 -3.86797  0.167 290.96820 ? 493 GLN F CA  1 
ATOM 1114 C C   . GLN A 1 175 ? -15.97374 -9.52968  -2.94740  1.000 290.96820 ? 493 GLN F C   1 
ATOM 1115 O O   . GLN A 1 175 ? -15.03170 -8.77549  -3.19280  1.000 290.96820 ? 493 GLN F O   1 
ATOM 1116 C CB  A GLN A 1 175 ? -15.90657 -11.99747 -3.10739  0.833 290.96820 ? 493 GLN F CB  1 
ATOM 1117 C CB  B GLN A 1 175 ? -16.02353 -12.02702 -3.16817  0.167 290.96820 ? 493 GLN F CB  1 
ATOM 1118 C CG  A GLN A 1 175 ? -17.07299 -12.88560 -2.72669  0.833 290.96820 ? 493 GLN F CG  1 
ATOM 1119 C CG  B GLN A 1 175 ? -17.22992 -12.66298 -2.50311  0.167 290.96820 ? 493 GLN F CG  1 
ATOM 1120 C CD  A GLN A 1 175 ? -18.13289 -12.95796 -3.79831  0.833 290.96820 ? 493 GLN F CD  1 
ATOM 1121 C CD  B GLN A 1 175 ? -17.10368 -12.68513 -0.99846  0.167 290.96820 ? 493 GLN F CD  1 
ATOM 1122 O OE1 A GLN A 1 175 ? -17.90279 -13.50112 -4.87932  0.833 290.96820 ? 493 GLN F OE1 1 
ATOM 1123 O OE1 B GLN A 1 175 ? -16.08595 -12.27205 -0.44618  0.167 290.96820 ? 493 GLN F OE1 1 
ATOM 1124 N NE2 A GLN A 1 175 ? -19.30829 -12.41869 -3.50292  0.833 290.96820 ? 493 GLN F NE2 1 
ATOM 1125 N NE2 B GLN A 1 175 ? -18.14443 -13.15344 -0.32405  0.167 290.96820 ? 493 GLN F NE2 1 
ATOM 1126 N N   . SER A 1 176 ? -16.76076 -9.37386  -1.88357  1.000 271.71245 ? 494 SER F N   1 
ATOM 1127 C CA  . SER A 1 176 ? -16.52840 -8.31390  -0.91044  1.000 271.71245 ? 494 SER F CA  1 
ATOM 1128 C C   . SER A 1 176 ? -16.21724 -8.88380  0.46529   1.000 271.71245 ? 494 SER F C   1 
ATOM 1129 O O   . SER A 1 176 ? -16.84322 -9.84788  0.91688   1.000 271.71245 ? 494 SER F O   1 
ATOM 1130 C CB  . SER A 1 176 ? -17.72991 -7.37334  -0.80509  1.000 271.71245 ? 494 SER F CB  1 
ATOM 1131 O OG  . SER A 1 176 ? -17.61694 -6.55454  0.34828   1.000 271.71245 ? 494 SER F OG  1 
ATOM 1132 N N   . TYR A 1 177 ? -15.26207 -8.24202  1.12863   1.000 321.35169 ? 495 TYR F N   1 
ATOM 1133 C CA  . TYR A 1 177 ? -14.83651 -8.59067  2.47154   1.000 321.35169 ? 495 TYR F CA  1 
ATOM 1134 C C   . TYR A 1 177 ? -15.97050 -8.32860  3.45842   1.000 321.35169 ? 495 TYR F C   1 
ATOM 1135 O O   . TYR A 1 177 ? -16.82144 -7.46341  3.23723   1.000 321.35169 ? 495 TYR F O   1 
ATOM 1136 C CB  . TYR A 1 177 ? -13.64993 -7.72040  2.87028   1.000 321.35169 ? 495 TYR F CB  1 
ATOM 1137 C CG  . TYR A 1 177 ? -12.40683 -7.80860  2.00558   1.000 321.35169 ? 495 TYR F CG  1 
ATOM 1138 C CD1 . TYR A 1 177 ? -11.53738 -8.89041  2.08153   1.000 321.35169 ? 495 TYR F CD1 1 
ATOM 1139 C CD2 . TYR A 1 177 ? -12.09449 -6.77572  1.12269   1.000 321.35169 ? 495 TYR F CD2 1 
ATOM 1140 C CE1 . TYR A 1 177 ? -10.38329 -8.94014  1.29234   1.000 321.35169 ? 495 TYR F CE1 1 
ATOM 1141 C CE2 . TYR A 1 177 ? -10.95327 -6.81717  0.33119   1.000 321.35169 ? 495 TYR F CE2 1 
ATOM 1142 C CZ  . TYR A 1 177 ? -10.10318 -7.89816  0.42371   1.000 321.35169 ? 495 TYR F CZ  1 
ATOM 1143 O OH  . TYR A 1 177 ? -8.98002  -7.93970  -0.36588  1.000 321.35169 ? 495 TYR F OH  1 
ATOM 1144 N N   . GLY A 1 178 ? -15.98049 -9.07711  4.55750   1.000 371.19291 ? 496 GLY F N   1 
ATOM 1145 C CA  . GLY A 1 178 ? -16.92144 -8.78044  5.62341   1.000 371.19291 ? 496 GLY F CA  1 
ATOM 1146 C C   . GLY A 1 178 ? -16.21995 -8.25022  6.85401   1.000 371.19291 ? 496 GLY F C   1 
ATOM 1147 O O   . GLY A 1 178 ? -15.56139 -9.01242  7.56364   1.000 371.19291 ? 496 GLY F O   1 
ATOM 1148 N N   . PHE A 1 179 ? -16.35251 -6.95522  7.12991   1.000 361.21138 ? 497 PHE F N   1 
ATOM 1149 C CA  . PHE A 1 179 ? -15.54022 -6.31012  8.15559   1.000 361.21138 ? 497 PHE F CA  1 
ATOM 1150 C C   . PHE A 1 179 ? -16.41945 -5.84214  9.30783   1.000 361.21138 ? 497 PHE F C   1 
ATOM 1151 O O   . PHE A 1 179 ? -17.31066 -5.01078  9.12493   1.000 361.21138 ? 497 PHE F O   1 
ATOM 1152 C CB  . PHE A 1 179 ? -14.75377 -5.14185  7.57133   1.000 361.21138 ? 497 PHE F CB  1 
ATOM 1153 C CG  . PHE A 1 179 ? -13.56113 -5.55337  6.76136   1.000 361.21138 ? 497 PHE F CG  1 
ATOM 1154 C CD1 . PHE A 1 179 ? -12.81028 -6.66990  7.11509   1.000 361.21138 ? 497 PHE F CD1 1 
ATOM 1155 C CD2 . PHE A 1 179 ? -13.17389 -4.80569  5.65501   1.000 361.21138 ? 497 PHE F CD2 1 
ATOM 1156 C CE1 . PHE A 1 179 ? -11.70628 -7.04226  6.36047   1.000 361.21138 ? 497 PHE F CE1 1 
ATOM 1157 C CE2 . PHE A 1 179 ? -12.06522 -5.17078  4.90685   1.000 361.21138 ? 497 PHE F CE2 1 
ATOM 1158 C CZ  . PHE A 1 179 ? -11.33153 -6.29121  5.26674   1.000 361.21138 ? 497 PHE F CZ  1 
ATOM 1159 N N   . GLN A 1 180 ? -16.12157 -6.33198  10.49925  1.000 320.61982 ? 498 GLN F N   1 
ATOM 1160 C CA  . GLN A 1 180 ? -16.53695 -6.19507  11.88217  1.000 320.61982 ? 498 GLN F CA  1 
ATOM 1161 C C   . GLN A 1 180 ? -15.32861 -5.93618  12.76753  1.000 320.61982 ? 498 GLN F C   1 
ATOM 1162 O O   . GLN A 1 180 ? -14.21967 -6.38702  12.45703  1.000 320.61982 ? 498 GLN F O   1 
ATOM 1163 C CB  . GLN A 1 180 ? -17.23485 -7.46501  12.36869  1.000 320.61982 ? 498 GLN F CB  1 
ATOM 1164 C CG  . GLN A 1 180 ? -18.64073 -7.64264  11.90781  1.000 320.61982 ? 498 GLN F CG  1 
ATOM 1165 C CD  . GLN A 1 180 ? -19.55500 -6.70310  12.61996  1.000 320.61982 ? 498 GLN F CD  1 
ATOM 1166 O OE1 . GLN A 1 180 ? -20.02560 -5.73843  12.04575  1.000 320.61982 ? 498 GLN F OE1 1 
ATOM 1167 N NE2 . GLN A 1 180 ? -19.80432 -6.97160  13.89386  1.000 320.61982 ? 498 GLN F NE2 1 
ATOM 1168 N N   . PRO A 1 181 ? -15.51042 -5.21830  13.87450  1.000 373.90621 ? 499 PRO F N   1 
ATOM 1169 C CA  . PRO A 1 181 ? -14.49950 -5.26259  14.93769  1.000 373.90621 ? 499 PRO F CA  1 
ATOM 1170 C C   . PRO A 1 181 ? -14.46113 -6.58883  15.65762  1.000 373.90621 ? 499 PRO F C   1 
ATOM 1171 O O   . PRO A 1 181 ? -13.41846 -6.94552  16.21626  1.000 373.90621 ? 499 PRO F O   1 
ATOM 1172 C CB  . PRO A 1 181 ? -14.91655 -4.12014  15.86916  1.000 373.90621 ? 499 PRO F CB  1 
ATOM 1173 C CG  . PRO A 1 181 ? -16.36477 -3.92892  15.60133  1.000 373.90621 ? 499 PRO F CG  1 
ATOM 1174 C CD  . PRO A 1 181 ? -16.56245 -4.22801  14.14951  1.000 373.90621 ? 499 PRO F CD  1 
ATOM 1175 N N   . THR A 1 182 ? -15.54576 -7.35563  15.62031  1.000 344.53713 ? 500 THR F N   1 
ATOM 1176 C CA  . THR A 1 182 ? -15.57857 -8.69501  16.17804  1.000 344.53713 ? 500 THR F CA  1 
ATOM 1177 C C   . THR A 1 182 ? -14.94948 -9.72812  15.25898  1.000 344.53713 ? 500 THR F C   1 
ATOM 1178 O O   . THR A 1 182 ? -14.83748 -10.89325 15.64935  1.000 344.53713 ? 500 THR F O   1 
ATOM 1179 C CB  . THR A 1 182 ? -17.01967 -9.09559  16.48154  1.000 344.53713 ? 500 THR F CB  1 
ATOM 1180 O OG1 . THR A 1 182 ? -17.82250 -8.88887  15.31399  1.000 344.53713 ? 500 THR F OG1 1 
ATOM 1181 C CG2 . THR A 1 182 ? -17.56912 -8.25506  17.61709  1.000 344.53713 ? 500 THR F CG2 1 
ATOM 1182 N N   . ASN A 1 183 ? -14.54864 -9.33655  14.05473  1.000 235.98454 ? 501 ASN F N   1 
ATOM 1183 C CA  . ASN A 1 183 ? -13.82140 -10.23521 13.18336  1.000 235.98454 ? 501 ASN F CA  1 
ATOM 1184 C C   . ASN A 1 183 ? -12.41458 -10.47488 13.70067  1.000 235.98454 ? 501 ASN F C   1 
ATOM 1185 O O   . ASN A 1 183 ? -11.86584 -9.69505  14.47957  1.000 235.98454 ? 501 ASN F O   1 
ATOM 1186 C CB  . ASN A 1 183 ? -13.75083 -9.67408  11.77918  1.000 235.98454 ? 501 ASN F CB  1 
ATOM 1187 C CG  . ASN A 1 183 ? -15.03168 -9.81839  11.05552  1.000 235.98454 ? 501 ASN F CG  1 
ATOM 1188 O OD1 . ASN A 1 183 ? -15.94939 -10.48486 11.52479  1.000 235.98454 ? 501 ASN F OD1 1 
ATOM 1189 N ND2 . ASN A 1 183 ? -15.12073 -9.19928  9.90343   1.000 235.98454 ? 501 ASN F ND2 1 
ATOM 1190 N N   . GLY A 1 184 ? -11.82769 -11.57103 13.23198  1.000 217.55467 ? 502 GLY F N   1 
ATOM 1191 C CA  . GLY A 1 184 ? -10.55337 -12.01064 13.74977  1.000 217.55467 ? 502 GLY F CA  1 
ATOM 1192 C C   . GLY A 1 184 ? -9.40615  -11.16862 13.24133  1.000 217.55467 ? 502 GLY F C   1 
ATOM 1193 O O   . GLY A 1 184 ? -9.58789  -10.28991 12.41253  1.000 217.55467 ? 502 GLY F O   1 
ATOM 1194 N N   . VAL A 1 185 ? -8.21530  -11.45876 13.78363  1.000 277.40094 ? 503 VAL F N   1 
ATOM 1195 C CA  . VAL A 1 185 ? -6.99207  -10.70169 13.50553  1.000 277.40094 ? 503 VAL F CA  1 
ATOM 1196 C C   . VAL A 1 185 ? -6.60829  -10.81436 12.03995  1.000 277.40094 ? 503 VAL F C   1 
ATOM 1197 O O   . VAL A 1 185 ? -6.28333  -9.81138  11.39086  1.000 277.40094 ? 503 VAL F O   1 
ATOM 1198 C CB  . VAL A 1 185 ? -5.84995  -11.18847 14.42609  1.000 277.40094 ? 503 VAL F CB  1 
ATOM 1199 C CG1 . VAL A 1 185 ? -4.59664  -10.32966 14.25999  1.000 277.40094 ? 503 VAL F CG1 1 
ATOM 1200 C CG2 . VAL A 1 185 ? -6.30319  -11.21019 15.88031  1.000 277.40094 ? 503 VAL F CG2 1 
ATOM 1201 N N   . GLY A 1 186 ? -6.72048  -12.01797 11.47743  1.000 246.60472 ? 504 GLY F N   1 
ATOM 1202 C CA  . GLY A 1 186 ? -6.51750  -12.20895 10.05788  1.000 246.60472 ? 504 GLY F CA  1 
ATOM 1203 C C   . GLY A 1 186 ? -7.63042  -11.64796 9.21327   1.000 246.60472 ? 504 GLY F C   1 
ATOM 1204 O O   . GLY A 1 186 ? -7.44911  -11.44327 8.01163   1.000 246.60472 ? 504 GLY F O   1 
ATOM 1205 N N   . TYR A 1 187 ? -8.77980  -11.39992 9.81990   1.000 231.07912 ? 505 TYR F N   1 
ATOM 1206 C CA  . TYR A 1 187 ? -9.91208  -10.79310 9.16439   1.000 231.07912 ? 505 TYR F CA  1 
ATOM 1207 C C   . TYR A 1 187 ? -9.90321  -9.28834  9.33591   1.000 231.07912 ? 505 TYR F C   1 
ATOM 1208 O O   . TYR A 1 187 ? -10.87577 -8.64044  8.95595   1.000 231.07912 ? 505 TYR F O   1 
ATOM 1209 C CB  . TYR A 1 187 ? -11.19128 -11.34450 9.77806   1.000 231.07912 ? 505 TYR F CB  1 
ATOM 1210 C CG  . TYR A 1 187 ? -11.41855 -12.79582 9.52820   1.000 231.07912 ? 505 TYR F CG  1 
ATOM 1211 C CD1 . TYR A 1 187 ? -11.94812 -13.25459 8.32986   1.000 231.07912 ? 505 TYR F CD1 1 
ATOM 1212 C CD2 . TYR A 1 187 ? -11.06368 -13.72474 10.50083  1.000 231.07912 ? 505 TYR F CD2 1 
ATOM 1213 C CE1 . TYR A 1 187 ? -12.13982 -14.61159 8.11207   1.000 231.07912 ? 505 TYR F CE1 1 
ATOM 1214 C CE2 . TYR A 1 187 ? -11.24671 -15.07436 10.29936  1.000 231.07912 ? 505 TYR F CE2 1 
ATOM 1215 C CZ  . TYR A 1 187 ? -11.78410 -15.51255 9.10479   1.000 231.07912 ? 505 TYR F CZ  1 
ATOM 1216 O OH  . TYR A 1 187 ? -11.96432 -16.85974 8.91142   1.000 231.07912 ? 505 TYR F OH  1 
ATOM 1217 N N   . GLN A 1 188 ? -8.87917  -8.72375  9.97543   1.000 172.81188 ? 506 GLN F N   1 
ATOM 1218 C CA  . GLN A 1 188 ? -8.95796  -7.31661  10.31979  1.000 172.81188 ? 506 GLN F CA  1 
ATOM 1219 C C   . GLN A 1 188 ? -8.60928  -6.43749  9.13419   1.000 172.81188 ? 506 GLN F C   1 
ATOM 1220 O O   . GLN A 1 188 ? -7.66640  -6.72382  8.40215   1.000 172.81188 ? 506 GLN F O   1 
ATOM 1221 C CB  . GLN A 1 188 ? -8.01770  -6.95014  11.46464  1.000 172.81188 ? 506 GLN F CB  1 
ATOM 1222 C CG  . GLN A 1 188 ? -8.46521  -7.32158  12.84698  1.000 172.81188 ? 506 GLN F CG  1 
ATOM 1223 C CD  . GLN A 1 188 ? -9.85019  -6.85515  13.20978  1.000 172.81188 ? 506 GLN F CD  1 
ATOM 1224 O OE1 . GLN A 1 188 ? -10.27910 -5.76426  12.86191  1.000 172.81188 ? 506 GLN F OE1 1 
ATOM 1225 N NE2 . GLN A 1 188 ? -10.59257 -7.73396  13.86044  1.000 172.81188 ? 506 GLN F NE2 1 
ATOM 1226 N N   . PRO A 1 189 ? -9.33343  -5.33597  8.94647   1.000 224.91129 ? 507 PRO F N   1 
ATOM 1227 C CA  . PRO A 1 189 ? -8.99021  -4.40926  7.86278   1.000 224.91129 ? 507 PRO F CA  1 
ATOM 1228 C C   . PRO A 1 189 ? -7.72942  -3.61496  8.16681   1.000 224.91129 ? 507 PRO F C   1 
ATOM 1229 O O   . PRO A 1 189 ? -7.64556  -2.87919  9.15259   1.000 224.91129 ? 507 PRO F O   1 
ATOM 1230 C CB  . PRO A 1 189 ? -10.21632 -3.49466  7.77989   1.000 224.91129 ? 507 PRO F CB  1 
ATOM 1231 C CG  . PRO A 1 189 ? -10.85553 -3.58241  9.11779   1.000 224.91129 ? 507 PRO F CG  1 
ATOM 1232 C CD  . PRO A 1 189 ? -10.58477 -4.95656  9.62805   1.000 224.91129 ? 507 PRO F CD  1 
ATOM 1233 N N   . TYR A 1 190 ? -6.72369  -3.80285  7.31748   1.000 216.12728 ? 508 TYR F N   1 
ATOM 1234 C CA  . TYR A 1 190 ? -5.44471  -3.11721  7.43895   1.000 216.12728 ? 508 TYR F CA  1 
ATOM 1235 C C   . TYR A 1 190 ? -5.24296  -2.26370  6.20364   1.000 216.12728 ? 508 TYR F C   1 
ATOM 1236 O O   . TYR A 1 190 ? -5.65644  -2.64738  5.10716   1.000 216.12728 ? 508 TYR F O   1 
ATOM 1237 C CB  . TYR A 1 190 ? -4.27363  -4.09299  7.58288   1.000 216.12728 ? 508 TYR F CB  1 
ATOM 1238 C CG  . TYR A 1 190 ? -4.21091  -4.87844  8.86630   1.000 216.12728 ? 508 TYR F CG  1 
ATOM 1239 C CD1 . TYR A 1 190 ? -4.96623  -4.52051  9.96616   1.000 216.12728 ? 508 TYR F CD1 1 
ATOM 1240 C CD2 . TYR A 1 190 ? -3.35772  -5.96188  8.98684   1.000 216.12728 ? 508 TYR F CD2 1 
ATOM 1241 C CE1 . TYR A 1 190 ? -4.89057  -5.22331  11.13945  1.000 216.12728 ? 508 TYR F CE1 1 
ATOM 1242 C CE2 . TYR A 1 190 ? -3.26418  -6.67218  10.16365  1.000 216.12728 ? 508 TYR F CE2 1 
ATOM 1243 C CZ  . TYR A 1 190 ? -4.04868  -6.30489  11.22993  1.000 216.12728 ? 508 TYR F CZ  1 
ATOM 1244 O OH  . TYR A 1 190 ? -3.97758  -7.00676  12.40469  1.000 216.12728 ? 508 TYR F OH  1 
ATOM 1245 N N   . ARG A 1 191 ? -4.60558  -1.11836  6.37752   1.000 256.01601 ? 509 ARG F N   1 
ATOM 1246 C CA  . ARG A 1 191 ? -4.26387  -0.28006  5.24396   1.000 256.01601 ? 509 ARG F CA  1 
ATOM 1247 C C   . ARG A 1 191 ? -2.79586  -0.43306  4.88287   1.000 256.01601 ? 509 ARG F C   1 
ATOM 1248 O O   . ARG A 1 191 ? -1.92336  -0.45737  5.75816   1.000 256.01601 ? 509 ARG F O   1 
ATOM 1249 C CB  . ARG A 1 191 ? -4.58903  1.17230   5.55052   1.000 256.01601 ? 509 ARG F CB  1 
ATOM 1250 C CG  . ARG A 1 191 ? -6.05882  1.36586   5.70859   1.000 256.01601 ? 509 ARG F CG  1 
ATOM 1251 C CD  . ARG A 1 191 ? -6.47227  2.81009   5.85705   1.000 256.01601 ? 509 ARG F CD  1 
ATOM 1252 N NE  . ARG A 1 191 ? -7.91298  2.96244   5.69848   1.000 256.01601 ? 509 ARG F NE  1 
ATOM 1253 C CZ  . ARG A 1 191 ? -8.53764  4.12941   5.63816   1.000 256.01601 ? 509 ARG F CZ  1 
ATOM 1254 N NH1 . ARG A 1 191 ? -7.88141  5.27224   5.75928   1.000 256.01601 ? 509 ARG F NH1 1 
ATOM 1255 N NH2 . ARG A 1 191 ? -9.85166  4.15124   5.44218   1.000 256.01601 ? 509 ARG F NH2 1 
ATOM 1256 N N   . VAL A 1 192 ? -2.53384  -0.56833  3.58007   1.000 291.02567 ? 510 VAL F N   1 
ATOM 1257 C CA  . VAL A 1 192 ? -1.19681  -0.78040  3.03564   1.000 291.02567 ? 510 VAL F CA  1 
ATOM 1258 C C   . VAL A 1 192 ? -0.90260  0.33370   2.04045   1.000 291.02567 ? 510 VAL F C   1 
ATOM 1259 O O   . VAL A 1 192 ? -1.73709  0.64278   1.17633   1.000 291.02567 ? 510 VAL F O   1 
ATOM 1260 C CB  . VAL A 1 192 ? -1.06626  -2.15529  2.34349   1.000 291.02567 ? 510 VAL F CB  1 
ATOM 1261 C CG1 . VAL A 1 192 ? 0.34928   -2.39458  1.82824   1.000 291.02567 ? 510 VAL F CG1 1 
ATOM 1262 C CG2 . VAL A 1 192 ? -1.46181  -3.27089  3.27008   1.000 291.02567 ? 510 VAL F CG2 1 
ATOM 1263 N N   . VAL A 1 193 ? 0.26971   0.95077   2.17602   1.000 309.79959 ? 511 VAL F N   1 
ATOM 1264 C CA  . VAL A 1 193 ? 0.84549   1.78018   1.12892   1.000 309.79959 ? 511 VAL F CA  1 
ATOM 1265 C C   . VAL A 1 193 ? 2.19740   1.19591   0.72973   1.000 309.79959 ? 511 VAL F C   1 
ATOM 1266 O O   . VAL A 1 193 ? 2.90828   0.60129   1.55558   1.000 309.79959 ? 511 VAL F O   1 
ATOM 1267 C CB  . VAL A 1 193 ? 0.96010   3.25821   1.54909   1.000 309.79959 ? 511 VAL F CB  1 
ATOM 1268 C CG1 . VAL A 1 193 ? -0.42594  3.87305   1.67184   1.000 309.79959 ? 511 VAL F CG1 1 
ATOM 1269 C CG2 . VAL A 1 193 ? 1.72101   3.40834   2.85607   1.000 309.79959 ? 511 VAL F CG2 1 
ATOM 1270 N N   . VAL A 1 194 ? 2.50622   1.30977   -0.55918  1.000 299.88912 ? 512 VAL F N   1 
ATOM 1271 C CA  . VAL A 1 194 ? 3.71815   0.77684   -1.17004  1.000 299.88912 ? 512 VAL F CA  1 
ATOM 1272 C C   . VAL A 1 194 ? 4.38696   1.91885   -1.91738  1.000 299.88912 ? 512 VAL F C   1 
ATOM 1273 O O   . VAL A 1 194 ? 3.74029   2.60100   -2.72173  1.000 299.88912 ? 512 VAL F O   1 
ATOM 1274 C CB  . VAL A 1 194 ? 3.39832   -0.39552  -2.11822  1.000 299.88912 ? 512 VAL F CB  1 
ATOM 1275 C CG1 . VAL A 1 194 ? 4.60192   -0.77185  -2.97620  1.000 299.88912 ? 512 VAL F CG1 1 
ATOM 1276 C CG2 . VAL A 1 194 ? 2.91039   -1.60581  -1.33618  1.000 299.88912 ? 512 VAL F CG2 1 
ATOM 1277 N N   . LEU A 1 195 ? 5.66709   2.14258   -1.64251  1.000 297.82301 ? 513 LEU F N   1 
ATOM 1278 C CA  . LEU A 1 195 ? 6.42489   3.20993   -2.27299  1.000 297.82301 ? 513 LEU F CA  1 
ATOM 1279 C C   . LEU A 1 195 ? 7.34037   2.61380   -3.32562  1.000 297.82301 ? 513 LEU F C   1 
ATOM 1280 O O   . LEU A 1 195 ? 8.22221   1.80781   -3.00209  1.000 297.82301 ? 513 LEU F O   1 
ATOM 1281 C CB  . LEU A 1 195 ? 7.23048   3.98545   -1.23793  1.000 297.82301 ? 513 LEU F CB  1 
ATOM 1282 C CG  . LEU A 1 195 ? 6.31112   4.72767   -0.27173  1.000 297.82301 ? 513 LEU F CG  1 
ATOM 1283 C CD1 . LEU A 1 195 ? 7.11073   5.38682   0.84136   1.000 297.82301 ? 513 LEU F CD1 1 
ATOM 1284 C CD2 . LEU A 1 195 ? 5.44849   5.74466   -1.01131  1.000 297.82301 ? 513 LEU F CD2 1 
ATOM 1285 N N   . SER A 1 196 ? 7.12825   3.01851   -4.57477  1.000 266.08302 ? 514 SER F N   1 
ATOM 1286 C CA  . SER A 1 196 ? 7.95400   2.60943   -5.69810  1.000 266.08302 ? 514 SER F CA  1 
ATOM 1287 C C   . SER A 1 196 ? 8.84408   3.77366   -6.10343  1.000 266.08302 ? 514 SER F C   1 
ATOM 1288 O O   . SER A 1 196 ? 8.35319   4.87312   -6.37173  1.000 266.08302 ? 514 SER F O   1 
ATOM 1289 C CB  . SER A 1 196 ? 7.08290   2.17457   -6.87234  1.000 266.08302 ? 514 SER F CB  1 
ATOM 1290 O OG  . SER A 1 196 ? 6.32625   1.03368   -6.52674  1.000 266.08302 ? 514 SER F OG  1 
ATOM 1291 N N   . PHE A 1 197 ? 10.14518  3.52768   -6.14479  1.000 253.48233 ? 515 PHE F N   1 
ATOM 1292 C CA  . PHE A 1 197 ? 11.14809  4.55916   -6.37179  1.000 253.48233 ? 515 PHE F CA  1 
ATOM 1293 C C   . PHE A 1 197 ? 11.80669  4.32373   -7.71583  1.000 253.48233 ? 515 PHE F C   1 
ATOM 1294 O O   . PHE A 1 197 ? 12.24512  3.20585   -8.00221  1.000 253.48233 ? 515 PHE F O   1 
ATOM 1295 C CB  . PHE A 1 197 ? 12.21102  4.54725   -5.27222  1.000 253.48233 ? 515 PHE F CB  1 
ATOM 1296 C CG  . PHE A 1 197 ? 11.72392  4.98638   -3.91295  1.000 253.48233 ? 515 PHE F CG  1 
ATOM 1297 C CD1 . PHE A 1 197 ? 10.50791  5.65545   -3.74848  1.000 253.48233 ? 515 PHE F CD1 1 
ATOM 1298 C CD2 . PHE A 1 197 ? 12.50326  4.72655   -2.79054  1.000 253.48233 ? 515 PHE F CD2 1 
ATOM 1299 C CE1 . PHE A 1 197 ? 10.07940  6.04761   -2.50130  1.000 253.48233 ? 515 PHE F CE1 1 
ATOM 1300 C CE2 . PHE A 1 197 ? 12.08812  5.12337   -1.53136  1.000 253.48233 ? 515 PHE F CE2 1 
ATOM 1301 C CZ  . PHE A 1 197 ? 10.87316  5.78697   -1.38627  1.000 253.48233 ? 515 PHE F CZ  1 
ATOM 1302 N N   . GLU A 1 198 ? 11.86909  5.36284   -8.54569  1.000 233.99389 ? 516 GLU F N   1 
ATOM 1303 C CA  . GLU A 1 198 ? 12.41104  5.20715   -9.88661  1.000 233.99389 ? 516 GLU F CA  1 
ATOM 1304 C C   . GLU A 1 198 ? 13.45578  6.26090   -10.20051 1.000 233.99389 ? 516 GLU F C   1 
ATOM 1305 O O   . GLU A 1 198 ? 13.30740  7.43755   -9.86417  1.000 233.99389 ? 516 GLU F O   1 
ATOM 1306 C CB  . GLU A 1 198 ? 11.31121  5.23675   -10.96583 1.000 233.99389 ? 516 GLU F CB  1 
ATOM 1307 C CG  . GLU A 1 198 ? 10.36287  4.04157   -10.92977 1.000 233.99389 ? 516 GLU F CG  1 
ATOM 1308 C CD  . GLU A 1 198 ? 9.24391   4.15975   -9.92233  1.000 233.99389 ? 516 GLU F CD  1 
ATOM 1309 O OE1 . GLU A 1 198 ? 9.12283   5.20795   -9.25468  1.000 233.99389 ? 516 GLU F OE1 1 
ATOM 1310 O OE2 . GLU A 1 198 ? 8.49987   3.17165   -9.76710  1.000 233.99389 ? 516 GLU F OE2 1 
ATOM 1311 N N   . LEU A 1 199 ? 14.51726  5.80730   -10.86057 1.000 193.55855 ? 517 LEU F N   1 
ATOM 1312 C CA  . LEU A 1 199 ? 15.54222  6.67173   -11.42427 1.000 193.55855 ? 517 LEU F CA  1 
ATOM 1313 C C   . LEU A 1 199 ? 15.42881  6.59830   -12.93742 1.000 193.55855 ? 517 LEU F C   1 
ATOM 1314 O O   . LEU A 1 199 ? 15.47627  5.50719   -13.51460 1.000 193.55855 ? 517 LEU F O   1 
ATOM 1315 C CB  . LEU A 1 199 ? 16.95468  6.26942   -10.98556 1.000 193.55855 ? 517 LEU F CB  1 
ATOM 1316 C CG  . LEU A 1 199 ? 17.52684  6.74979   -9.64456  1.000 193.55855 ? 517 LEU F CG  1 
ATOM 1317 C CD1 . LEU A 1 199 ? 17.64437  8.27191   -9.63305  1.000 193.55855 ? 517 LEU F CD1 1 
ATOM 1318 C CD2 . LEU A 1 199 ? 16.80257  6.22383   -8.40547  1.000 193.55855 ? 517 LEU F CD2 1 
ATOM 1319 N N   . LEU A 1 200 ? 15.26766  7.75134   -13.57277 1.000 203.85779 ? 518 LEU F N   1 
ATOM 1320 C CA  . LEU A 1 200 ? 15.09660  7.82009   -15.01831 1.000 203.85779 ? 518 LEU F CA  1 
ATOM 1321 C C   . LEU A 1 200 ? 16.15659  8.76989   -15.55974 1.000 203.85779 ? 518 LEU F C   1 
ATOM 1322 O O   . LEU A 1 200 ? 17.08537  9.17239   -14.85167 1.000 203.85779 ? 518 LEU F O   1 
ATOM 1323 C CB  . LEU A 1 200 ? 13.66701  8.25049   -15.37984 1.000 203.85779 ? 518 LEU F CB  1 
ATOM 1324 C CG  . LEU A 1 200 ? 12.53909  7.32322   -14.92453 1.000 203.85779 ? 518 LEU F CG  1 
ATOM 1325 C CD1 . LEU A 1 200 ? 11.19421  7.99549   -15.10109 1.000 203.85779 ? 518 LEU F CD1 1 
ATOM 1326 C CD2 . LEU A 1 200 ? 12.58672  6.00040   -15.66694 1.000 203.85779 ? 518 LEU F CD2 1 
ATOM 1327 N N   . HIS A 1 201 ? 16.02453  9.14009   -16.82897 1.000 274.74430 ? 519 HIS F N   1 
ATOM 1328 C CA  . HIS A 1 201 ? 16.95652  10.06633  -17.45597 1.000 274.74430 ? 519 HIS F CA  1 
ATOM 1329 C C   . HIS A 1 201 ? 16.67239  11.52314  -17.10657 1.000 274.74430 ? 519 HIS F C   1 
ATOM 1330 O O   . HIS A 1 201 ? 17.47454  12.39542  -17.45739 1.000 274.74430 ? 519 HIS F O   1 
ATOM 1331 C CB  . HIS A 1 201 ? 16.93687  9.88354   -18.97917 1.000 274.74430 ? 519 HIS F CB  1 
ATOM 1332 C CG  . HIS A 1 201 ? 17.30006  8.50062   -19.42626 1.000 274.74430 ? 519 HIS F CG  1 
ATOM 1333 N ND1 . HIS A 1 201 ? 18.04781  7.63884   -18.65207 1.000 274.74430 ? 519 HIS F ND1 1 
ATOM 1334 C CD2 . HIS A 1 201 ? 17.02081  7.83113   -20.56940 1.000 274.74430 ? 519 HIS F CD2 1 
ATOM 1335 C CE1 . HIS A 1 201 ? 18.21029  6.49729   -19.29683 1.000 274.74430 ? 519 HIS F CE1 1 
ATOM 1336 N NE2 . HIS A 1 201 ? 17.59781  6.58809   -20.46355 1.000 274.74430 ? 519 HIS F NE2 1 
ATOM 1337 N N   . ALA A 1 202 ? 15.55907  11.80300  -16.43098 1.000 184.39873 ? 520 ALA F N   1 
ATOM 1338 C CA  . ALA A 1 202 ? 15.23903  13.12833  -15.93232 1.000 184.39873 ? 520 ALA F CA  1 
ATOM 1339 C C   . ALA A 1 202 ? 16.16688  13.50872  -14.78101 1.000 184.39873 ? 520 ALA F C   1 
ATOM 1340 O O   . ALA A 1 202 ? 16.75396  12.63691  -14.13537 1.000 184.39873 ? 520 ALA F O   1 
ATOM 1341 C CB  . ALA A 1 202 ? 13.78423  13.16498  -15.47184 1.000 184.39873 ? 520 ALA F CB  1 
ATOM 1342 N N   . PRO A 1 203 ? 16.34369  14.80931  -14.52202 1.000 166.24134 ? 521 PRO F N   1 
ATOM 1343 C CA  . PRO A 1 203 ? 16.98762  15.22345  -13.26964 1.000 166.24134 ? 521 PRO F CA  1 
ATOM 1344 C C   . PRO A 1 203 ? 16.11615  14.88453  -12.06777 1.000 166.24134 ? 521 PRO F C   1 
ATOM 1345 O O   . PRO A 1 203 ? 14.89864  14.72120  -12.18649 1.000 166.24134 ? 521 PRO F O   1 
ATOM 1346 C CB  . PRO A 1 203 ? 17.15333  16.74052  -13.43488 1.000 166.24134 ? 521 PRO F CB  1 
ATOM 1347 C CG  . PRO A 1 203 ? 16.25888  17.11965  -14.57484 1.000 166.24134 ? 521 PRO F CG  1 
ATOM 1348 C CD  . PRO A 1 203 ? 16.24883  15.93290  -15.47105 1.000 166.24134 ? 521 PRO F CD  1 
ATOM 1349 N N   . ALA A 1 204 ? 16.76345  14.76062  -10.90586 1.000 265.13274 ? 522 ALA F N   1 
ATOM 1350 C CA  . ALA A 1 204 ? 16.12901  14.26652  -9.68003  1.000 265.13274 ? 522 ALA F CA  1 
ATOM 1351 C C   . ALA A 1 204 ? 15.13756  15.29768  -9.15174  1.000 265.13274 ? 522 ALA F C   1 
ATOM 1352 O O   . ALA A 1 204 ? 15.41212  16.50013  -9.14056  1.000 265.13274 ? 522 ALA F O   1 
ATOM 1353 C CB  . ALA A 1 204 ? 17.18186  13.92878  -8.63034  1.000 265.13274 ? 522 ALA F CB  1 
ATOM 1354 N N   . THR A 1 205 ? 13.96583  14.82108  -8.73211  1.000 244.01747 ? 523 THR F N   1 
ATOM 1355 C CA  . THR A 1 205 ? 12.86640  15.68324  -8.32232  1.000 244.01747 ? 523 THR F CA  1 
ATOM 1356 C C   . THR A 1 205 ? 12.54417  15.59456  -6.83730  1.000 244.01747 ? 523 THR F C   1 
ATOM 1357 O O   . THR A 1 205 ? 12.20976  16.61827  -6.23590  1.000 244.01747 ? 523 THR F O   1 
ATOM 1358 C CB  . THR A 1 205 ? 11.59998  15.35316  -9.12351  1.000 244.01747 ? 523 THR F CB  1 
ATOM 1359 O OG1 . THR A 1 205 ? 11.03969  14.12005  -8.65194  1.000 244.01747 ? 523 THR F OG1 1 
ATOM 1360 C CG2 . THR A 1 205 ? 11.89363  15.25065  -10.61996 1.000 244.01747 ? 523 THR F CG2 1 
ATOM 1361 N N   . VAL A 1 206 ? 12.61510  14.41175  -6.23335  1.000 260.02750 ? 524 VAL F N   1 
ATOM 1362 C CA  . VAL A 1 206 ? 12.24399  14.21980  -4.83510  1.000 260.02750 ? 524 VAL F CA  1 
ATOM 1363 C C   . VAL A 1 206 ? 13.51076  13.95350  -4.04173  1.000 260.02750 ? 524 VAL F C   1 
ATOM 1364 O O   . VAL A 1 206 ? 14.19492  12.95726  -4.29017  1.000 260.02750 ? 524 VAL F O   1 
ATOM 1365 C CB  . VAL A 1 206 ? 11.25488  13.05840  -4.65876  1.000 260.02750 ? 524 VAL F CB  1 
ATOM 1366 C CG1 . VAL A 1 206 ? 10.97166  12.82473  -3.18406  1.000 260.02750 ? 524 VAL F CG1 1 
ATOM 1367 C CG2 . VAL A 1 206 ? 9.98837   13.33060  -5.39999  1.000 260.02750 ? 524 VAL F CG2 1 
ATOM 1368 N N   . CYS A 1 207 ? 13.80593  14.81921  -3.07132  1.000 265.76801 ? 525 CYS F N   1 
ATOM 1369 C CA  . CYS A 1 207 ? 14.94662  14.63778  -2.18146  1.000 265.76801 ? 525 CYS F CA  1 
ATOM 1370 C C   . CYS A 1 207 ? 14.48775  14.83050  -0.74087  1.000 265.76801 ? 525 CYS F C   1 
ATOM 1371 O O   . CYS A 1 207 ? 13.28950  14.91115  -0.45098  1.000 265.76801 ? 525 CYS F O   1 
ATOM 1372 C CB  . CYS A 1 207 ? 16.08858  15.60151  -2.52315  1.000 265.76801 ? 525 CYS F CB  1 
ATOM 1373 S SG  . CYS A 1 207 ? 16.83119  15.34411  -4.15375  1.000 265.76801 ? 525 CYS F SG  1 
ATOM 1374 N N   . GLY A 1 208 ? 15.45380  14.89887  0.16908   1.000 179.39238 ? 526 GLY F N   1 
ATOM 1375 C CA  . GLY A 1 208 ? 15.15922  15.07059  1.57895   1.000 179.39238 ? 526 GLY F CA  1 
ATOM 1376 C C   . GLY A 1 208 ? 15.88193  16.24539  2.20736   1.000 179.39238 ? 526 GLY F C   1 
ATOM 1377 O O   . GLY A 1 208 ? 15.80111  16.45988  3.41765   1.000 179.39238 ? 526 GLY F O   1 
# 
